data_7LJ3
#
_entry.id   7LJ3
#
loop_
_entity.id
_entity.type
_entity.pdbx_description
1 polymer 'Tegument protein pp150'
2 polymer 'RNA (75-MER)'
#
loop_
_entity_poly.entity_id
_entity_poly.type
_entity_poly.pdbx_seq_one_letter_code
_entity_poly.pdbx_strand_id
1 'polypeptide(L)'
;MSLQFIGLQRRDVVALVNFLRHLTQKPDVDLEAHPKILKKCGEKRLHRRTVLFNELMLWLGYYRELRFHNPDLSSVLEEF
EVRCVAVARRGYTYPFGDRGKARDHLAVLDRTEFDTDVRHDAEIVERALVSAVILAKMSVRETLVTAIGQTEPIAFVHLK
DTEVQRIEENLEGVRRNMFCVKPLDLNLDRHANTALVNAVNKLVYTGRLIMNVRRSWEELERKCLARIQERCKLLVKELR
MCLSFDSNYCRNILKHAVENGDSADTLLELLIEDFDIYVDSFPQS
;
z,0,y,5,6,4,8,9,7
2 'polyribonucleotide' UCCCUGGUGGUCUAGUGGUUAGGAUUCGGCGCUCUCACCGCCGCGGCCCGGGUUCGAUUCCCGGUCAGGGAACCA A,B,C
#
loop_
_chem_comp.id
_chem_comp.type
_chem_comp.name
_chem_comp.formula
A RNA linking ADENOSINE-5'-MONOPHOSPHATE 'C10 H14 N5 O7 P'
C RNA linking CYTIDINE-5'-MONOPHOSPHATE 'C9 H14 N3 O8 P'
G RNA linking GUANOSINE-5'-MONOPHOSPHATE 'C10 H14 N5 O8 P'
U RNA linking URIDINE-5'-MONOPHOSPHATE 'C9 H13 N2 O9 P'
#
# COMPACT_ATOMS: atom_id res chain seq x y z
N SER A 2 20.66 14.71 2.30
CA SER A 2 21.54 14.07 1.31
C SER A 2 21.90 12.66 1.74
N LEU A 3 22.01 11.76 0.78
CA LEU A 3 22.42 10.40 1.11
C LEU A 3 23.85 10.42 1.65
N GLN A 4 24.09 9.58 2.66
CA GLN A 4 25.37 9.53 3.37
C GLN A 4 26.02 8.16 3.13
N PHE A 5 27.07 8.13 2.32
CA PHE A 5 27.78 6.90 1.99
C PHE A 5 29.08 6.83 2.78
N ILE A 6 29.18 5.79 3.60
CA ILE A 6 30.29 5.60 4.53
C ILE A 6 31.72 5.46 4.00
N GLY A 7 31.91 4.72 2.92
CA GLY A 7 33.27 4.52 2.46
C GLY A 7 33.63 5.05 1.09
N LEU A 8 32.68 5.50 0.30
CA LEU A 8 32.93 5.69 -1.13
C LEU A 8 33.87 6.88 -1.39
N GLN A 9 34.65 6.75 -2.45
CA GLN A 9 35.36 7.92 -2.98
C GLN A 9 34.37 8.84 -3.65
N ARG A 10 34.47 10.12 -3.30
CA ARG A 10 33.34 11.02 -3.45
C ARG A 10 32.85 11.09 -4.89
N ARG A 11 33.73 10.76 -5.83
CA ARG A 11 33.39 10.72 -7.24
C ARG A 11 32.27 9.71 -7.37
N ASP A 12 32.46 8.54 -6.75
CA ASP A 12 31.44 7.50 -6.75
C ASP A 12 30.15 8.01 -6.14
N VAL A 13 30.22 8.83 -5.10
CA VAL A 13 29.02 9.36 -4.47
C VAL A 13 28.29 10.29 -5.43
N VAL A 14 29.05 11.09 -6.17
CA VAL A 14 28.45 11.96 -7.17
C VAL A 14 27.78 11.14 -8.25
N ALA A 15 28.40 10.03 -8.66
CA ALA A 15 27.77 9.17 -9.65
C ALA A 15 26.48 8.55 -9.11
N LEU A 16 26.48 8.15 -7.83
CA LEU A 16 25.29 7.52 -7.26
C LEU A 16 24.14 8.50 -7.11
N VAL A 17 24.45 9.75 -6.70
CA VAL A 17 23.40 10.77 -6.65
C VAL A 17 22.92 11.12 -8.05
N ASN A 18 23.82 11.16 -9.04
CA ASN A 18 23.39 11.48 -10.39
C ASN A 18 22.54 10.38 -10.99
N PHE A 19 22.77 9.13 -10.63
CA PHE A 19 21.91 8.08 -11.15
C PHE A 19 20.47 8.28 -10.68
N LEU A 20 20.29 8.75 -9.45
CA LEU A 20 18.95 8.90 -8.89
C LEU A 20 18.28 10.17 -9.39
N ARG A 21 19.05 11.24 -9.58
CA ARG A 21 18.46 12.48 -10.07
C ARG A 21 17.85 12.30 -11.46
N HIS A 22 18.40 11.40 -12.27
CA HIS A 22 17.98 11.22 -13.65
C HIS A 22 17.35 9.85 -13.90
N LEU A 23 16.63 9.32 -12.92
CA LEU A 23 16.12 7.96 -13.03
C LEU A 23 15.15 7.81 -14.21
N THR A 24 14.25 8.77 -14.40
CA THR A 24 13.20 8.60 -15.41
C THR A 24 13.76 8.62 -16.82
N GLN A 25 14.94 9.20 -17.02
CA GLN A 25 15.54 9.24 -18.36
C GLN A 25 15.94 7.86 -18.84
N LYS A 26 16.51 7.04 -17.96
CA LYS A 26 17.04 5.76 -18.36
C LYS A 26 15.90 4.79 -18.69
N PRO A 27 16.04 3.96 -19.73
CA PRO A 27 14.99 2.98 -20.01
C PRO A 27 14.85 1.92 -18.93
N ASP A 28 15.95 1.30 -18.53
CA ASP A 28 15.88 0.18 -17.60
C ASP A 28 15.69 0.65 -16.16
N VAL A 29 14.84 1.66 -15.97
CA VAL A 29 14.69 2.39 -14.70
C VAL A 29 14.88 1.50 -13.49
N ASP A 30 14.67 0.20 -13.65
CA ASP A 30 14.83 -0.76 -12.56
C ASP A 30 16.31 -0.91 -12.25
N LEU A 31 16.65 -0.95 -10.95
CA LEU A 31 18.02 -0.74 -10.51
C LEU A 31 18.88 -1.98 -10.71
N GLU A 32 18.34 -3.16 -10.40
CA GLU A 32 19.10 -4.37 -10.62
C GLU A 32 19.43 -4.56 -12.10
N ALA A 33 18.73 -3.83 -12.97
CA ALA A 33 19.14 -3.79 -14.37
C ALA A 33 20.56 -3.27 -14.51
N HIS A 34 20.95 -2.33 -13.66
CA HIS A 34 22.25 -1.68 -13.73
C HIS A 34 23.18 -2.31 -12.70
N PRO A 35 24.13 -3.16 -13.10
CA PRO A 35 25.03 -3.76 -12.11
C PRO A 35 26.12 -2.82 -11.62
N LYS A 36 26.57 -1.89 -12.47
CA LYS A 36 27.70 -1.05 -12.09
C LYS A 36 27.36 -0.15 -10.90
N ILE A 37 26.13 0.35 -10.84
CA ILE A 37 25.76 1.22 -9.73
C ILE A 37 25.79 0.47 -8.41
N LEU A 38 25.41 -0.81 -8.41
CA LEU A 38 25.50 -1.60 -7.19
C LEU A 38 26.94 -1.87 -6.82
N LYS A 39 27.83 -2.01 -7.82
CA LYS A 39 29.25 -2.16 -7.54
C LYS A 39 29.83 -0.92 -6.91
N LYS A 40 29.36 0.26 -7.30
CA LYS A 40 29.87 1.48 -6.70
C LYS A 40 29.66 1.53 -5.19
N CYS A 41 28.79 0.67 -4.66
CA CYS A 41 28.55 0.68 -3.21
C CYS A 41 29.75 0.21 -2.41
N GLY A 42 30.71 -0.44 -3.05
CA GLY A 42 31.90 -0.89 -2.39
C GLY A 42 32.07 -2.39 -2.23
N GLU A 43 31.48 -3.20 -3.10
CA GLU A 43 31.62 -4.64 -2.97
C GLU A 43 33.04 -5.08 -3.26
N LYS A 44 33.60 -5.86 -2.34
CA LYS A 44 34.89 -6.51 -2.51
C LYS A 44 36.04 -5.51 -2.42
N ARG A 45 35.72 -4.22 -2.35
CA ARG A 45 36.76 -3.23 -2.10
C ARG A 45 36.88 -2.94 -0.61
N LEU A 46 35.77 -2.57 0.03
CA LEU A 46 35.81 -2.21 1.44
C LEU A 46 35.36 -3.31 2.39
N HIS A 47 35.07 -2.90 3.63
CA HIS A 47 34.63 -3.81 4.68
C HIS A 47 33.22 -4.32 4.41
N ARG A 48 32.87 -5.44 5.03
CA ARG A 48 31.54 -6.02 4.82
C ARG A 48 30.44 -5.19 5.47
N ARG A 49 30.69 -4.67 6.68
CA ARG A 49 29.67 -3.84 7.33
C ARG A 49 29.41 -2.57 6.54
N THR A 50 30.47 -1.94 6.03
CA THR A 50 30.28 -0.74 5.24
C THR A 50 29.57 -1.05 3.93
N VAL A 51 29.77 -2.24 3.39
CA VAL A 51 29.07 -2.63 2.18
C VAL A 51 27.59 -2.78 2.46
N LEU A 52 27.23 -3.42 3.59
CA LEU A 52 25.82 -3.52 3.93
C LEU A 52 25.19 -2.16 4.15
N PHE A 53 25.90 -1.25 4.83
CA PHE A 53 25.35 0.07 5.07
C PHE A 53 25.19 0.85 3.78
N ASN A 54 26.15 0.74 2.85
CA ASN A 54 26.04 1.45 1.59
C ASN A 54 24.92 0.90 0.73
N GLU A 55 24.75 -0.42 0.69
CA GLU A 55 23.62 -0.97 -0.04
C GLU A 55 22.30 -0.51 0.57
N LEU A 56 22.23 -0.44 1.90
CA LEU A 56 21.00 0.05 2.51
C LEU A 56 20.75 1.52 2.15
N MET A 57 21.77 2.36 2.21
CA MET A 57 21.55 3.78 1.91
C MET A 57 21.21 3.99 0.45
N LEU A 58 21.66 3.11 -0.44
CA LEU A 58 21.30 3.26 -1.85
C LEU A 58 19.89 2.76 -2.11
N TRP A 59 19.54 1.59 -1.54
CA TRP A 59 18.20 1.06 -1.75
C TRP A 59 17.13 1.99 -1.18
N LEU A 60 17.42 2.63 -0.04
CA LEU A 60 16.47 3.59 0.50
C LEU A 60 16.28 4.79 -0.41
N GLY A 61 17.37 5.34 -0.95
CA GLY A 61 17.24 6.45 -1.87
C GLY A 61 16.46 6.07 -3.12
N TYR A 62 16.72 4.88 -3.66
CA TYR A 62 15.99 4.41 -4.83
C TYR A 62 14.51 4.26 -4.54
N TYR A 63 14.16 3.67 -3.40
CA TYR A 63 12.75 3.54 -3.02
C TYR A 63 12.10 4.90 -2.89
N ARG A 64 12.81 5.88 -2.33
CA ARG A 64 12.24 7.21 -2.20
C ARG A 64 11.99 7.83 -3.56
N GLU A 65 12.93 7.68 -4.49
CA GLU A 65 12.72 8.21 -5.83
C GLU A 65 11.50 7.58 -6.47
N LEU A 66 11.39 6.25 -6.42
CA LEU A 66 10.21 5.61 -6.99
C LEU A 66 8.95 6.18 -6.37
N ARG A 67 8.86 6.20 -5.04
CA ARG A 67 7.66 6.69 -4.38
C ARG A 67 7.35 8.12 -4.80
N PHE A 68 8.37 8.93 -5.02
CA PHE A 68 8.14 10.31 -5.42
C PHE A 68 7.63 10.40 -6.85
N HIS A 69 7.96 9.45 -7.71
CA HIS A 69 7.56 9.59 -9.10
C HIS A 69 6.22 8.91 -9.39
N ASN A 70 6.11 7.61 -9.11
CA ASN A 70 4.84 6.91 -9.07
C ASN A 70 3.80 7.46 -10.05
N PRO A 71 3.76 6.98 -11.28
CA PRO A 71 2.85 7.56 -12.29
C PRO A 71 1.41 7.57 -11.80
N ASP A 72 0.75 8.72 -11.97
CA ASP A 72 -0.69 8.84 -11.76
C ASP A 72 -1.37 8.97 -13.11
N LEU A 73 -2.29 8.07 -13.39
CA LEU A 73 -2.83 7.90 -14.74
C LEU A 73 -4.19 8.58 -14.91
N SER A 74 -4.38 9.73 -14.26
CA SER A 74 -5.62 10.48 -14.32
C SER A 74 -6.14 10.66 -15.74
N SER A 75 -5.24 10.93 -16.68
CA SER A 75 -5.65 11.16 -18.06
C SER A 75 -5.97 9.84 -18.77
N VAL A 76 -5.03 8.90 -18.74
CA VAL A 76 -5.27 7.58 -19.35
C VAL A 76 -6.53 6.95 -18.76
N LEU A 77 -6.76 7.20 -17.48
CA LEU A 77 -7.91 6.65 -16.76
C LEU A 77 -9.26 7.08 -17.32
N GLU A 78 -9.43 8.38 -17.55
CA GLU A 78 -10.68 8.87 -18.11
C GLU A 78 -10.89 8.34 -19.52
N GLU A 79 -9.83 8.32 -20.32
CA GLU A 79 -9.94 7.77 -21.66
C GLU A 79 -10.34 6.31 -21.64
N PHE A 80 -9.83 5.53 -20.68
CA PHE A 80 -10.25 4.13 -20.61
C PHE A 80 -11.71 4.01 -20.25
N GLU A 81 -12.17 4.72 -19.21
CA GLU A 81 -13.58 4.57 -18.85
C GLU A 81 -14.49 5.00 -20.00
N VAL A 82 -14.08 6.03 -20.74
CA VAL A 82 -14.85 6.45 -21.91
C VAL A 82 -14.90 5.34 -22.95
N ARG A 83 -13.73 4.76 -23.28
CA ARG A 83 -13.70 3.75 -24.32
C ARG A 83 -14.44 2.49 -23.90
N CYS A 84 -14.47 2.22 -22.59
CA CYS A 84 -15.15 1.06 -22.06
C CYS A 84 -16.65 1.23 -22.24
N VAL A 85 -17.11 2.47 -22.12
CA VAL A 85 -18.52 2.79 -22.29
C VAL A 85 -18.89 2.76 -23.76
N ALA A 86 -17.97 3.25 -24.60
CA ALA A 86 -18.19 3.26 -26.05
C ALA A 86 -18.25 1.85 -26.62
N VAL A 87 -17.38 0.96 -26.16
CA VAL A 87 -17.45 -0.42 -26.58
C VAL A 87 -18.78 -1.04 -26.14
N ALA A 88 -19.25 -0.69 -24.94
CA ALA A 88 -20.54 -1.19 -24.50
C ALA A 88 -21.68 -0.70 -25.39
N ARG A 89 -21.62 0.56 -25.84
CA ARG A 89 -22.65 1.09 -26.72
C ARG A 89 -22.62 0.42 -28.09
N ARG A 90 -21.44 0.29 -28.69
CA ARG A 90 -21.34 -0.37 -29.99
C ARG A 90 -21.77 -1.82 -29.90
N GLY A 91 -21.54 -2.47 -28.75
CA GLY A 91 -21.89 -3.87 -28.63
C GLY A 91 -23.36 -4.13 -28.80
N TYR A 92 -24.20 -3.22 -28.30
CA TYR A 92 -25.64 -3.47 -28.27
C TYR A 92 -26.25 -3.52 -29.66
N THR A 93 -25.90 -2.57 -30.53
CA THR A 93 -26.55 -2.52 -31.84
C THR A 93 -26.25 -3.77 -32.66
N TYR A 94 -25.03 -4.30 -32.57
CA TYR A 94 -24.66 -5.45 -33.37
C TYR A 94 -25.62 -6.61 -33.10
N PRO A 95 -26.00 -7.37 -34.13
CA PRO A 95 -26.85 -8.56 -33.92
C PRO A 95 -26.06 -9.82 -33.63
N PHE A 96 -26.44 -10.56 -32.60
CA PHE A 96 -25.75 -11.78 -32.22
C PHE A 96 -26.68 -12.97 -32.32
N GLY A 97 -26.15 -14.10 -32.79
CA GLY A 97 -26.93 -15.33 -32.76
C GLY A 97 -27.32 -15.72 -31.35
N ASP A 98 -26.37 -15.64 -30.43
CA ASP A 98 -26.61 -15.99 -29.03
C ASP A 98 -26.59 -14.75 -28.15
N ARG A 99 -27.77 -14.21 -27.87
CA ARG A 99 -27.90 -13.03 -27.05
C ARG A 99 -27.79 -13.37 -25.56
N GLY A 100 -28.15 -14.60 -25.21
CA GLY A 100 -28.10 -15.05 -23.83
C GLY A 100 -26.68 -15.09 -23.30
N LYS A 101 -25.72 -14.95 -24.20
CA LYS A 101 -24.31 -14.99 -23.82
C LYS A 101 -23.68 -13.61 -23.96
N ALA A 102 -23.96 -12.92 -25.07
CA ALA A 102 -23.43 -11.57 -25.24
C ALA A 102 -23.98 -10.62 -24.19
N ARG A 103 -25.20 -10.86 -23.70
CA ARG A 103 -25.77 -9.98 -22.69
C ARG A 103 -25.09 -10.14 -21.34
N ASP A 104 -24.68 -11.35 -21.00
CA ASP A 104 -23.95 -11.55 -19.75
C ASP A 104 -22.62 -10.81 -19.75
N HIS A 105 -22.03 -10.62 -20.92
CA HIS A 105 -20.79 -9.85 -21.04
C HIS A 105 -21.07 -8.35 -21.08
N LEU A 106 -22.12 -7.94 -21.76
CA LEU A 106 -22.48 -6.53 -21.78
C LEU A 106 -22.83 -6.03 -20.39
N ALA A 107 -23.44 -6.88 -19.56
CA ALA A 107 -23.70 -6.48 -18.19
C ALA A 107 -22.42 -6.28 -17.40
N VAL A 108 -21.41 -7.13 -17.64
CA VAL A 108 -20.14 -6.98 -16.95
C VAL A 108 -19.44 -5.72 -17.41
N LEU A 109 -19.59 -5.38 -18.68
CA LEU A 109 -18.94 -4.19 -19.22
C LEU A 109 -19.63 -2.91 -18.76
N ASP A 110 -20.93 -2.96 -18.46
CA ASP A 110 -21.61 -1.78 -17.94
C ASP A 110 -21.32 -1.53 -16.47
N ARG A 111 -20.98 -2.56 -15.71
CA ARG A 111 -20.73 -2.42 -14.29
C ARG A 111 -19.27 -2.12 -13.97
N THR A 112 -18.47 -1.80 -14.98
CA THR A 112 -17.07 -1.48 -14.77
C THR A 112 -16.91 -0.08 -14.19
N GLU A 113 -16.07 0.06 -13.17
CA GLU A 113 -15.83 1.34 -12.52
C GLU A 113 -14.57 1.19 -11.70
N PHE A 114 -14.13 2.29 -11.09
CA PHE A 114 -12.88 2.32 -10.35
C PHE A 114 -13.15 2.38 -8.85
N ASP A 115 -12.74 1.34 -8.14
CA ASP A 115 -12.80 1.26 -6.70
C ASP A 115 -11.98 2.39 -6.08
N THR A 116 -12.03 2.47 -4.75
CA THR A 116 -11.30 3.51 -4.02
C THR A 116 -9.80 3.29 -4.10
N ASP A 117 -9.37 2.08 -3.75
CA ASP A 117 -7.95 1.75 -3.78
C ASP A 117 -7.40 1.73 -5.20
N VAL A 118 -6.17 2.20 -5.37
CA VAL A 118 -5.53 2.24 -6.68
C VAL A 118 -5.03 0.86 -7.06
N ARG A 119 -4.75 0.03 -6.07
CA ARG A 119 -4.27 -1.32 -6.30
C ARG A 119 -5.31 -2.19 -6.98
N HIS A 120 -6.58 -2.02 -6.63
CA HIS A 120 -7.64 -2.72 -7.36
C HIS A 120 -7.69 -2.33 -8.83
N ASP A 121 -6.95 -1.28 -9.22
CA ASP A 121 -7.13 -0.69 -10.54
C ASP A 121 -6.88 -1.69 -11.66
N ALA A 122 -5.70 -2.32 -11.68
CA ALA A 122 -5.41 -3.27 -12.76
C ALA A 122 -6.35 -4.45 -12.72
N GLU A 123 -6.98 -4.70 -11.57
CA GLU A 123 -7.94 -5.79 -11.47
C GLU A 123 -9.23 -5.46 -12.20
N ILE A 124 -9.65 -4.20 -12.19
CA ILE A 124 -10.90 -3.82 -12.85
C ILE A 124 -10.73 -3.81 -14.36
N VAL A 125 -9.55 -3.38 -14.82
CA VAL A 125 -9.32 -3.28 -16.26
C VAL A 125 -9.34 -4.66 -16.90
N GLU A 126 -8.71 -5.65 -16.26
CA GLU A 126 -8.63 -6.97 -16.88
C GLU A 126 -10.00 -7.56 -17.10
N ARG A 127 -10.89 -7.48 -16.09
CA ARG A 127 -12.23 -8.01 -16.26
C ARG A 127 -13.01 -7.27 -17.33
N ALA A 128 -12.59 -6.06 -17.68
CA ALA A 128 -13.22 -5.37 -18.80
C ALA A 128 -12.67 -5.83 -20.13
N LEU A 129 -11.39 -6.20 -20.19
CA LEU A 129 -10.79 -6.57 -21.46
C LEU A 129 -11.19 -7.99 -21.85
N VAL A 130 -11.10 -8.93 -20.91
CA VAL A 130 -11.54 -10.29 -21.20
C VAL A 130 -12.99 -10.29 -21.64
N SER A 131 -13.80 -9.40 -21.08
CA SER A 131 -15.19 -9.29 -21.51
C SER A 131 -15.30 -8.69 -22.90
N ALA A 132 -14.45 -7.72 -23.23
CA ALA A 132 -14.60 -7.05 -24.51
C ALA A 132 -14.03 -7.88 -25.66
N VAL A 133 -12.82 -8.42 -25.48
CA VAL A 133 -12.23 -9.20 -26.57
C VAL A 133 -13.12 -10.37 -26.92
N ILE A 134 -13.68 -11.05 -25.93
CA ILE A 134 -14.60 -12.14 -26.22
C ILE A 134 -15.74 -11.65 -27.08
N LEU A 135 -16.34 -10.52 -26.72
CA LEU A 135 -17.41 -9.99 -27.54
C LEU A 135 -16.94 -9.72 -28.95
N ALA A 136 -15.72 -9.18 -29.10
CA ALA A 136 -15.20 -8.95 -30.44
C ALA A 136 -15.13 -10.25 -31.23
N LYS A 137 -14.69 -11.34 -30.58
CA LYS A 137 -14.65 -12.60 -31.28
C LYS A 137 -16.02 -13.01 -31.77
N MET A 138 -17.07 -12.77 -30.98
CA MET A 138 -18.41 -13.16 -31.43
C MET A 138 -18.82 -12.38 -32.66
N SER A 139 -18.30 -11.15 -32.81
CA SER A 139 -18.61 -10.38 -34.00
C SER A 139 -18.05 -11.04 -35.26
N VAL A 140 -16.93 -11.76 -35.13
CA VAL A 140 -16.31 -12.43 -36.27
C VAL A 140 -16.58 -13.93 -36.28
N ARG A 141 -17.24 -14.45 -35.24
CA ARG A 141 -17.49 -15.88 -35.11
C ARG A 141 -16.20 -16.67 -35.02
N GLU A 142 -15.11 -16.01 -34.65
CA GLU A 142 -13.85 -16.71 -34.46
C GLU A 142 -13.92 -17.61 -33.24
N THR A 143 -13.38 -18.82 -33.38
CA THR A 143 -13.39 -19.79 -32.30
C THR A 143 -12.78 -19.23 -31.02
N LEU A 144 -13.14 -19.84 -29.88
CA LEU A 144 -12.63 -19.42 -28.59
C LEU A 144 -12.20 -20.62 -27.76
N VAL A 145 -11.05 -20.51 -27.12
CA VAL A 145 -10.53 -21.59 -26.29
C VAL A 145 -11.52 -22.02 -25.22
N THR A 146 -12.07 -23.22 -25.37
CA THR A 146 -13.03 -23.75 -24.41
C THR A 146 -12.36 -24.86 -23.59
N ALA A 147 -11.66 -24.46 -22.54
CA ALA A 147 -11.13 -25.37 -21.53
C ALA A 147 -11.54 -24.82 -20.16
N ILE A 148 -12.41 -25.56 -19.46
CA ILE A 148 -13.00 -25.00 -18.25
C ILE A 148 -11.91 -24.74 -17.22
N GLY A 149 -11.85 -23.50 -16.74
CA GLY A 149 -10.91 -23.12 -15.70
C GLY A 149 -9.57 -22.64 -16.18
N GLN A 150 -9.30 -22.64 -17.49
CA GLN A 150 -8.00 -22.18 -17.96
C GLN A 150 -7.88 -20.67 -17.90
N THR A 151 -8.29 -19.97 -18.97
CA THR A 151 -8.26 -18.52 -19.02
C THR A 151 -8.73 -18.04 -20.39
N GLU A 152 -9.22 -16.80 -20.49
CA GLU A 152 -9.36 -16.20 -21.80
C GLU A 152 -8.11 -15.39 -22.15
N PRO A 153 -7.77 -15.31 -23.44
CA PRO A 153 -6.64 -14.48 -23.83
C PRO A 153 -7.06 -13.06 -24.19
N ILE A 154 -6.21 -12.09 -23.86
CA ILE A 154 -6.39 -10.71 -24.31
C ILE A 154 -5.50 -10.47 -25.52
N ALA A 155 -6.09 -10.06 -26.63
CA ALA A 155 -5.33 -9.92 -27.87
C ALA A 155 -6.13 -9.10 -28.87
N PHE A 156 -5.41 -8.46 -29.78
CA PHE A 156 -6.05 -7.65 -30.81
C PHE A 156 -6.68 -8.56 -31.87
N VAL A 157 -7.78 -8.08 -32.45
CA VAL A 157 -8.50 -8.83 -33.46
C VAL A 157 -8.47 -8.05 -34.77
N HIS A 158 -8.21 -8.76 -35.86
CA HIS A 158 -8.16 -8.14 -37.18
C HIS A 158 -7.13 -7.02 -37.23
N LEU A 159 -6.00 -7.23 -36.55
CA LEU A 159 -4.85 -6.35 -36.66
C LEU A 159 -3.74 -7.09 -37.38
N LYS A 160 -3.04 -6.38 -38.27
CA LYS A 160 -1.95 -6.99 -39.01
C LYS A 160 -0.82 -7.37 -38.07
N ASP A 161 -0.05 -8.40 -38.46
CA ASP A 161 1.05 -8.85 -37.62
C ASP A 161 2.06 -7.74 -37.38
N THR A 162 2.28 -6.90 -38.39
CA THR A 162 3.24 -5.81 -38.26
C THR A 162 2.75 -4.76 -37.28
N GLU A 163 1.46 -4.44 -37.34
CA GLU A 163 0.91 -3.46 -36.43
C GLU A 163 0.93 -3.97 -34.99
N VAL A 164 0.56 -5.24 -34.80
CA VAL A 164 0.60 -5.83 -33.47
C VAL A 164 2.02 -5.86 -32.95
N GLN A 165 3.01 -6.09 -33.81
CA GLN A 165 4.37 -6.10 -33.33
C GLN A 165 4.81 -4.70 -32.93
N ARG A 166 4.50 -3.70 -33.74
CA ARG A 166 4.86 -2.34 -33.38
C ARG A 166 4.20 -1.90 -32.09
N ILE A 167 2.98 -2.38 -31.82
CA ILE A 167 2.32 -1.97 -30.58
C ILE A 167 2.87 -2.74 -29.39
N GLU A 168 3.12 -4.04 -29.55
CA GLU A 168 3.71 -4.80 -28.47
C GLU A 168 5.09 -4.27 -28.11
N GLU A 169 5.78 -3.68 -29.08
CA GLU A 169 7.06 -3.03 -28.77
C GLU A 169 6.87 -1.88 -27.79
N ASN A 170 5.89 -1.01 -28.05
CA ASN A 170 5.64 0.08 -27.11
C ASN A 170 5.15 -0.42 -25.77
N LEU A 171 4.33 -1.47 -25.75
CA LEU A 171 3.84 -1.98 -24.49
C LEU A 171 4.96 -2.58 -23.65
N GLU A 172 5.90 -3.29 -24.29
CA GLU A 172 7.06 -3.81 -23.57
C GLU A 172 8.00 -2.68 -23.15
N GLY A 173 8.08 -1.61 -23.93
CA GLY A 173 8.89 -0.48 -23.52
C GLY A 173 8.31 0.25 -22.33
N VAL A 174 6.99 0.26 -22.20
CA VAL A 174 6.35 0.87 -21.04
C VAL A 174 6.56 0.03 -19.79
N ARG A 175 6.86 -1.25 -19.95
CA ARG A 175 7.05 -2.14 -18.82
C ARG A 175 8.38 -1.97 -18.12
N ARG A 176 9.33 -1.23 -18.71
CA ARG A 176 10.61 -0.99 -18.07
C ARG A 176 10.78 0.42 -17.56
N ASN A 177 9.99 1.35 -18.08
CA ASN A 177 10.04 2.74 -17.68
C ASN A 177 8.69 3.41 -17.89
N MET A 178 7.86 3.40 -16.86
CA MET A 178 6.53 4.00 -16.93
C MET A 178 6.62 5.52 -16.88
N PHE A 179 7.69 6.03 -16.27
CA PHE A 179 7.89 7.46 -16.15
C PHE A 179 7.80 8.16 -17.49
N CYS A 180 8.01 7.40 -18.57
CA CYS A 180 7.93 7.99 -19.91
C CYS A 180 6.97 7.21 -20.79
N VAL A 181 5.90 7.85 -21.21
CA VAL A 181 4.89 7.21 -22.06
C VAL A 181 4.71 8.05 -23.31
N LYS A 182 4.83 7.41 -24.48
CA LYS A 182 4.65 8.07 -25.77
C LYS A 182 3.59 7.35 -26.60
N PRO A 183 2.78 8.11 -27.33
CA PRO A 183 1.71 7.56 -28.17
C PRO A 183 2.26 6.78 -29.36
N LEU A 184 1.48 5.85 -29.88
CA LEU A 184 1.90 5.03 -31.02
C LEU A 184 1.79 5.81 -32.32
N ASP A 185 2.45 5.32 -33.36
CA ASP A 185 2.43 5.96 -34.67
C ASP A 185 1.53 5.23 -35.65
N LEU A 186 0.54 4.51 -35.11
CA LEU A 186 -0.39 3.76 -35.94
C LEU A 186 -1.83 3.95 -35.48
N ASN A 187 -2.77 3.85 -36.42
CA ASN A 187 -4.19 4.01 -36.11
C ASN A 187 -4.86 2.64 -35.94
N LEU A 188 -5.48 2.43 -34.79
CA LEU A 188 -6.16 1.16 -34.51
C LEU A 188 -7.39 1.00 -35.39
N ASP A 189 -8.05 2.10 -35.72
CA ASP A 189 -9.14 2.08 -36.69
C ASP A 189 -8.69 1.48 -38.02
N ARG A 190 -9.60 0.71 -38.64
CA ARG A 190 -9.39 0.09 -39.95
C ARG A 190 -10.74 0.09 -40.66
N HIS A 191 -10.83 0.88 -41.74
CA HIS A 191 -12.05 0.96 -42.54
C HIS A 191 -12.63 -0.42 -42.83
N ALA A 192 -11.78 -1.43 -42.97
CA ALA A 192 -12.27 -2.78 -43.17
C ALA A 192 -12.91 -3.34 -41.90
N ASN A 193 -12.44 -2.91 -40.73
CA ASN A 193 -12.95 -3.43 -39.47
C ASN A 193 -14.27 -2.77 -39.10
N THR A 194 -15.07 -3.50 -38.32
CA THR A 194 -16.30 -2.95 -37.78
C THR A 194 -16.00 -1.87 -36.75
N ALA A 195 -16.91 -0.90 -36.62
CA ALA A 195 -16.74 0.11 -35.58
C ALA A 195 -16.68 -0.53 -34.20
N LEU A 196 -17.39 -1.63 -33.99
CA LEU A 196 -17.28 -2.35 -32.73
C LEU A 196 -15.88 -2.89 -32.53
N VAL A 197 -15.25 -3.38 -33.61
CA VAL A 197 -13.92 -3.96 -33.48
C VAL A 197 -12.89 -2.87 -33.21
N ASN A 198 -12.99 -1.72 -33.89
CA ASN A 198 -12.07 -0.64 -33.57
C ASN A 198 -12.27 -0.14 -32.15
N ALA A 199 -13.51 -0.09 -31.67
CA ALA A 199 -13.71 0.28 -30.28
C ALA A 199 -13.04 -0.69 -29.34
N VAL A 200 -13.16 -1.99 -29.61
CA VAL A 200 -12.55 -2.99 -28.75
C VAL A 200 -11.04 -2.89 -28.78
N ASN A 201 -10.47 -2.63 -29.96
CA ASN A 201 -9.01 -2.58 -30.07
C ASN A 201 -8.43 -1.36 -29.36
N LYS A 202 -9.08 -0.20 -29.52
CA LYS A 202 -8.60 0.98 -28.81
C LYS A 202 -8.72 0.78 -27.31
N LEU A 203 -9.80 0.11 -26.87
CA LEU A 203 -9.95 -0.17 -25.45
C LEU A 203 -8.86 -1.10 -24.96
N VAL A 204 -8.53 -2.13 -25.75
CA VAL A 204 -7.49 -3.07 -25.35
C VAL A 204 -6.16 -2.35 -25.23
N TYR A 205 -5.85 -1.44 -26.15
CA TYR A 205 -4.59 -0.71 -26.03
C TYR A 205 -4.54 0.09 -24.75
N THR A 206 -5.58 0.89 -24.47
CA THR A 206 -5.52 1.73 -23.28
C THR A 206 -5.50 0.88 -22.00
N GLY A 207 -6.24 -0.23 -21.98
CA GLY A 207 -6.26 -1.04 -20.77
C GLY A 207 -4.95 -1.74 -20.52
N ARG A 208 -4.30 -2.24 -21.57
CA ARG A 208 -2.99 -2.86 -21.40
C ARG A 208 -1.97 -1.83 -20.96
N LEU A 209 -2.06 -0.60 -21.50
CA LEU A 209 -1.16 0.46 -21.05
C LEU A 209 -1.40 0.80 -19.59
N ILE A 210 -2.62 0.63 -19.08
CA ILE A 210 -2.85 0.85 -17.65
C ILE A 210 -2.24 -0.29 -16.84
N MET A 211 -2.48 -1.53 -17.26
CA MET A 211 -2.07 -2.68 -16.48
C MET A 211 -0.56 -2.77 -16.39
N ASN A 212 0.15 -2.44 -17.47
CA ASN A 212 1.60 -2.51 -17.42
C ASN A 212 2.17 -1.54 -16.39
N VAL A 213 1.68 -0.31 -16.37
CA VAL A 213 2.17 0.65 -15.40
C VAL A 213 1.89 0.16 -13.98
N ARG A 214 0.65 -0.24 -13.71
CA ARG A 214 0.31 -0.64 -12.35
C ARG A 214 1.14 -1.84 -11.91
N ARG A 215 1.32 -2.83 -12.78
CA ARG A 215 2.00 -4.05 -12.37
C ARG A 215 3.50 -3.88 -12.27
N SER A 216 4.11 -3.18 -13.23
CA SER A 216 5.55 -2.93 -13.16
C SER A 216 5.89 -2.09 -11.95
N TRP A 217 5.02 -1.15 -11.58
CA TRP A 217 5.25 -0.40 -10.35
C TRP A 217 5.16 -1.30 -9.14
N GLU A 218 4.12 -2.11 -9.06
CA GLU A 218 3.96 -2.96 -7.89
C GLU A 218 5.17 -3.86 -7.71
N GLU A 219 5.71 -4.39 -8.80
CA GLU A 219 6.88 -5.24 -8.71
C GLU A 219 8.11 -4.46 -8.24
N LEU A 220 8.31 -3.24 -8.72
CA LEU A 220 9.49 -2.51 -8.25
C LEU A 220 9.37 -2.20 -6.76
N GLU A 221 8.20 -1.74 -6.33
CA GLU A 221 7.99 -1.41 -4.93
C GLU A 221 8.13 -2.65 -4.04
N ARG A 222 7.85 -3.83 -4.58
CA ARG A 222 8.01 -5.03 -3.77
C ARG A 222 9.47 -5.43 -3.63
N LYS A 223 10.20 -5.41 -4.75
CA LYS A 223 11.62 -5.74 -4.71
C LYS A 223 12.39 -4.79 -3.81
N CYS A 224 12.04 -3.51 -3.83
CA CYS A 224 12.74 -2.54 -3.00
C CYS A 224 12.61 -2.87 -1.52
N LEU A 225 11.39 -3.18 -1.06
CA LEU A 225 11.19 -3.52 0.34
C LEU A 225 11.91 -4.80 0.70
N ALA A 226 11.93 -5.78 -0.20
CA ALA A 226 12.67 -7.00 0.09
C ALA A 226 14.15 -6.70 0.34
N ARG A 227 14.75 -5.88 -0.53
CA ARG A 227 16.17 -5.55 -0.35
C ARG A 227 16.39 -4.80 0.95
N ILE A 228 15.53 -3.83 1.25
CA ILE A 228 15.70 -3.02 2.45
C ILE A 228 15.67 -3.91 3.68
N GLN A 229 14.68 -4.79 3.77
CA GLN A 229 14.53 -5.65 4.92
C GLN A 229 15.72 -6.59 5.07
N GLU A 230 16.20 -7.17 3.97
CA GLU A 230 17.33 -8.08 4.07
C GLU A 230 18.59 -7.36 4.54
N ARG A 231 18.87 -6.18 3.98
CA ARG A 231 20.07 -5.45 4.40
C ARG A 231 19.98 -5.08 5.87
N CYS A 232 18.80 -4.69 6.35
CA CYS A 232 18.65 -4.39 7.77
C CYS A 232 18.93 -5.62 8.63
N LYS A 233 18.38 -6.77 8.25
CA LYS A 233 18.60 -7.98 9.04
C LYS A 233 20.08 -8.32 9.12
N LEU A 234 20.82 -8.16 8.03
CA LEU A 234 22.23 -8.54 8.05
C LEU A 234 23.06 -7.53 8.85
N LEU A 235 22.80 -6.24 8.64
CA LEU A 235 23.55 -5.22 9.36
C LEU A 235 23.35 -5.35 10.87
N VAL A 236 22.16 -5.75 11.31
CA VAL A 236 21.93 -5.83 12.74
C VAL A 236 22.81 -6.91 13.37
N LYS A 237 22.98 -8.04 12.71
CA LYS A 237 23.87 -9.08 13.25
C LYS A 237 25.33 -8.65 13.20
N GLU A 238 25.73 -8.00 12.10
CA GLU A 238 27.09 -7.49 12.05
C GLU A 238 27.37 -6.54 13.22
N LEU A 239 26.40 -5.69 13.56
CA LEU A 239 26.58 -4.78 14.68
C LEU A 239 26.48 -5.51 16.02
N ARG A 240 25.72 -6.59 16.06
CA ARG A 240 25.60 -7.37 17.29
C ARG A 240 26.92 -7.99 17.68
N MET A 241 27.77 -8.31 16.70
CA MET A 241 29.05 -8.91 17.04
C MET A 241 29.84 -8.04 18.01
N CYS A 242 29.72 -6.72 17.88
CA CYS A 242 30.45 -5.78 18.72
C CYS A 242 29.50 -4.95 19.58
N LEU A 243 29.85 -4.80 20.87
CA LEU A 243 29.09 -3.96 21.79
C LEU A 243 29.86 -2.66 22.02
N SER A 244 29.17 -1.54 21.85
CA SER A 244 29.79 -0.21 21.95
C SER A 244 28.67 0.81 21.90
N PHE A 245 29.02 2.07 22.09
CA PHE A 245 28.00 3.11 22.03
C PHE A 245 27.46 3.25 20.61
N ASP A 246 28.34 3.46 19.63
CA ASP A 246 27.85 3.73 18.28
C ASP A 246 27.32 2.47 17.61
N SER A 247 27.86 1.30 17.96
CA SER A 247 27.26 0.06 17.47
C SER A 247 25.84 -0.10 17.99
N ASN A 248 25.62 0.15 19.27
CA ASN A 248 24.28 0.08 19.83
C ASN A 248 23.38 1.17 19.28
N TYR A 249 23.94 2.31 18.89
CA TYR A 249 23.13 3.35 18.28
C TYR A 249 22.64 2.92 16.91
N CYS A 250 23.51 2.27 16.11
CA CYS A 250 23.03 1.75 14.83
C CYS A 250 22.01 0.64 15.03
N ARG A 251 22.25 -0.27 15.98
CA ARG A 251 21.30 -1.33 16.22
C ARG A 251 19.97 -0.81 16.72
N ASN A 252 19.99 0.26 17.52
CA ASN A 252 18.74 0.83 17.99
C ASN A 252 17.98 1.50 16.85
N ILE A 253 18.70 2.10 15.92
CA ILE A 253 18.08 2.78 14.80
C ILE A 253 17.52 1.79 13.79
N LEU A 254 18.06 0.58 13.78
CA LEU A 254 17.62 -0.46 12.86
C LEU A 254 16.71 -1.46 13.56
N LYS A 255 15.99 -1.00 14.57
CA LYS A 255 15.09 -1.87 15.33
C LYS A 255 13.66 -1.77 14.80
N HIS A 256 13.39 -0.72 14.03
CA HIS A 256 12.07 -0.51 13.46
C HIS A 256 11.93 -1.17 12.10
N ALA A 257 10.90 -1.99 11.94
CA ALA A 257 10.66 -2.69 10.69
C ALA A 257 10.26 -1.70 9.60
N VAL A 258 10.69 -1.99 8.37
CA VAL A 258 10.64 -1.02 7.29
C VAL A 258 9.51 -1.32 6.32
N GLU A 259 8.43 -1.92 6.82
CA GLU A 259 7.27 -2.16 5.98
C GLU A 259 6.67 -0.86 5.47
N ASN A 260 5.98 -0.96 4.33
CA ASN A 260 4.92 -0.02 3.90
C ASN A 260 5.42 1.40 3.64
N GLY A 261 6.65 1.53 3.17
CA GLY A 261 7.13 2.77 2.57
C GLY A 261 6.92 4.09 3.27
N ASP A 262 6.29 4.11 4.44
CA ASP A 262 6.41 5.26 5.33
C ASP A 262 7.51 5.04 6.35
N SER A 263 7.56 3.85 6.92
CA SER A 263 8.65 3.50 7.81
C SER A 263 9.98 3.59 7.10
N ALA A 264 9.98 3.46 5.78
CA ALA A 264 11.18 3.73 4.99
C ALA A 264 11.60 5.19 5.08
N ASP A 265 10.64 6.11 4.98
CA ASP A 265 10.97 7.53 5.15
C ASP A 265 11.52 7.80 6.54
N THR A 266 10.89 7.21 7.55
CA THR A 266 11.38 7.44 8.91
C THR A 266 12.77 6.87 9.11
N LEU A 267 13.02 5.64 8.64
CA LEU A 267 14.34 5.06 8.79
C LEU A 267 15.39 5.88 8.07
N LEU A 268 15.09 6.39 6.88
CA LEU A 268 16.13 7.12 6.16
C LEU A 268 16.41 8.47 6.80
N GLU A 269 15.36 9.19 7.21
CA GLU A 269 15.60 10.48 7.86
C GLU A 269 16.33 10.31 9.19
N LEU A 270 15.92 9.30 9.95
CA LEU A 270 16.52 9.03 11.26
C LEU A 270 17.94 8.49 11.11
N LEU A 271 18.21 7.87 9.97
CA LEU A 271 19.53 7.31 9.70
C LEU A 271 20.42 8.34 8.99
N ILE A 272 19.83 9.50 8.68
CA ILE A 272 20.56 10.56 8.00
C ILE A 272 20.83 11.74 8.92
N GLU A 273 20.03 11.88 9.98
CA GLU A 273 20.22 12.99 10.91
C GLU A 273 21.20 12.64 12.02
N ASP A 274 21.34 11.36 12.36
CA ASP A 274 22.23 10.92 13.42
C ASP A 274 23.52 10.32 12.86
N PHE A 275 23.86 10.68 11.64
CA PHE A 275 24.99 10.05 10.97
C PHE A 275 26.29 10.31 11.71
N ASP A 276 26.44 11.51 12.26
CA ASP A 276 27.66 11.87 12.99
C ASP A 276 27.59 11.36 14.42
N ILE A 277 26.46 10.78 14.79
CA ILE A 277 26.27 10.25 16.13
C ILE A 277 26.69 8.79 16.21
N TYR A 278 26.77 8.13 15.06
CA TYR A 278 27.17 6.73 15.01
C TYR A 278 27.82 6.39 13.66
N VAL A 279 28.85 7.14 13.30
CA VAL A 279 29.57 6.91 12.05
C VAL A 279 30.81 6.07 12.27
N ASP A 280 31.48 6.25 13.42
CA ASP A 280 32.78 5.61 13.62
C ASP A 280 32.67 4.10 13.74
N SER A 281 31.47 3.55 13.95
CA SER A 281 31.32 2.12 14.07
C SER A 281 31.71 1.40 12.78
N PHE A 282 31.76 2.12 11.67
CA PHE A 282 32.03 1.51 10.38
C PHE A 282 33.46 1.79 9.95
N PRO A 283 34.31 0.77 9.86
CA PRO A 283 35.70 0.99 9.46
C PRO A 283 35.78 1.33 7.97
N GLN A 284 36.42 2.45 7.67
CA GLN A 284 36.61 2.89 6.29
C GLN A 284 38.09 2.91 5.97
N SER A 285 38.47 2.27 4.87
CA SER A 285 39.88 2.15 4.50
C SER A 285 40.57 3.51 4.46
N MET B 1 13.94 51.31 -28.20
CA MET B 1 13.13 51.67 -27.04
C MET B 1 13.91 51.51 -25.75
N SER B 2 15.20 51.26 -25.88
CA SER B 2 16.07 51.09 -24.71
C SER B 2 15.96 52.27 -23.76
N LEU B 3 15.83 51.99 -22.48
CA LEU B 3 15.71 53.02 -21.47
C LEU B 3 16.89 53.98 -21.52
N GLN B 4 16.63 55.25 -21.25
CA GLN B 4 17.65 56.29 -21.17
C GLN B 4 17.72 56.84 -19.76
N PHE B 5 18.92 57.26 -19.37
CA PHE B 5 19.12 57.84 -18.05
C PHE B 5 20.00 59.08 -18.18
N ILE B 6 19.85 59.99 -17.23
CA ILE B 6 20.46 61.31 -17.35
C ILE B 6 21.83 61.39 -16.68
N GLY B 7 21.87 61.21 -15.36
CA GLY B 7 23.09 61.42 -14.61
C GLY B 7 23.92 60.20 -14.27
N LEU B 8 23.49 59.02 -14.70
CA LEU B 8 24.16 57.79 -14.29
C LEU B 8 25.48 57.59 -15.03
N GLN B 9 26.42 56.94 -14.35
CA GLN B 9 27.61 56.41 -15.00
C GLN B 9 27.26 55.12 -15.74
N ARG B 10 28.09 54.78 -16.74
CA ARG B 10 27.79 53.59 -17.53
C ARG B 10 27.60 52.36 -16.65
N ARG B 11 28.37 52.30 -15.55
CA ARG B 11 28.31 51.18 -14.63
C ARG B 11 26.91 50.99 -14.05
N ASP B 12 26.36 52.05 -13.49
CA ASP B 12 25.02 51.99 -12.91
C ASP B 12 23.97 51.67 -13.96
N VAL B 13 24.12 52.22 -15.16
CA VAL B 13 23.17 51.93 -16.22
C VAL B 13 23.20 50.45 -16.56
N VAL B 14 24.39 49.86 -16.62
CA VAL B 14 24.49 48.43 -16.93
C VAL B 14 23.97 47.60 -15.77
N ALA B 15 24.17 48.06 -14.54
CA ALA B 15 23.64 47.32 -13.40
C ALA B 15 22.11 47.35 -13.36
N LEU B 16 21.51 48.40 -13.91
CA LEU B 16 20.06 48.44 -14.00
C LEU B 16 19.55 47.59 -15.15
N VAL B 17 20.24 47.63 -16.29
CA VAL B 17 19.82 46.82 -17.43
C VAL B 17 19.96 45.33 -17.13
N ASN B 18 20.96 44.95 -16.35
CA ASN B 18 21.08 43.55 -15.94
C ASN B 18 19.99 43.15 -14.98
N PHE B 19 19.60 44.05 -14.07
CA PHE B 19 18.52 43.73 -13.15
C PHE B 19 17.19 43.60 -13.87
N LEU B 20 17.02 44.32 -14.97
CA LEU B 20 15.79 44.15 -15.75
C LEU B 20 15.84 42.90 -16.61
N ARG B 21 16.99 42.59 -17.23
CA ARG B 21 17.05 41.41 -18.09
C ARG B 21 16.81 40.12 -17.31
N HIS B 22 17.26 40.05 -16.07
CA HIS B 22 17.19 38.82 -15.28
C HIS B 22 16.11 38.87 -14.22
N LEU B 23 15.15 39.78 -14.35
CA LEU B 23 14.19 40.01 -13.28
C LEU B 23 13.45 38.76 -12.87
N THR B 24 13.21 37.84 -13.81
CA THR B 24 12.44 36.65 -13.47
C THR B 24 13.25 35.70 -12.60
N GLN B 25 14.55 35.61 -12.85
CA GLN B 25 15.39 34.68 -12.10
C GLN B 25 15.54 35.11 -10.66
N LYS B 26 15.66 36.40 -10.42
CA LYS B 26 15.97 36.94 -9.10
C LYS B 26 14.95 36.52 -8.05
N PRO B 27 15.31 35.65 -7.12
CA PRO B 27 14.42 35.35 -5.99
C PRO B 27 13.85 36.63 -5.40
N ASP B 28 12.58 36.60 -4.98
CA ASP B 28 11.93 37.83 -4.53
C ASP B 28 11.89 38.85 -5.66
N VAL B 29 11.15 38.54 -6.73
CA VAL B 29 11.06 39.38 -7.92
C VAL B 29 10.21 40.60 -7.60
N ASP B 30 10.84 41.65 -7.10
CA ASP B 30 10.16 42.90 -6.77
C ASP B 30 11.22 43.99 -6.71
N LEU B 31 10.78 45.23 -6.91
CA LEU B 31 11.75 46.31 -7.00
C LEU B 31 12.05 46.94 -5.65
N GLU B 32 11.07 47.07 -4.78
CA GLU B 32 11.34 47.59 -3.44
C GLU B 32 11.99 46.54 -2.54
N ALA B 33 12.01 45.28 -2.97
CA ALA B 33 12.80 44.27 -2.27
C ALA B 33 14.28 44.48 -2.49
N HIS B 34 14.68 44.96 -3.67
CA HIS B 34 16.08 45.23 -3.96
C HIS B 34 16.34 46.71 -3.80
N PRO B 35 16.64 47.19 -2.59
CA PRO B 35 16.81 48.64 -2.41
C PRO B 35 18.07 49.18 -3.04
N LYS B 36 19.17 48.40 -3.04
CA LYS B 36 20.38 48.88 -3.66
C LYS B 36 20.11 49.44 -5.04
N ILE B 37 19.20 48.82 -5.80
CA ILE B 37 18.92 49.25 -7.17
C ILE B 37 18.41 50.67 -7.19
N LEU B 38 17.50 51.00 -6.27
CA LEU B 38 16.99 52.37 -6.21
C LEU B 38 18.10 53.35 -5.84
N LYS B 39 19.08 52.91 -5.04
CA LYS B 39 20.21 53.77 -4.78
C LYS B 39 20.99 54.05 -6.05
N LYS B 40 20.99 53.12 -7.01
CA LYS B 40 21.62 53.37 -8.30
C LYS B 40 20.92 54.50 -9.05
N CYS B 41 19.70 54.85 -8.65
CA CYS B 41 19.01 55.97 -9.28
C CYS B 41 19.70 57.29 -9.01
N GLY B 42 20.63 57.34 -8.07
CA GLY B 42 21.31 58.58 -7.74
C GLY B 42 20.61 59.44 -6.71
N GLU B 43 19.94 58.82 -5.75
CA GLU B 43 19.19 59.57 -4.74
C GLU B 43 20.14 60.38 -3.86
N LYS B 44 19.82 61.67 -3.71
CA LYS B 44 20.55 62.56 -2.81
C LYS B 44 21.93 62.88 -3.37
N ARG B 45 22.30 62.22 -4.46
CA ARG B 45 23.53 62.55 -5.15
C ARG B 45 23.29 63.59 -6.25
N LEU B 46 22.40 63.27 -7.19
CA LEU B 46 22.05 64.17 -8.27
C LEU B 46 20.94 65.14 -7.83
N HIS B 47 20.61 66.07 -8.72
CA HIS B 47 19.62 67.08 -8.38
C HIS B 47 18.26 66.44 -8.12
N ARG B 48 17.37 67.22 -7.50
CA ARG B 48 16.03 66.74 -7.18
C ARG B 48 15.24 66.37 -8.43
N ARG B 49 15.58 67.00 -9.55
CA ARG B 49 14.91 66.74 -10.82
C ARG B 49 15.44 65.47 -11.47
N THR B 50 16.75 65.24 -11.34
CA THR B 50 17.39 64.06 -11.92
C THR B 50 16.99 62.80 -11.17
N VAL B 51 16.81 62.92 -9.86
CA VAL B 51 16.42 61.78 -9.02
C VAL B 51 14.99 61.35 -9.31
N LEU B 52 14.21 62.23 -9.92
CA LEU B 52 12.82 61.94 -10.24
C LEU B 52 12.68 61.40 -11.66
N PHE B 53 13.44 61.93 -12.61
CA PHE B 53 13.39 61.39 -13.96
C PHE B 53 13.93 59.97 -14.00
N ASN B 54 15.03 59.72 -13.30
CA ASN B 54 15.57 58.36 -13.27
C ASN B 54 14.60 57.39 -12.63
N GLU B 55 13.89 57.80 -11.58
CA GLU B 55 12.89 56.93 -10.97
C GLU B 55 11.71 56.70 -11.90
N LEU B 56 11.27 57.72 -12.63
CA LEU B 56 10.18 57.50 -13.57
C LEU B 56 10.57 56.52 -14.65
N MET B 57 11.77 56.67 -15.23
CA MET B 57 12.21 55.74 -16.24
C MET B 57 12.35 54.33 -15.67
N LEU B 58 12.84 54.22 -14.44
CA LEU B 58 13.03 52.91 -13.84
C LEU B 58 11.70 52.21 -13.63
N TRP B 59 10.71 52.93 -13.12
CA TRP B 59 9.40 52.31 -12.91
C TRP B 59 8.75 51.96 -14.24
N LEU B 60 8.90 52.80 -15.26
CA LEU B 60 8.29 52.48 -16.54
C LEU B 60 8.88 51.22 -17.15
N GLY B 61 10.20 51.07 -17.09
CA GLY B 61 10.82 49.86 -17.61
C GLY B 61 10.50 48.63 -16.79
N TYR B 62 10.45 48.77 -15.46
CA TYR B 62 10.10 47.64 -14.61
C TYR B 62 8.67 47.19 -14.85
N TYR B 63 7.77 48.12 -15.12
CA TYR B 63 6.38 47.77 -15.41
C TYR B 63 6.28 47.08 -16.77
N ARG B 64 7.00 47.58 -17.76
CA ARG B 64 7.04 46.91 -19.05
C ARG B 64 7.53 45.47 -18.89
N GLU B 65 8.52 45.24 -18.04
CA GLU B 65 9.06 43.89 -17.87
C GLU B 65 8.03 42.95 -17.25
N LEU B 66 7.37 43.38 -16.19
CA LEU B 66 6.37 42.53 -15.56
C LEU B 66 5.26 42.20 -16.54
N ARG B 67 4.79 43.19 -17.31
CA ARG B 67 3.70 42.91 -18.24
C ARG B 67 4.16 42.02 -19.38
N PHE B 68 5.43 42.13 -19.77
CA PHE B 68 5.93 41.24 -20.82
C PHE B 68 5.95 39.80 -20.33
N HIS B 69 6.38 39.56 -19.09
CA HIS B 69 6.46 38.17 -18.65
C HIS B 69 5.10 37.63 -18.24
N ASN B 70 4.41 38.28 -17.30
CA ASN B 70 2.99 38.08 -17.07
C ASN B 70 2.56 36.62 -17.23
N PRO B 71 2.87 35.75 -16.27
CA PRO B 71 2.68 34.31 -16.49
C PRO B 71 1.26 33.96 -16.94
N ASP B 72 1.18 32.94 -17.78
CA ASP B 72 -0.07 32.40 -18.29
C ASP B 72 -0.28 31.01 -17.68
N LEU B 73 -1.44 30.81 -17.04
CA LEU B 73 -1.68 29.63 -16.23
C LEU B 73 -2.58 28.58 -16.87
N SER B 74 -3.03 28.78 -18.10
CA SER B 74 -3.92 27.84 -18.77
C SER B 74 -3.50 26.39 -18.55
N SER B 75 -2.19 26.14 -18.57
CA SER B 75 -1.69 24.78 -18.35
C SER B 75 -2.03 24.30 -16.95
N VAL B 76 -1.78 25.12 -15.93
CA VAL B 76 -2.12 24.74 -14.57
C VAL B 76 -3.62 24.65 -14.40
N LEU B 77 -4.39 25.45 -15.16
CA LEU B 77 -5.84 25.37 -15.09
C LEU B 77 -6.36 24.02 -15.57
N GLU B 78 -5.82 23.51 -16.67
CA GLU B 78 -6.25 22.20 -17.14
C GLU B 78 -5.85 21.11 -16.16
N GLU B 79 -4.68 21.23 -15.53
CA GLU B 79 -4.28 20.25 -14.54
C GLU B 79 -5.19 20.29 -13.33
N PHE B 80 -5.63 21.49 -12.94
CA PHE B 80 -6.57 21.60 -11.83
C PHE B 80 -7.91 20.94 -12.16
N GLU B 81 -8.38 21.09 -13.40
CA GLU B 81 -9.61 20.40 -13.78
C GLU B 81 -9.43 18.89 -13.74
N VAL B 82 -8.26 18.41 -14.18
CA VAL B 82 -8.01 16.97 -14.16
C VAL B 82 -7.95 16.45 -12.73
N ARG B 83 -7.32 17.21 -11.84
CA ARG B 83 -7.29 16.80 -10.44
C ARG B 83 -8.66 16.86 -9.79
N CYS B 84 -9.53 17.77 -10.24
CA CYS B 84 -10.90 17.78 -9.73
C CYS B 84 -11.65 16.52 -10.12
N VAL B 85 -11.48 16.07 -11.37
CA VAL B 85 -12.13 14.81 -11.76
C VAL B 85 -11.49 13.62 -11.05
N ALA B 86 -10.18 13.68 -10.82
CA ALA B 86 -9.48 12.59 -10.15
C ALA B 86 -9.88 12.45 -8.68
N VAL B 87 -10.18 13.56 -8.00
CA VAL B 87 -10.71 13.47 -6.65
C VAL B 87 -12.04 12.72 -6.67
N ALA B 88 -12.95 13.13 -7.57
CA ALA B 88 -14.27 12.53 -7.62
C ALA B 88 -14.22 11.06 -7.97
N ARG B 89 -13.21 10.62 -8.74
CA ARG B 89 -13.15 9.21 -9.09
C ARG B 89 -12.97 8.32 -7.87
N ARG B 90 -12.18 8.76 -6.90
CA ARG B 90 -12.03 7.99 -5.66
C ARG B 90 -13.24 8.15 -4.76
N GLY B 91 -13.92 9.29 -4.84
CA GLY B 91 -15.07 9.52 -3.98
C GLY B 91 -16.31 8.73 -4.38
N TYR B 92 -16.59 8.65 -5.68
CA TYR B 92 -17.90 8.20 -6.15
C TYR B 92 -18.35 6.92 -5.47
N THR B 93 -17.43 6.00 -5.18
CA THR B 93 -17.78 4.68 -4.66
C THR B 93 -17.60 4.53 -3.16
N TYR B 94 -17.16 5.55 -2.43
CA TYR B 94 -16.87 5.40 -1.01
C TYR B 94 -18.16 5.52 -0.21
N PRO B 95 -18.47 4.58 0.68
CA PRO B 95 -19.71 4.68 1.44
C PRO B 95 -19.65 5.78 2.48
N PHE B 96 -20.67 6.63 2.49
CA PHE B 96 -20.70 7.80 3.35
C PHE B 96 -21.85 7.68 4.33
N GLY B 97 -21.92 8.63 5.26
CA GLY B 97 -23.08 8.70 6.12
C GLY B 97 -24.35 9.05 5.37
N ASP B 98 -24.30 10.12 4.57
CA ASP B 98 -25.40 10.49 3.71
C ASP B 98 -24.89 10.59 2.27
N ARG B 99 -25.40 9.73 1.40
CA ARG B 99 -24.96 9.74 0.01
C ARG B 99 -25.29 11.05 -0.68
N GLY B 100 -26.36 11.72 -0.26
CA GLY B 100 -26.76 12.94 -0.93
C GLY B 100 -25.80 14.09 -0.70
N LYS B 101 -25.33 14.23 0.53
CA LYS B 101 -24.32 15.25 0.82
C LYS B 101 -23.04 15.01 0.02
N ALA B 102 -22.64 13.76 -0.16
CA ALA B 102 -21.44 13.48 -0.92
C ALA B 102 -21.65 13.68 -2.41
N ARG B 103 -22.82 13.28 -2.93
CA ARG B 103 -23.06 13.41 -4.36
C ARG B 103 -23.23 14.87 -4.76
N ASP B 104 -23.85 15.68 -3.91
CA ASP B 104 -23.95 17.11 -4.22
C ASP B 104 -22.57 17.75 -4.32
N HIS B 105 -21.60 17.26 -3.56
CA HIS B 105 -20.24 17.80 -3.64
C HIS B 105 -19.44 17.18 -4.78
N LEU B 106 -19.77 15.97 -5.20
CA LEU B 106 -19.09 15.40 -6.35
C LEU B 106 -19.58 16.04 -7.65
N ALA B 107 -20.84 16.46 -7.67
CA ALA B 107 -21.33 17.25 -8.79
C ALA B 107 -20.52 18.53 -8.97
N VAL B 108 -20.23 19.22 -7.88
CA VAL B 108 -19.42 20.44 -7.95
C VAL B 108 -18.05 20.13 -8.51
N LEU B 109 -17.49 18.97 -8.19
CA LEU B 109 -16.17 18.62 -8.70
C LEU B 109 -16.20 18.31 -10.19
N ASP B 110 -17.27 17.68 -10.66
CA ASP B 110 -17.37 17.34 -12.07
C ASP B 110 -17.64 18.57 -12.92
N ARG B 111 -18.59 19.42 -12.50
CA ARG B 111 -19.04 20.51 -13.36
C ARG B 111 -17.97 21.60 -13.49
N THR B 112 -17.08 21.72 -12.50
CA THR B 112 -16.09 22.80 -12.42
C THR B 112 -15.47 23.12 -13.77
N GLU B 113 -15.45 24.40 -14.13
CA GLU B 113 -14.94 24.86 -15.42
C GLU B 113 -14.30 26.22 -15.25
N PHE B 114 -13.56 26.66 -16.26
CA PHE B 114 -12.80 27.89 -16.20
C PHE B 114 -13.19 28.81 -17.35
N ASP B 115 -13.93 29.87 -17.02
CA ASP B 115 -14.27 30.89 -17.99
C ASP B 115 -13.01 31.68 -18.38
N THR B 116 -13.14 32.48 -19.43
CA THR B 116 -12.02 33.21 -20.03
C THR B 116 -11.58 34.42 -19.20
N ASP B 117 -12.12 34.60 -17.99
CA ASP B 117 -11.97 35.85 -17.23
C ASP B 117 -11.18 35.54 -15.96
N VAL B 118 -9.87 35.75 -16.04
CA VAL B 118 -8.92 35.40 -14.99
C VAL B 118 -9.41 35.87 -13.63
N ARG B 119 -10.18 36.96 -13.59
CA ARG B 119 -10.71 37.42 -12.31
C ARG B 119 -11.66 36.40 -11.70
N HIS B 120 -12.29 35.58 -12.54
CA HIS B 120 -13.16 34.53 -12.01
C HIS B 120 -12.36 33.39 -11.38
N ASP B 121 -11.09 33.25 -11.74
CA ASP B 121 -10.37 32.02 -11.44
C ASP B 121 -10.41 31.69 -9.95
N ALA B 122 -10.04 32.64 -9.08
CA ALA B 122 -9.95 32.34 -7.66
C ALA B 122 -11.27 31.82 -7.12
N GLU B 123 -12.39 32.32 -7.66
CA GLU B 123 -13.67 31.83 -7.17
C GLU B 123 -13.90 30.40 -7.65
N ILE B 124 -13.64 30.13 -8.92
CA ILE B 124 -13.84 28.78 -9.45
C ILE B 124 -13.00 27.80 -8.65
N VAL B 125 -11.77 28.20 -8.32
CA VAL B 125 -10.92 27.37 -7.48
C VAL B 125 -11.54 27.20 -6.10
N GLU B 126 -11.96 28.29 -5.47
CA GLU B 126 -12.29 28.22 -4.06
C GLU B 126 -13.48 27.29 -3.82
N ARG B 127 -14.56 27.47 -4.58
CA ARG B 127 -15.74 26.64 -4.38
C ARG B 127 -15.41 25.17 -4.55
N ALA B 128 -14.39 24.84 -5.34
CA ALA B 128 -14.02 23.44 -5.52
C ALA B 128 -13.29 22.92 -4.29
N LEU B 129 -12.37 23.72 -3.73
CA LEU B 129 -11.62 23.25 -2.58
C LEU B 129 -12.54 22.95 -1.40
N VAL B 130 -13.50 23.84 -1.13
CA VAL B 130 -14.47 23.57 -0.08
C VAL B 130 -15.24 22.30 -0.40
N SER B 131 -15.51 22.05 -1.68
CA SER B 131 -16.26 20.88 -2.07
C SER B 131 -15.44 19.60 -1.96
N ALA B 132 -14.11 19.70 -1.87
CA ALA B 132 -13.27 18.53 -1.73
C ALA B 132 -12.89 18.26 -0.29
N VAL B 133 -12.43 19.28 0.43
CA VAL B 133 -12.12 19.13 1.84
C VAL B 133 -13.30 18.56 2.60
N ILE B 134 -14.50 19.07 2.34
CA ILE B 134 -15.67 18.53 3.04
C ILE B 134 -15.80 17.05 2.77
N LEU B 135 -15.63 16.65 1.51
CA LEU B 135 -15.69 15.24 1.15
C LEU B 135 -14.63 14.46 1.93
N ALA B 136 -13.42 15.01 2.02
CA ALA B 136 -12.34 14.35 2.75
C ALA B 136 -12.64 14.28 4.24
N LYS B 137 -13.33 15.28 4.77
CA LYS B 137 -13.75 15.19 6.17
C LYS B 137 -14.80 14.11 6.35
N MET B 138 -15.78 14.03 5.44
CA MET B 138 -16.81 13.03 5.57
C MET B 138 -16.23 11.62 5.52
N SER B 139 -15.28 11.40 4.61
CA SER B 139 -14.65 10.09 4.51
C SER B 139 -13.95 9.71 5.80
N VAL B 140 -13.48 10.69 6.55
CA VAL B 140 -12.71 10.41 7.77
C VAL B 140 -13.57 10.35 9.02
N ARG B 141 -14.82 10.82 8.94
CA ARG B 141 -15.78 10.85 10.04
C ARG B 141 -15.55 12.06 10.93
N GLU B 142 -14.67 12.98 10.54
CA GLU B 142 -14.43 14.18 11.34
C GLU B 142 -15.60 15.16 11.26
N THR B 143 -15.85 15.84 12.36
CA THR B 143 -16.96 16.78 12.45
C THR B 143 -16.77 17.96 11.50
N LEU B 144 -17.88 18.44 10.95
CA LEU B 144 -17.90 19.53 9.98
C LEU B 144 -18.54 20.76 10.60
N VAL B 145 -18.17 21.94 10.08
CA VAL B 145 -18.76 23.17 10.57
C VAL B 145 -20.22 23.25 10.18
N THR B 146 -21.05 23.74 11.09
CA THR B 146 -22.49 23.86 10.86
C THR B 146 -23.02 25.28 11.03
N ALA B 147 -22.30 26.15 11.73
CA ALA B 147 -22.79 27.49 12.03
C ALA B 147 -23.07 28.27 10.76
N ILE B 148 -24.10 29.11 10.81
CA ILE B 148 -24.48 29.93 9.65
C ILE B 148 -23.39 30.97 9.37
N GLY B 149 -23.11 31.16 8.08
CA GLY B 149 -22.06 32.09 7.69
C GLY B 149 -20.66 31.53 7.76
N GLN B 150 -20.51 30.22 7.95
CA GLN B 150 -19.22 29.59 8.20
C GLN B 150 -19.03 28.41 7.26
N THR B 151 -18.44 28.67 6.10
CA THR B 151 -18.01 27.60 5.21
C THR B 151 -16.71 26.98 5.73
N GLU B 152 -16.52 25.70 5.42
CA GLU B 152 -15.34 24.97 5.89
C GLU B 152 -14.05 25.66 5.44
N PRO B 153 -13.06 25.79 6.32
CA PRO B 153 -11.77 26.33 5.89
C PRO B 153 -10.98 25.32 5.07
N ILE B 154 -10.29 25.82 4.04
CA ILE B 154 -9.44 24.95 3.24
C ILE B 154 -8.15 24.65 4.00
N ALA B 155 -7.78 23.38 4.06
CA ALA B 155 -6.56 22.99 4.73
C ALA B 155 -6.23 21.56 4.37
N PHE B 156 -4.95 21.22 4.46
CA PHE B 156 -4.52 19.85 4.26
C PHE B 156 -4.99 18.99 5.44
N VAL B 157 -5.51 17.82 5.13
CA VAL B 157 -6.07 16.91 6.13
C VAL B 157 -5.12 15.74 6.34
N HIS B 158 -4.91 15.38 7.59
CA HIS B 158 -4.08 14.24 7.96
C HIS B 158 -2.68 14.32 7.36
N LEU B 159 -2.06 15.49 7.48
CA LEU B 159 -0.66 15.69 7.13
C LEU B 159 0.11 16.12 8.36
N LYS B 160 1.39 15.76 8.41
CA LYS B 160 2.22 16.11 9.55
C LYS B 160 2.44 17.62 9.60
N ASP B 161 2.81 18.10 10.79
CA ASP B 161 3.02 19.54 10.96
C ASP B 161 4.24 20.02 10.19
N THR B 162 5.32 19.23 10.19
CA THR B 162 6.51 19.60 9.44
C THR B 162 6.24 19.66 7.94
N GLU B 163 5.41 18.74 7.44
CA GLU B 163 5.04 18.77 6.03
C GLU B 163 4.29 20.05 5.70
N VAL B 164 3.37 20.45 6.59
CA VAL B 164 2.59 21.66 6.35
C VAL B 164 3.48 22.89 6.41
N GLN B 165 4.48 22.87 7.28
CA GLN B 165 5.42 24.00 7.36
C GLN B 165 6.25 24.11 6.09
N ARG B 166 6.69 22.96 5.56
CA ARG B 166 7.43 22.96 4.30
C ARG B 166 6.56 23.47 3.16
N ILE B 167 5.30 23.04 3.12
CA ILE B 167 4.41 23.47 2.07
C ILE B 167 4.12 24.96 2.19
N GLU B 168 4.01 25.47 3.41
CA GLU B 168 3.82 26.90 3.59
C GLU B 168 5.02 27.67 3.08
N GLU B 169 6.21 27.17 3.38
CA GLU B 169 7.42 27.81 2.86
C GLU B 169 7.40 27.84 1.33
N ASN B 170 6.99 26.74 0.71
CA ASN B 170 7.02 26.68 -0.75
C ASN B 170 5.98 27.61 -1.36
N LEU B 171 4.81 27.71 -0.74
CA LEU B 171 3.80 28.63 -1.27
C LEU B 171 4.17 30.08 -1.02
N GLU B 172 4.81 30.38 0.11
CA GLU B 172 5.32 31.73 0.31
C GLU B 172 6.36 32.10 -0.72
N GLY B 173 7.18 31.13 -1.14
CA GLY B 173 8.15 31.42 -2.16
C GLY B 173 7.52 31.76 -3.49
N VAL B 174 6.42 31.09 -3.85
CA VAL B 174 5.71 31.45 -5.06
C VAL B 174 5.02 32.79 -4.92
N ARG B 175 4.63 33.15 -3.69
CA ARG B 175 4.06 34.47 -3.49
C ARG B 175 5.08 35.57 -3.73
N ARG B 176 6.38 35.27 -3.58
CA ARG B 176 7.42 36.27 -3.78
C ARG B 176 7.97 36.30 -5.20
N ASN B 177 7.96 35.18 -5.91
CA ASN B 177 8.40 35.13 -7.30
C ASN B 177 7.41 34.24 -8.06
N MET B 178 6.44 34.87 -8.70
CA MET B 178 5.32 34.18 -9.34
C MET B 178 5.67 33.61 -10.71
N PHE B 179 6.82 33.93 -11.27
CA PHE B 179 7.15 33.42 -12.60
C PHE B 179 7.76 32.03 -12.53
N CYS B 180 8.92 31.90 -11.86
CA CYS B 180 9.67 30.64 -11.83
C CYS B 180 9.34 29.88 -10.57
N VAL B 181 8.26 29.09 -10.63
CA VAL B 181 7.90 28.26 -9.49
C VAL B 181 8.80 27.04 -9.42
N LYS B 182 9.08 26.59 -8.21
CA LYS B 182 9.95 25.45 -7.97
C LYS B 182 9.15 24.35 -7.31
N PRO B 183 9.12 23.14 -7.89
CA PRO B 183 8.36 22.05 -7.27
C PRO B 183 8.93 21.68 -5.92
N LEU B 184 8.04 21.42 -4.97
CA LEU B 184 8.45 21.01 -3.63
C LEU B 184 9.04 19.60 -3.66
N ASP B 185 9.98 19.35 -2.74
CA ASP B 185 10.60 18.04 -2.65
C ASP B 185 9.63 16.99 -2.15
N LEU B 186 8.84 17.32 -1.13
CA LEU B 186 7.96 16.34 -0.51
C LEU B 186 6.79 16.00 -1.44
N ASN B 187 6.34 14.76 -1.32
CA ASN B 187 5.11 14.31 -1.98
C ASN B 187 4.09 14.03 -0.88
N LEU B 188 2.90 14.61 -1.03
CA LEU B 188 1.87 14.54 -0.01
C LEU B 188 1.22 13.18 0.09
N ASP B 189 1.64 12.25 -0.75
CA ASP B 189 1.07 10.91 -0.79
C ASP B 189 1.61 10.09 0.38
N ARG B 190 0.69 9.51 1.15
CA ARG B 190 1.06 8.78 2.35
C ARG B 190 0.42 7.41 2.33
N HIS B 191 1.08 6.44 2.96
CA HIS B 191 0.52 5.11 3.09
C HIS B 191 -0.65 5.09 4.06
N ALA B 192 -0.64 5.98 5.06
CA ALA B 192 -1.73 6.07 6.01
C ALA B 192 -2.97 6.69 5.41
N ASN B 193 -2.81 7.67 4.52
CA ASN B 193 -3.95 8.32 3.91
C ASN B 193 -4.55 7.46 2.80
N THR B 194 -5.84 7.66 2.56
CA THR B 194 -6.52 6.97 1.47
C THR B 194 -6.32 7.72 0.17
N ALA B 195 -6.59 7.02 -0.94
CA ALA B 195 -6.44 7.65 -2.25
C ALA B 195 -7.21 8.96 -2.33
N LEU B 196 -8.39 9.02 -1.71
CA LEU B 196 -9.19 10.24 -1.72
C LEU B 196 -8.48 11.36 -0.96
N VAL B 197 -7.88 11.06 0.18
CA VAL B 197 -7.19 12.11 0.93
C VAL B 197 -5.95 12.60 0.17
N ASN B 198 -5.23 11.69 -0.48
CA ASN B 198 -4.07 12.11 -1.27
C ASN B 198 -4.48 12.99 -2.43
N ALA B 199 -5.54 12.63 -3.14
CA ALA B 199 -5.99 13.48 -4.23
C ALA B 199 -6.48 14.82 -3.71
N VAL B 200 -7.13 14.84 -2.55
CA VAL B 200 -7.61 16.11 -2.01
C VAL B 200 -6.44 17.02 -1.65
N ASN B 201 -5.40 16.47 -1.04
CA ASN B 201 -4.27 17.32 -0.68
C ASN B 201 -3.54 17.84 -1.90
N LYS B 202 -3.37 17.00 -2.93
CA LYS B 202 -2.71 17.50 -4.14
C LYS B 202 -3.54 18.59 -4.80
N LEU B 203 -4.86 18.40 -4.87
CA LEU B 203 -5.72 19.43 -5.42
C LEU B 203 -5.65 20.71 -4.61
N VAL B 204 -5.60 20.61 -3.29
CA VAL B 204 -5.55 21.79 -2.44
C VAL B 204 -4.28 22.57 -2.71
N TYR B 205 -3.15 21.86 -2.85
CA TYR B 205 -1.91 22.57 -3.13
C TYR B 205 -1.96 23.28 -4.47
N THR B 206 -2.48 22.63 -5.51
CA THR B 206 -2.54 23.32 -6.80
C THR B 206 -3.50 24.51 -6.78
N GLY B 207 -4.57 24.42 -5.99
CA GLY B 207 -5.47 25.56 -5.90
C GLY B 207 -4.83 26.75 -5.21
N ARG B 208 -4.12 26.50 -4.11
CA ARG B 208 -3.37 27.57 -3.47
C ARG B 208 -2.31 28.14 -4.42
N LEU B 209 -1.72 27.28 -5.25
CA LEU B 209 -0.73 27.74 -6.20
C LEU B 209 -1.33 28.65 -7.26
N ILE B 210 -2.59 28.41 -7.63
CA ILE B 210 -3.26 29.31 -8.57
C ILE B 210 -3.58 30.65 -7.92
N MET B 211 -4.15 30.60 -6.71
CA MET B 211 -4.59 31.83 -6.05
C MET B 211 -3.42 32.73 -5.70
N ASN B 212 -2.28 32.16 -5.28
CA ASN B 212 -1.15 33.01 -4.91
C ASN B 212 -0.59 33.75 -6.11
N VAL B 213 -0.46 33.08 -7.25
CA VAL B 213 0.10 33.73 -8.43
C VAL B 213 -0.84 34.83 -8.90
N ARG B 214 -2.15 34.53 -8.96
CA ARG B 214 -3.09 35.57 -9.38
C ARG B 214 -2.99 36.79 -8.48
N ARG B 215 -3.00 36.57 -7.16
CA ARG B 215 -3.01 37.70 -6.23
C ARG B 215 -1.73 38.51 -6.31
N SER B 216 -0.58 37.85 -6.37
CA SER B 216 0.67 38.59 -6.37
C SER B 216 0.85 39.38 -7.65
N TRP B 217 0.43 38.83 -8.80
CA TRP B 217 0.51 39.66 -9.98
C TRP B 217 -0.42 40.87 -9.89
N GLU B 218 -1.64 40.67 -9.39
CA GLU B 218 -2.57 41.79 -9.29
C GLU B 218 -2.04 42.85 -8.34
N GLU B 219 -1.25 42.44 -7.34
CA GLU B 219 -0.71 43.37 -6.36
C GLU B 219 0.45 44.18 -6.94
N LEU B 220 1.40 43.51 -7.57
CA LEU B 220 2.53 44.24 -8.15
C LEU B 220 2.08 45.18 -9.25
N GLU B 221 1.13 44.73 -10.08
CA GLU B 221 0.65 45.57 -11.17
C GLU B 221 0.02 46.85 -10.63
N ARG B 222 -0.70 46.73 -9.52
CA ARG B 222 -1.35 47.89 -8.92
C ARG B 222 -0.33 48.83 -8.31
N LYS B 223 0.67 48.27 -7.62
CA LYS B 223 1.68 49.11 -6.98
C LYS B 223 2.48 49.90 -8.00
N CYS B 224 2.83 49.28 -9.14
CA CYS B 224 3.66 49.98 -10.11
C CYS B 224 2.96 51.21 -10.68
N LEU B 225 1.64 51.15 -10.86
CA LEU B 225 0.92 52.28 -11.44
C LEU B 225 0.94 53.47 -10.51
N ALA B 226 0.73 53.25 -9.21
CA ALA B 226 0.82 54.34 -8.26
C ALA B 226 2.24 54.91 -8.18
N ARG B 227 3.25 54.04 -8.21
CA ARG B 227 4.62 54.55 -8.18
C ARG B 227 4.93 55.35 -9.44
N ILE B 228 4.30 55.02 -10.56
CA ILE B 228 4.50 55.79 -11.79
C ILE B 228 3.75 57.11 -11.73
N GLN B 229 2.57 57.12 -11.12
CA GLN B 229 1.77 58.34 -11.07
C GLN B 229 2.34 59.35 -10.09
N GLU B 230 3.04 58.88 -9.05
CA GLU B 230 3.71 59.84 -8.16
C GLU B 230 4.80 60.61 -8.88
N ARG B 231 5.60 59.94 -9.71
CA ARG B 231 6.70 60.60 -10.38
C ARG B 231 6.20 61.64 -11.37
N CYS B 232 5.13 61.33 -12.10
CA CYS B 232 4.59 62.33 -13.01
C CYS B 232 4.06 63.55 -12.25
N LYS B 233 3.56 63.35 -11.03
CA LYS B 233 3.02 64.45 -10.26
C LYS B 233 4.09 65.26 -9.57
N LEU B 234 5.30 64.73 -9.44
CA LEU B 234 6.38 65.42 -8.76
C LEU B 234 7.37 66.04 -9.73
N LEU B 235 7.84 65.26 -10.70
CA LEU B 235 8.71 65.79 -11.73
C LEU B 235 8.05 66.94 -12.48
N VAL B 236 6.73 66.93 -12.62
CA VAL B 236 6.08 68.03 -13.34
C VAL B 236 6.18 69.32 -12.53
N LYS B 237 5.98 69.25 -11.22
CA LYS B 237 6.16 70.44 -10.39
C LYS B 237 7.62 70.89 -10.38
N GLU B 238 8.56 69.95 -10.43
CA GLU B 238 9.96 70.33 -10.46
C GLU B 238 10.35 70.99 -11.77
N LEU B 239 9.76 70.55 -12.89
CA LEU B 239 10.01 71.20 -14.17
C LEU B 239 9.33 72.56 -14.22
N ARG B 240 8.17 72.69 -13.58
CA ARG B 240 7.43 73.94 -13.62
C ARG B 240 8.19 75.08 -12.97
N MET B 241 9.13 74.78 -12.06
CA MET B 241 9.88 75.84 -11.40
C MET B 241 10.66 76.70 -12.40
N CYS B 242 11.16 76.11 -13.48
CA CYS B 242 11.98 76.82 -14.45
C CYS B 242 11.30 76.76 -15.81
N LEU B 243 11.61 77.75 -16.65
CA LEU B 243 10.99 77.86 -17.97
C LEU B 243 12.07 77.92 -19.04
N SER B 244 12.13 76.88 -19.86
CA SER B 244 13.06 76.78 -20.98
C SER B 244 12.36 75.98 -22.07
N PHE B 245 12.94 76.00 -23.27
CA PHE B 245 12.38 75.15 -24.31
C PHE B 245 12.47 73.69 -23.91
N ASP B 246 13.62 73.28 -23.37
CA ASP B 246 13.78 71.89 -22.97
C ASP B 246 13.03 71.58 -21.69
N SER B 247 12.98 72.53 -20.76
CA SER B 247 12.20 72.33 -19.54
C SER B 247 10.71 72.36 -19.82
N ASN B 248 10.28 73.11 -20.85
CA ASN B 248 8.87 73.11 -21.22
C ASN B 248 8.48 71.87 -21.99
N TYR B 249 9.38 71.37 -22.86
CA TYR B 249 9.04 70.24 -23.70
C TYR B 249 8.82 68.98 -22.90
N CYS B 250 9.45 68.86 -21.72
CA CYS B 250 9.14 67.72 -20.85
C CYS B 250 7.82 67.90 -20.13
N ARG B 251 7.46 69.13 -19.80
CA ARG B 251 6.18 69.37 -19.14
C ARG B 251 5.02 68.96 -20.02
N ASN B 252 5.12 69.23 -21.33
CA ASN B 252 4.05 68.90 -22.24
C ASN B 252 4.01 67.42 -22.58
N ILE B 253 5.14 66.72 -22.43
CA ILE B 253 5.14 65.27 -22.60
C ILE B 253 4.35 64.62 -21.48
N LEU B 254 4.45 65.14 -20.26
CA LEU B 254 3.89 64.50 -19.09
C LEU B 254 2.39 64.68 -18.96
N LYS B 255 1.72 65.22 -19.98
CA LYS B 255 0.26 65.29 -19.98
C LYS B 255 -0.37 63.91 -20.01
N HIS B 256 0.31 62.92 -20.59
CA HIS B 256 -0.21 61.57 -20.60
C HIS B 256 -0.54 61.12 -19.18
N ALA B 257 -1.74 60.58 -19.00
CA ALA B 257 -2.06 59.90 -17.76
C ALA B 257 -1.68 58.42 -17.87
N VAL B 258 -1.06 57.91 -16.81
CA VAL B 258 -0.39 56.61 -16.86
C VAL B 258 -1.23 55.48 -16.28
N GLU B 259 -2.51 55.70 -15.99
CA GLU B 259 -3.36 54.57 -15.63
C GLU B 259 -3.48 53.64 -16.83
N ASN B 260 -3.90 52.41 -16.58
CA ASN B 260 -3.97 51.41 -17.65
C ASN B 260 -2.62 51.27 -18.33
N GLY B 261 -1.91 50.21 -18.00
CA GLY B 261 -0.56 50.01 -18.48
C GLY B 261 -0.25 50.44 -19.90
N ASP B 262 -1.22 50.39 -20.81
CA ASP B 262 -0.94 50.78 -22.19
C ASP B 262 -0.60 52.27 -22.31
N SER B 263 -1.24 53.11 -21.48
CA SER B 263 -0.80 54.50 -21.41
C SER B 263 0.65 54.60 -20.97
N ALA B 264 1.13 53.63 -20.19
CA ALA B 264 2.52 53.63 -19.75
C ALA B 264 3.48 53.37 -20.89
N ASP B 265 3.16 52.44 -21.80
CA ASP B 265 4.02 52.21 -22.96
C ASP B 265 4.06 53.43 -23.87
N THR B 266 2.91 54.09 -24.06
CA THR B 266 2.90 55.30 -24.85
C THR B 266 3.74 56.39 -24.20
N LEU B 267 3.64 56.55 -22.88
CA LEU B 267 4.45 57.54 -22.20
C LEU B 267 5.93 57.21 -22.27
N LEU B 268 6.26 55.92 -22.28
CA LEU B 268 7.64 55.49 -22.32
C LEU B 268 8.25 55.74 -23.68
N GLU B 269 7.55 55.33 -24.74
CA GLU B 269 8.06 55.54 -26.09
C GLU B 269 8.11 57.01 -26.46
N LEU B 270 7.11 57.80 -26.04
CA LEU B 270 7.18 59.23 -26.31
C LEU B 270 8.36 59.87 -25.60
N LEU B 271 8.67 59.39 -24.39
CA LEU B 271 9.76 59.93 -23.61
C LEU B 271 11.12 59.47 -24.15
N ILE B 272 11.18 58.29 -24.74
CA ILE B 272 12.45 57.77 -25.25
C ILE B 272 12.74 58.33 -26.64
N GLU B 273 11.71 58.54 -27.46
CA GLU B 273 11.97 58.98 -28.82
C GLU B 273 12.39 60.45 -28.88
N ASP B 274 11.87 61.28 -27.99
CA ASP B 274 12.22 62.68 -27.93
C ASP B 274 13.30 62.99 -26.90
N PHE B 275 14.09 61.97 -26.51
CA PHE B 275 15.05 62.18 -25.42
C PHE B 275 16.06 63.27 -25.75
N ASP B 276 16.31 63.53 -27.04
CA ASP B 276 17.32 64.51 -27.41
C ASP B 276 16.85 65.93 -27.18
N ILE B 277 15.56 66.19 -27.40
CA ILE B 277 15.08 67.56 -27.40
C ILE B 277 15.25 68.19 -26.02
N TYR B 278 14.90 67.48 -24.97
CA TYR B 278 14.76 68.05 -23.64
C TYR B 278 15.84 67.61 -22.66
N VAL B 279 16.83 66.84 -23.12
CA VAL B 279 17.79 66.26 -22.19
C VAL B 279 18.61 67.32 -21.49
N ASP B 280 18.78 68.48 -22.12
CA ASP B 280 19.62 69.52 -21.53
C ASP B 280 18.98 70.17 -20.32
N SER B 281 17.68 69.98 -20.11
CA SER B 281 16.99 70.51 -18.93
C SER B 281 17.60 70.01 -17.63
N PHE B 282 17.60 68.69 -17.44
CA PHE B 282 18.00 68.12 -16.16
C PHE B 282 19.49 68.28 -15.97
N PRO B 283 19.93 68.76 -14.81
CA PRO B 283 21.34 69.07 -14.62
C PRO B 283 22.15 67.89 -14.12
N GLN B 284 23.18 67.52 -14.87
CA GLN B 284 24.03 66.40 -14.46
C GLN B 284 25.09 66.88 -13.50
N SER B 285 25.16 66.23 -12.33
CA SER B 285 26.05 66.69 -11.28
C SER B 285 25.73 68.13 -10.87
N MET C 1 15.39 -2.51 -65.24
CA MET C 1 15.56 -1.06 -65.09
C MET C 1 16.99 -0.63 -65.43
N SER C 2 17.96 -1.52 -65.20
CA SER C 2 19.36 -1.18 -65.43
C SER C 2 19.57 -0.75 -66.87
N LEU C 3 19.88 0.52 -67.09
CA LEU C 3 19.89 1.08 -68.43
C LEU C 3 21.26 0.91 -69.09
N GLN C 4 21.26 0.70 -70.40
CA GLN C 4 22.48 0.62 -71.20
C GLN C 4 22.38 1.61 -72.35
N PHE C 5 23.35 2.51 -72.44
CA PHE C 5 23.38 3.55 -73.45
C PHE C 5 24.60 3.37 -74.34
N ILE C 6 24.41 3.53 -75.65
CA ILE C 6 25.44 3.10 -76.60
C ILE C 6 26.66 4.02 -76.55
N GLY C 7 26.46 5.31 -76.75
CA GLY C 7 27.58 6.20 -76.97
C GLY C 7 27.67 7.42 -76.07
N LEU C 8 26.75 7.54 -75.11
CA LEU C 8 26.74 8.73 -74.27
C LEU C 8 27.96 8.79 -73.37
N GLN C 9 28.35 10.01 -73.01
CA GLN C 9 29.45 10.21 -72.06
C GLN C 9 29.04 9.79 -70.66
N ARG C 10 30.05 9.47 -69.83
CA ARG C 10 29.76 9.04 -68.47
C ARG C 10 28.88 10.04 -67.74
N ARG C 11 29.15 11.33 -67.92
CA ARG C 11 28.37 12.36 -67.24
C ARG C 11 26.92 12.35 -67.70
N ASP C 12 26.69 12.14 -69.00
CA ASP C 12 25.32 12.06 -69.49
C ASP C 12 24.58 10.87 -68.91
N VAL C 13 25.25 9.71 -68.83
CA VAL C 13 24.64 8.54 -68.23
C VAL C 13 24.31 8.80 -66.77
N VAL C 14 25.18 9.51 -66.06
CA VAL C 14 24.90 9.86 -64.66
C VAL C 14 23.70 10.79 -64.59
N ALA C 15 23.62 11.75 -65.50
CA ALA C 15 22.54 12.73 -65.46
C ALA C 15 21.19 12.07 -65.75
N LEU C 16 21.15 11.10 -66.67
CA LEU C 16 19.89 10.42 -66.96
C LEU C 16 19.39 9.62 -65.77
N VAL C 17 20.30 8.93 -65.07
CA VAL C 17 19.88 8.18 -63.89
C VAL C 17 19.44 9.15 -62.80
N ASN C 18 20.12 10.29 -62.68
CA ASN C 18 19.67 11.29 -61.72
C ASN C 18 18.26 11.73 -62.03
N PHE C 19 17.96 11.95 -63.32
CA PHE C 19 16.60 12.34 -63.70
C PHE C 19 15.60 11.27 -63.29
N LEU C 20 15.85 10.02 -63.67
CA LEU C 20 14.89 8.96 -63.34
C LEU C 20 14.71 8.86 -61.83
N ARG C 21 15.78 9.00 -61.05
CA ARG C 21 15.65 8.96 -59.60
C ARG C 21 14.86 10.13 -59.06
N HIS C 22 14.92 11.28 -59.73
CA HIS C 22 14.28 12.49 -59.24
C HIS C 22 13.01 12.83 -59.99
N LEU C 23 12.35 11.84 -60.59
CA LEU C 23 11.19 12.14 -61.42
C LEU C 23 10.06 12.76 -60.60
N THR C 24 9.59 12.07 -59.57
CA THR C 24 8.40 12.53 -58.85
C THR C 24 8.63 13.90 -58.24
N GLN C 25 9.85 14.17 -57.78
CA GLN C 25 10.12 15.46 -57.16
C GLN C 25 9.82 16.60 -58.12
N LYS C 26 10.17 16.44 -59.38
CA LYS C 26 10.00 17.53 -60.33
C LYS C 26 8.52 17.81 -60.56
N PRO C 27 8.14 19.07 -60.74
CA PRO C 27 6.80 19.36 -61.27
C PRO C 27 6.69 18.90 -62.71
N ASP C 28 5.46 18.64 -63.13
CA ASP C 28 5.17 18.15 -64.47
C ASP C 28 6.12 17.02 -64.86
N VAL C 29 5.82 15.83 -64.36
CA VAL C 29 6.64 14.67 -64.66
C VAL C 29 6.21 14.14 -66.02
N ASP C 30 6.69 14.77 -67.08
CA ASP C 30 6.37 14.42 -68.45
C ASP C 30 7.62 14.56 -69.28
N LEU C 31 8.07 13.47 -69.90
CA LEU C 31 9.32 13.49 -70.64
C LEU C 31 9.31 14.58 -71.71
N GLU C 32 8.14 14.95 -72.22
CA GLU C 32 8.04 16.01 -73.20
C GLU C 32 8.27 17.39 -72.58
N ALA C 33 8.11 17.53 -71.27
CA ALA C 33 8.28 18.82 -70.63
C ALA C 33 9.72 19.15 -70.30
N HIS C 34 10.64 18.18 -70.41
CA HIS C 34 12.06 18.39 -70.15
C HIS C 34 12.81 18.06 -71.42
N PRO C 35 12.84 18.99 -72.38
CA PRO C 35 13.46 18.68 -73.68
C PRO C 35 14.95 18.44 -73.63
N LYS C 36 15.67 19.06 -72.69
CA LYS C 36 17.12 18.89 -72.67
C LYS C 36 17.51 17.45 -72.36
N ILE C 37 16.72 16.76 -71.54
CA ILE C 37 17.00 15.35 -71.28
C ILE C 37 16.79 14.54 -72.54
N LEU C 38 15.77 14.87 -73.34
CA LEU C 38 15.58 14.18 -74.61
C LEU C 38 16.72 14.47 -75.56
N LYS C 39 17.31 15.67 -75.50
CA LYS C 39 18.43 16.03 -76.36
C LYS C 39 19.74 15.43 -75.89
N LYS C 40 19.82 14.97 -74.65
CA LYS C 40 21.07 14.38 -74.19
C LYS C 40 21.57 13.29 -75.14
N CYS C 41 20.64 12.54 -75.74
CA CYS C 41 21.04 11.56 -76.74
C CYS C 41 21.75 12.22 -77.92
N GLY C 42 21.61 13.53 -78.08
CA GLY C 42 22.36 14.26 -79.08
C GLY C 42 22.06 13.83 -80.50
N GLU C 43 20.83 14.05 -80.95
CA GLU C 43 20.47 13.71 -82.32
C GLU C 43 21.33 14.47 -83.31
N LYS C 44 21.75 13.77 -84.36
CA LYS C 44 22.67 14.29 -85.38
C LYS C 44 24.09 14.36 -84.84
N ARG C 45 24.26 14.12 -83.54
CA ARG C 45 25.59 13.99 -83.00
C ARG C 45 26.15 12.58 -83.22
N LEU C 46 25.26 11.58 -83.27
CA LEU C 46 25.62 10.19 -83.51
C LEU C 46 24.81 9.67 -84.69
N HIS C 47 25.07 8.41 -85.05
CA HIS C 47 24.34 7.80 -86.14
C HIS C 47 22.89 7.57 -85.73
N ARG C 48 22.02 7.40 -86.75
CA ARG C 48 20.61 7.24 -86.48
C ARG C 48 20.34 5.99 -85.65
N ARG C 49 21.06 4.89 -85.93
CA ARG C 49 20.87 3.69 -85.12
C ARG C 49 21.11 3.98 -83.65
N THR C 50 22.19 4.70 -83.34
CA THR C 50 22.53 4.92 -81.95
C THR C 50 21.55 5.88 -81.29
N VAL C 51 21.10 6.90 -82.02
CA VAL C 51 20.08 7.79 -81.47
C VAL C 51 18.82 7.02 -81.16
N LEU C 52 18.37 6.18 -82.09
CA LEU C 52 17.13 5.46 -81.89
C LEU C 52 17.25 4.48 -80.73
N PHE C 53 18.38 3.77 -80.63
CA PHE C 53 18.59 2.88 -79.50
C PHE C 53 18.58 3.66 -78.19
N ASN C 54 19.18 4.86 -78.20
CA ASN C 54 19.26 5.65 -76.98
C ASN C 54 17.89 6.15 -76.54
N GLU C 55 17.11 6.65 -77.49
CA GLU C 55 15.73 7.05 -77.20
C GLU C 55 14.92 5.86 -76.70
N LEU C 56 15.15 4.69 -77.29
CA LEU C 56 14.45 3.50 -76.83
C LEU C 56 14.76 3.21 -75.37
N MET C 57 16.04 3.20 -75.02
CA MET C 57 16.40 2.99 -73.62
C MET C 57 15.75 4.03 -72.72
N LEU C 58 15.82 5.31 -73.10
CA LEU C 58 15.28 6.36 -72.24
C LEU C 58 13.78 6.17 -72.03
N TRP C 59 13.03 5.96 -73.11
CA TRP C 59 11.58 5.84 -72.97
C TRP C 59 11.19 4.59 -72.21
N LEU C 60 11.89 3.48 -72.44
CA LEU C 60 11.62 2.28 -71.66
C LEU C 60 11.87 2.53 -70.18
N GLY C 61 12.97 3.21 -69.85
CA GLY C 61 13.26 3.50 -68.46
C GLY C 61 12.22 4.41 -67.83
N TYR C 62 11.75 5.40 -68.59
CA TYR C 62 10.72 6.30 -68.09
C TYR C 62 9.42 5.55 -67.83
N TYR C 63 9.03 4.67 -68.74
CA TYR C 63 7.83 3.86 -68.55
C TYR C 63 7.97 2.97 -67.33
N ARG C 64 9.14 2.35 -67.15
CA ARG C 64 9.36 1.52 -65.98
C ARG C 64 9.24 2.33 -64.70
N GLU C 65 9.81 3.54 -64.69
CA GLU C 65 9.72 4.40 -63.52
C GLU C 65 8.27 4.73 -63.18
N LEU C 66 7.49 5.11 -64.20
CA LEU C 66 6.08 5.37 -63.97
C LEU C 66 5.39 4.13 -63.39
N ARG C 67 5.46 3.00 -64.11
CA ARG C 67 4.77 1.80 -63.65
C ARG C 67 5.09 1.50 -62.20
N PHE C 68 6.34 1.77 -61.77
CA PHE C 68 6.71 1.54 -60.39
C PHE C 68 6.06 2.54 -59.45
N HIS C 69 6.04 3.81 -59.86
CA HIS C 69 5.62 4.88 -58.96
C HIS C 69 4.11 5.09 -58.99
N ASN C 70 3.39 4.37 -59.87
CA ASN C 70 1.95 4.55 -60.04
C ASN C 70 1.32 4.89 -58.70
N PRO C 71 0.37 5.84 -58.66
CA PRO C 71 -0.12 6.36 -57.37
C PRO C 71 -1.34 5.68 -56.77
N ASP C 72 -1.15 4.51 -56.15
CA ASP C 72 -2.23 3.89 -55.38
C ASP C 72 -2.86 4.92 -54.45
N LEU C 73 -4.18 5.06 -54.53
CA LEU C 73 -4.90 6.13 -53.84
C LEU C 73 -5.79 5.60 -52.72
N SER C 74 -5.36 4.53 -52.05
CA SER C 74 -6.23 3.85 -51.09
C SER C 74 -6.79 4.81 -50.05
N SER C 75 -6.03 5.84 -49.67
CA SER C 75 -6.50 6.77 -48.66
C SER C 75 -7.68 7.60 -49.18
N VAL C 76 -7.48 8.30 -50.29
CA VAL C 76 -8.58 9.04 -50.91
C VAL C 76 -9.66 8.08 -51.36
N LEU C 77 -9.25 6.89 -51.81
CA LEU C 77 -10.22 5.88 -52.23
C LEU C 77 -11.17 5.53 -51.09
N GLU C 78 -10.66 5.47 -49.85
CA GLU C 78 -11.52 5.22 -48.70
C GLU C 78 -12.32 6.46 -48.32
N GLU C 79 -11.70 7.63 -48.35
CA GLU C 79 -12.40 8.86 -47.97
C GLU C 79 -13.62 9.09 -48.86
N PHE C 80 -13.52 8.72 -50.14
CA PHE C 80 -14.65 8.84 -51.03
C PHE C 80 -15.85 8.05 -50.53
N GLU C 81 -15.61 6.86 -49.97
CA GLU C 81 -16.72 6.04 -49.49
C GLU C 81 -17.39 6.65 -48.28
N VAL C 82 -16.62 7.27 -47.39
CA VAL C 82 -17.21 7.94 -46.23
C VAL C 82 -18.05 9.12 -46.70
N ARG C 83 -17.53 9.90 -47.65
CA ARG C 83 -18.31 11.03 -48.16
C ARG C 83 -19.55 10.56 -48.91
N CYS C 84 -19.47 9.43 -49.60
CA CYS C 84 -20.64 8.90 -50.30
C CYS C 84 -21.70 8.41 -49.32
N VAL C 85 -21.28 7.76 -48.23
CA VAL C 85 -22.25 7.32 -47.24
C VAL C 85 -22.88 8.51 -46.54
N ALA C 86 -22.12 9.60 -46.34
CA ALA C 86 -22.72 10.80 -45.75
C ALA C 86 -23.75 11.41 -46.67
N VAL C 87 -23.44 11.50 -47.97
CA VAL C 87 -24.42 12.04 -48.91
C VAL C 87 -25.67 11.17 -48.92
N ALA C 88 -25.50 9.85 -48.88
CA ALA C 88 -26.66 8.96 -48.92
C ALA C 88 -27.50 9.09 -47.66
N ARG C 89 -26.85 9.24 -46.50
CA ARG C 89 -27.61 9.38 -45.26
C ARG C 89 -28.36 10.71 -45.21
N ARG C 90 -27.78 11.77 -45.78
CA ARG C 90 -28.49 13.04 -45.76
C ARG C 90 -29.54 13.15 -46.88
N GLY C 91 -29.43 12.34 -47.92
CA GLY C 91 -30.47 12.37 -48.95
C GLY C 91 -31.78 11.81 -48.45
N TYR C 92 -31.74 10.75 -47.65
CA TYR C 92 -32.98 10.13 -47.19
C TYR C 92 -33.78 11.07 -46.29
N THR C 93 -33.12 11.73 -45.35
CA THR C 93 -33.85 12.60 -44.44
C THR C 93 -34.39 13.83 -45.14
N TYR C 94 -33.66 14.34 -46.13
CA TYR C 94 -34.09 15.57 -46.78
C TYR C 94 -35.46 15.35 -47.42
N PRO C 95 -36.39 16.30 -47.29
CA PRO C 95 -37.69 16.12 -47.94
C PRO C 95 -37.71 16.61 -49.37
N PHE C 96 -38.06 15.72 -50.29
CA PHE C 96 -38.09 16.02 -51.72
C PHE C 96 -39.52 16.16 -52.20
N GLY C 97 -39.69 16.93 -53.27
CA GLY C 97 -40.99 16.98 -53.92
C GLY C 97 -41.40 15.64 -54.48
N ASP C 98 -40.47 14.96 -55.15
CA ASP C 98 -40.64 13.58 -55.57
C ASP C 98 -39.58 12.73 -54.90
N ARG C 99 -40.01 11.72 -54.16
CA ARG C 99 -39.10 10.85 -53.45
C ARG C 99 -38.78 9.57 -54.22
N GLY C 100 -39.46 9.31 -55.32
CA GLY C 100 -39.09 8.16 -56.14
C GLY C 100 -37.79 8.39 -56.89
N LYS C 101 -37.66 9.55 -57.53
CA LYS C 101 -36.43 9.89 -58.22
C LYS C 101 -35.27 10.02 -57.22
N ALA C 102 -35.50 10.71 -56.12
CA ALA C 102 -34.49 10.77 -55.07
C ALA C 102 -34.14 9.38 -54.57
N ARG C 103 -35.13 8.50 -54.48
CA ARG C 103 -34.88 7.17 -53.93
C ARG C 103 -33.99 6.35 -54.85
N ASP C 104 -34.27 6.35 -56.14
CA ASP C 104 -33.42 5.57 -57.05
C ASP C 104 -32.01 6.16 -57.12
N HIS C 105 -31.90 7.49 -57.08
CA HIS C 105 -30.56 8.07 -57.07
C HIS C 105 -29.80 7.70 -55.79
N LEU C 106 -30.49 7.71 -54.65
CA LEU C 106 -29.85 7.29 -53.41
C LEU C 106 -29.42 5.83 -53.46
N ALA C 107 -30.22 4.98 -54.11
CA ALA C 107 -29.81 3.58 -54.23
C ALA C 107 -28.57 3.43 -55.11
N VAL C 108 -28.54 4.16 -56.23
CA VAL C 108 -27.34 4.16 -57.06
C VAL C 108 -26.14 4.61 -56.24
N LEU C 109 -26.35 5.57 -55.33
CA LEU C 109 -25.26 6.00 -54.46
C LEU C 109 -24.83 4.88 -53.52
N ASP C 110 -25.79 4.18 -52.91
CA ASP C 110 -25.46 3.12 -51.96
C ASP C 110 -24.68 2.00 -52.61
N ARG C 111 -25.01 1.68 -53.87
CA ARG C 111 -24.34 0.57 -54.54
C ARG C 111 -22.84 0.83 -54.73
N THR C 112 -22.41 2.08 -54.65
CA THR C 112 -21.04 2.43 -55.00
C THR C 112 -20.04 1.74 -54.07
N GLU C 113 -19.06 1.07 -54.68
CA GLU C 113 -17.95 0.45 -53.99
C GLU C 113 -16.79 0.32 -54.98
N PHE C 114 -15.59 0.12 -54.44
CA PHE C 114 -14.38 0.07 -55.26
C PHE C 114 -13.84 -1.34 -55.36
N ASP C 115 -13.78 -1.86 -56.59
CA ASP C 115 -13.10 -3.11 -56.88
C ASP C 115 -11.59 -2.92 -56.82
N THR C 116 -10.88 -4.05 -56.82
CA THR C 116 -9.41 -4.00 -56.79
C THR C 116 -8.85 -3.35 -58.05
N ASP C 117 -9.47 -3.59 -59.21
CA ASP C 117 -8.91 -3.10 -60.47
C ASP C 117 -8.91 -1.58 -60.50
N VAL C 118 -7.76 -1.01 -60.87
CA VAL C 118 -7.62 0.45 -60.87
C VAL C 118 -8.35 1.07 -62.05
N ARG C 119 -8.46 0.35 -63.16
CA ARG C 119 -9.10 0.91 -64.35
C ARG C 119 -10.54 1.33 -64.07
N HIS C 120 -11.22 0.65 -63.14
CA HIS C 120 -12.62 0.91 -62.84
C HIS C 120 -12.83 2.01 -61.81
N ASP C 121 -11.77 2.48 -61.15
CA ASP C 121 -11.95 3.47 -60.09
C ASP C 121 -12.52 4.76 -60.64
N ALA C 122 -12.12 5.14 -61.85
CA ALA C 122 -12.64 6.37 -62.46
C ALA C 122 -14.09 6.20 -62.87
N GLU C 123 -14.45 5.01 -63.40
CA GLU C 123 -15.82 4.78 -63.83
C GLU C 123 -16.78 4.69 -62.64
N ILE C 124 -16.33 4.20 -61.49
CA ILE C 124 -17.19 4.17 -60.32
C ILE C 124 -17.45 5.59 -59.82
N VAL C 125 -16.40 6.41 -59.81
CA VAL C 125 -16.49 7.75 -59.26
C VAL C 125 -17.41 8.62 -60.09
N GLU C 126 -17.39 8.45 -61.41
CA GLU C 126 -18.21 9.29 -62.26
C GLU C 126 -19.70 9.03 -62.04
N ARG C 127 -20.09 7.76 -61.89
CA ARG C 127 -21.49 7.47 -61.63
C ARG C 127 -21.91 7.94 -60.25
N ALA C 128 -21.05 7.76 -59.24
CA ALA C 128 -21.38 8.27 -57.93
C ALA C 128 -21.50 9.80 -57.93
N LEU C 129 -20.75 10.47 -58.78
CA LEU C 129 -20.82 11.93 -58.83
C LEU C 129 -22.06 12.41 -59.56
N VAL C 130 -22.42 11.79 -60.67
CA VAL C 130 -23.62 12.20 -61.38
C VAL C 130 -24.85 11.99 -60.49
N SER C 131 -24.92 10.86 -59.79
CA SER C 131 -26.08 10.61 -58.95
C SER C 131 -26.17 11.59 -57.79
N ALA C 132 -25.04 12.05 -57.26
CA ALA C 132 -25.07 12.98 -56.13
C ALA C 132 -25.33 14.41 -56.60
N VAL C 133 -24.80 14.78 -57.77
CA VAL C 133 -25.03 16.13 -58.28
C VAL C 133 -26.50 16.31 -58.64
N ILE C 134 -27.14 15.29 -59.22
CA ILE C 134 -28.56 15.41 -59.50
C ILE C 134 -29.37 15.50 -58.22
N LEU C 135 -28.92 14.83 -57.15
CA LEU C 135 -29.64 14.90 -55.89
C LEU C 135 -29.51 16.29 -55.27
N ALA C 136 -28.32 16.87 -55.30
CA ALA C 136 -28.13 18.22 -54.77
C ALA C 136 -28.89 19.25 -55.58
N LYS C 137 -28.96 19.07 -56.90
CA LYS C 137 -29.69 20.02 -57.74
C LYS C 137 -31.19 19.97 -57.49
N MET C 138 -31.75 18.77 -57.29
CA MET C 138 -33.18 18.67 -56.99
C MET C 138 -33.53 19.42 -55.72
N SER C 139 -32.62 19.44 -54.75
CA SER C 139 -32.87 20.12 -53.48
C SER C 139 -32.99 21.63 -53.67
N VAL C 140 -32.20 22.21 -54.57
CA VAL C 140 -32.20 23.65 -54.80
C VAL C 140 -33.25 24.06 -55.81
N ARG C 141 -34.04 23.11 -56.32
CA ARG C 141 -35.11 23.41 -57.26
C ARG C 141 -34.57 23.93 -58.59
N GLU C 142 -33.32 23.61 -58.89
CA GLU C 142 -32.71 24.03 -60.14
C GLU C 142 -33.13 23.12 -61.28
N THR C 143 -33.20 23.69 -62.48
CA THR C 143 -33.50 22.91 -63.67
C THR C 143 -32.38 21.93 -63.98
N LEU C 144 -32.75 20.69 -64.28
CA LEU C 144 -31.81 19.62 -64.58
C LEU C 144 -32.13 19.04 -65.95
N VAL C 145 -31.09 18.58 -66.66
CA VAL C 145 -31.26 18.12 -68.03
C VAL C 145 -32.32 17.04 -68.10
N THR C 146 -33.21 17.17 -69.08
CA THR C 146 -34.22 16.16 -69.39
C THR C 146 -34.12 15.68 -70.83
N ALA C 147 -33.10 16.13 -71.56
CA ALA C 147 -32.98 15.80 -72.97
C ALA C 147 -32.65 14.32 -73.16
N ILE C 148 -33.08 13.79 -74.30
CA ILE C 148 -32.74 12.42 -74.67
C ILE C 148 -31.23 12.30 -74.85
N GLY C 149 -30.63 11.31 -74.20
CA GLY C 149 -29.20 11.08 -74.32
C GLY C 149 -28.34 12.27 -73.90
N GLN C 150 -28.73 12.94 -72.82
CA GLN C 150 -28.02 14.12 -72.30
C GLN C 150 -27.80 13.91 -70.80
N THR C 151 -26.65 13.33 -70.45
CA THR C 151 -26.27 13.19 -69.05
C THR C 151 -26.03 14.56 -68.41
N GLU C 152 -26.30 14.65 -67.11
CA GLU C 152 -26.07 15.90 -66.40
C GLU C 152 -24.58 16.06 -66.07
N PRO C 153 -24.02 17.25 -66.30
CA PRO C 153 -22.60 17.45 -66.05
C PRO C 153 -22.27 17.50 -64.56
N ILE C 154 -21.03 17.17 -64.24
CA ILE C 154 -20.52 17.22 -62.87
C ILE C 154 -20.12 18.65 -62.58
N ALA C 155 -20.65 19.20 -61.49
CA ALA C 155 -20.34 20.57 -61.11
C ALA C 155 -20.61 20.74 -59.62
N PHE C 156 -20.00 21.79 -59.06
CA PHE C 156 -20.34 22.23 -57.72
C PHE C 156 -21.64 23.02 -57.76
N VAL C 157 -22.36 23.01 -56.65
CA VAL C 157 -23.60 23.77 -56.52
C VAL C 157 -23.42 24.81 -55.43
N HIS C 158 -23.64 26.07 -55.79
CA HIS C 158 -23.64 27.18 -54.84
C HIS C 158 -22.32 27.30 -54.08
N LEU C 159 -21.21 27.30 -54.83
CA LEU C 159 -19.91 27.59 -54.28
C LEU C 159 -19.50 28.99 -54.69
N LYS C 160 -18.88 29.71 -53.77
CA LYS C 160 -18.34 31.02 -54.12
C LYS C 160 -17.31 30.88 -55.24
N ASP C 161 -17.14 31.96 -55.99
CA ASP C 161 -16.14 31.96 -57.05
C ASP C 161 -14.74 31.73 -56.49
N THR C 162 -14.44 32.28 -55.30
CA THR C 162 -13.13 32.08 -54.71
C THR C 162 -12.82 30.60 -54.49
N GLU C 163 -13.75 29.87 -53.88
CA GLU C 163 -13.50 28.46 -53.61
C GLU C 163 -13.38 27.67 -54.91
N VAL C 164 -14.18 28.04 -55.91
CA VAL C 164 -14.06 27.39 -57.22
C VAL C 164 -12.67 27.61 -57.79
N GLN C 165 -12.14 28.83 -57.70
CA GLN C 165 -10.82 29.10 -58.26
C GLN C 165 -9.76 28.31 -57.52
N ARG C 166 -9.81 28.31 -56.19
CA ARG C 166 -8.81 27.56 -55.43
C ARG C 166 -8.85 26.08 -55.78
N ILE C 167 -10.05 25.50 -55.85
CA ILE C 167 -10.19 24.07 -56.13
C ILE C 167 -9.73 23.76 -57.55
N GLU C 168 -10.05 24.63 -58.50
CA GLU C 168 -9.65 24.41 -59.88
C GLU C 168 -8.13 24.44 -60.02
N GLU C 169 -7.49 25.40 -59.36
CA GLU C 169 -6.03 25.47 -59.40
C GLU C 169 -5.42 24.22 -58.77
N ASN C 170 -5.98 23.75 -57.66
CA ASN C 170 -5.45 22.53 -57.06
C ASN C 170 -5.60 21.35 -58.00
N LEU C 171 -6.75 21.23 -58.68
CA LEU C 171 -6.96 20.12 -59.60
C LEU C 171 -5.96 20.16 -60.75
N GLU C 172 -5.73 21.36 -61.30
CA GLU C 172 -4.72 21.49 -62.34
C GLU C 172 -3.34 21.08 -61.84
N GLY C 173 -2.95 21.56 -60.67
CA GLY C 173 -1.64 21.24 -60.15
C GLY C 173 -1.45 19.74 -59.95
N VAL C 174 -2.50 19.07 -59.46
CA VAL C 174 -2.44 17.61 -59.33
C VAL C 174 -2.30 16.96 -60.69
N ARG C 175 -3.06 17.44 -61.67
CA ARG C 175 -3.00 16.83 -63.00
C ARG C 175 -1.61 16.98 -63.60
N ARG C 176 -0.90 18.06 -63.26
CA ARG C 176 0.45 18.24 -63.79
C ARG C 176 1.39 17.16 -63.26
N ASN C 177 1.41 16.97 -61.94
CA ASN C 177 2.18 15.92 -61.28
C ASN C 177 1.25 15.20 -60.32
N MET C 178 1.13 13.88 -60.48
CA MET C 178 0.11 13.11 -59.78
C MET C 178 0.63 12.26 -58.62
N PHE C 179 1.94 12.13 -58.47
CA PHE C 179 2.48 11.12 -57.57
C PHE C 179 2.25 11.48 -56.10
N CYS C 180 2.21 12.76 -55.77
CA CYS C 180 2.08 13.20 -54.38
C CYS C 180 0.91 14.17 -54.28
N VAL C 181 -0.29 13.61 -54.11
CA VAL C 181 -1.49 14.44 -53.98
C VAL C 181 -1.70 14.83 -52.53
N LYS C 182 -2.18 16.05 -52.32
CA LYS C 182 -2.56 16.51 -50.99
C LYS C 182 -4.07 16.75 -50.98
N PRO C 183 -4.87 15.82 -50.45
CA PRO C 183 -6.32 16.04 -50.40
C PRO C 183 -6.77 16.70 -49.10
N LEU C 184 -6.36 17.93 -48.84
CA LEU C 184 -6.67 18.59 -47.58
C LEU C 184 -7.48 19.88 -47.76
N ASP C 185 -7.85 20.22 -48.99
CA ASP C 185 -8.59 21.46 -49.19
C ASP C 185 -10.03 21.30 -48.71
N LEU C 186 -10.52 22.32 -47.98
CA LEU C 186 -11.95 22.47 -47.73
C LEU C 186 -12.24 23.82 -47.07
N ASN C 187 -13.18 24.58 -47.61
CA ASN C 187 -13.52 25.88 -47.04
C ASN C 187 -15.03 26.08 -46.86
N LEU C 188 -15.82 25.03 -46.93
CA LEU C 188 -17.27 25.17 -46.81
C LEU C 188 -17.64 25.72 -45.44
N ASP C 189 -18.71 26.50 -45.40
CA ASP C 189 -19.21 27.10 -44.17
C ASP C 189 -20.53 26.44 -43.78
N ARG C 190 -20.83 26.44 -42.49
CA ARG C 190 -22.07 25.82 -42.02
C ARG C 190 -23.29 26.65 -42.42
N HIS C 191 -23.27 27.95 -42.15
CA HIS C 191 -24.29 28.81 -42.73
C HIS C 191 -24.17 28.74 -44.24
N ALA C 192 -25.12 28.06 -44.88
CA ALA C 192 -24.79 27.57 -46.20
C ALA C 192 -25.92 26.80 -46.85
N ASN C 193 -25.70 26.43 -48.11
CA ASN C 193 -26.69 25.73 -48.92
C ASN C 193 -27.44 24.75 -48.01
N THR C 194 -26.81 23.70 -47.51
CA THR C 194 -27.47 22.78 -46.61
C THR C 194 -26.51 21.63 -46.36
N ALA C 195 -26.81 20.84 -45.34
CA ALA C 195 -25.97 19.67 -45.08
C ALA C 195 -25.85 18.82 -46.34
N LEU C 196 -26.95 18.65 -47.09
CA LEU C 196 -26.88 17.89 -48.33
C LEU C 196 -25.91 18.52 -49.33
N VAL C 197 -26.01 19.84 -49.51
CA VAL C 197 -25.18 20.52 -50.50
C VAL C 197 -23.72 20.43 -50.11
N ASN C 198 -23.40 20.63 -48.83
CA ASN C 198 -22.01 20.55 -48.41
C ASN C 198 -21.45 19.16 -48.57
N ALA C 199 -22.23 18.13 -48.22
CA ALA C 199 -21.77 16.77 -48.44
C ALA C 199 -21.47 16.52 -49.91
N VAL C 200 -22.36 17.00 -50.78
CA VAL C 200 -22.19 16.79 -52.22
C VAL C 200 -20.95 17.52 -52.73
N ASN C 201 -20.70 18.72 -52.22
CA ASN C 201 -19.53 19.48 -52.66
C ASN C 201 -18.23 18.79 -52.26
N LYS C 202 -18.15 18.31 -51.02
CA LYS C 202 -16.98 17.56 -50.61
C LYS C 202 -16.78 16.34 -51.50
N LEU C 203 -17.87 15.60 -51.75
CA LEU C 203 -17.77 14.41 -52.60
C LEU C 203 -17.31 14.77 -54.00
N VAL C 204 -17.79 15.89 -54.54
CA VAL C 204 -17.38 16.27 -55.88
C VAL C 204 -15.90 16.61 -55.93
N TYR C 205 -15.39 17.29 -54.91
CA TYR C 205 -13.95 17.54 -54.88
C TYR C 205 -13.17 16.23 -54.87
N THR C 206 -13.51 15.31 -53.98
CA THR C 206 -12.74 14.05 -53.92
C THR C 206 -12.82 13.28 -55.23
N GLY C 207 -14.01 13.20 -55.81
CA GLY C 207 -14.16 12.47 -57.06
C GLY C 207 -13.38 13.11 -58.19
N ARG C 208 -13.40 14.43 -58.28
CA ARG C 208 -12.58 15.11 -59.28
C ARG C 208 -11.10 14.82 -59.08
N LEU C 209 -10.66 14.81 -57.82
CA LEU C 209 -9.25 14.52 -57.54
C LEU C 209 -8.87 13.13 -58.05
N ILE C 210 -9.67 12.12 -57.71
CA ILE C 210 -9.39 10.77 -58.15
C ILE C 210 -9.39 10.68 -59.68
N MET C 211 -10.42 11.24 -60.31
CA MET C 211 -10.53 11.13 -61.76
C MET C 211 -9.34 11.78 -62.44
N ASN C 212 -8.91 12.95 -61.96
CA ASN C 212 -7.76 13.62 -62.56
C ASN C 212 -6.49 12.80 -62.39
N VAL C 213 -6.27 12.26 -61.19
CA VAL C 213 -5.08 11.43 -60.98
C VAL C 213 -5.05 10.32 -62.03
N ARG C 214 -6.15 9.58 -62.14
CA ARG C 214 -6.17 8.41 -63.01
C ARG C 214 -6.03 8.80 -64.48
N ARG C 215 -6.71 9.87 -64.90
CA ARG C 215 -6.66 10.25 -66.31
C ARG C 215 -5.29 10.75 -66.71
N SER C 216 -4.64 11.56 -65.86
CA SER C 216 -3.28 11.99 -66.17
C SER C 216 -2.34 10.79 -66.28
N TRP C 217 -2.48 9.82 -65.37
CA TRP C 217 -1.66 8.63 -65.45
C TRP C 217 -1.86 7.91 -66.79
N GLU C 218 -3.12 7.74 -67.19
CA GLU C 218 -3.39 7.03 -68.44
C GLU C 218 -2.80 7.78 -69.62
N GLU C 219 -2.89 9.11 -69.63
CA GLU C 219 -2.29 9.87 -70.71
C GLU C 219 -0.79 9.62 -70.81
N LEU C 220 -0.11 9.64 -69.66
CA LEU C 220 1.34 9.42 -69.69
C LEU C 220 1.67 8.03 -70.22
N GLU C 221 0.96 7.01 -69.73
CA GLU C 221 1.23 5.65 -70.17
C GLU C 221 0.97 5.48 -71.67
N ARG C 222 -0.11 6.08 -72.15
CA ARG C 222 -0.46 5.96 -73.56
C ARG C 222 0.59 6.59 -74.44
N LYS C 223 1.05 7.79 -74.08
CA LYS C 223 2.10 8.45 -74.86
C LYS C 223 3.39 7.65 -74.83
N CYS C 224 3.74 7.08 -73.66
CA CYS C 224 4.95 6.27 -73.57
C CYS C 224 4.88 5.08 -74.51
N LEU C 225 3.74 4.38 -74.53
CA LEU C 225 3.61 3.25 -75.44
C LEU C 225 3.74 3.68 -76.89
N ALA C 226 3.08 4.77 -77.26
CA ALA C 226 3.17 5.24 -78.64
C ALA C 226 4.61 5.49 -79.04
N ARG C 227 5.36 6.18 -78.17
CA ARG C 227 6.73 6.52 -78.49
C ARG C 227 7.61 5.28 -78.60
N ILE C 228 7.45 4.35 -77.66
CA ILE C 228 8.27 3.13 -77.71
C ILE C 228 8.01 2.37 -79.01
N GLN C 229 6.74 2.29 -79.42
CA GLN C 229 6.43 1.55 -80.64
C GLN C 229 7.01 2.25 -81.88
N GLU C 230 6.90 3.58 -81.94
CA GLU C 230 7.48 4.30 -83.08
C GLU C 230 8.99 4.11 -83.13
N ARG C 231 9.66 4.12 -81.98
CA ARG C 231 11.10 3.89 -81.97
C ARG C 231 11.44 2.48 -82.44
N CYS C 232 10.69 1.48 -81.98
CA CYS C 232 10.99 0.11 -82.38
C CYS C 232 10.85 -0.08 -83.88
N LYS C 233 9.82 0.51 -84.48
CA LYS C 233 9.65 0.36 -85.93
C LYS C 233 10.85 0.91 -86.69
N LEU C 234 11.25 2.14 -86.38
CA LEU C 234 12.35 2.76 -87.11
C LEU C 234 13.64 2.01 -86.91
N LEU C 235 13.91 1.60 -85.66
CA LEU C 235 15.15 0.88 -85.40
C LEU C 235 15.18 -0.44 -86.15
N VAL C 236 14.02 -1.10 -86.27
CA VAL C 236 13.98 -2.35 -87.02
C VAL C 236 14.23 -2.11 -88.50
N LYS C 237 13.73 -1.01 -89.04
CA LYS C 237 14.04 -0.71 -90.44
C LYS C 237 15.55 -0.50 -90.63
N GLU C 238 16.16 0.31 -89.75
CA GLU C 238 17.58 0.57 -89.86
C GLU C 238 18.39 -0.71 -89.77
N LEU C 239 18.07 -1.58 -88.80
CA LEU C 239 18.77 -2.84 -88.68
C LEU C 239 18.53 -3.73 -89.89
N ARG C 240 17.29 -3.81 -90.35
CA ARG C 240 16.95 -4.61 -91.52
C ARG C 240 17.74 -4.17 -92.75
N MET C 241 18.28 -2.94 -92.72
CA MET C 241 19.15 -2.53 -93.82
C MET C 241 20.31 -3.51 -94.03
N CYS C 242 20.85 -4.09 -92.95
CA CYS C 242 22.03 -4.95 -93.03
C CYS C 242 21.76 -6.31 -92.39
N LEU C 243 22.19 -7.37 -93.06
CA LEU C 243 21.93 -8.75 -92.64
C LEU C 243 23.20 -9.35 -92.03
N SER C 244 23.20 -9.52 -90.71
CA SER C 244 24.32 -10.09 -89.97
C SER C 244 23.76 -10.84 -88.78
N PHE C 245 24.59 -11.68 -88.16
CA PHE C 245 24.12 -12.37 -86.95
C PHE C 245 23.80 -11.37 -85.85
N ASP C 246 24.65 -10.37 -85.65
CA ASP C 246 24.37 -9.37 -84.63
C ASP C 246 23.16 -8.52 -85.00
N SER C 247 23.10 -8.08 -86.26
CA SER C 247 21.95 -7.31 -86.72
C SER C 247 20.68 -8.14 -86.65
N ASN C 248 20.74 -9.39 -87.10
CA ASN C 248 19.57 -10.26 -87.04
C ASN C 248 19.14 -10.52 -85.61
N TYR C 249 20.09 -10.69 -84.70
CA TYR C 249 19.73 -10.88 -83.30
C TYR C 249 19.01 -9.67 -82.74
N CYS C 250 19.53 -8.47 -83.02
CA CYS C 250 18.86 -7.26 -82.57
C CYS C 250 17.46 -7.15 -83.16
N ARG C 251 17.31 -7.44 -84.45
CA ARG C 251 16.01 -7.33 -85.09
C ARG C 251 15.03 -8.33 -84.52
N ASN C 252 15.49 -9.55 -84.23
CA ASN C 252 14.61 -10.53 -83.61
C ASN C 252 14.17 -10.06 -82.24
N ILE C 253 15.07 -9.45 -81.48
CA ILE C 253 14.66 -8.90 -80.18
C ILE C 253 13.63 -7.80 -80.37
N LEU C 254 13.78 -7.00 -81.42
CA LEU C 254 12.91 -5.83 -81.58
C LEU C 254 11.49 -6.20 -81.97
N LYS C 255 11.27 -7.43 -82.45
CA LYS C 255 9.93 -7.82 -82.91
C LYS C 255 8.90 -7.81 -81.80
N HIS C 256 9.31 -7.97 -80.54
CA HIS C 256 8.37 -8.17 -79.46
C HIS C 256 7.31 -7.06 -79.40
N ALA C 257 6.06 -7.46 -79.20
CA ALA C 257 4.95 -6.53 -79.09
C ALA C 257 5.02 -5.72 -77.80
N VAL C 258 4.83 -4.41 -77.92
CA VAL C 258 5.11 -3.50 -76.81
C VAL C 258 3.88 -3.09 -76.01
N GLU C 259 2.67 -3.36 -76.51
CA GLU C 259 1.46 -3.08 -75.72
C GLU C 259 1.53 -3.85 -74.41
N ASN C 260 0.81 -3.39 -73.39
CA ASN C 260 0.85 -4.12 -72.13
C ASN C 260 2.20 -4.02 -71.42
N GLY C 261 2.42 -2.87 -70.77
CA GLY C 261 3.71 -2.58 -70.15
C GLY C 261 4.45 -3.77 -69.57
N ASP C 262 3.74 -4.87 -69.30
CA ASP C 262 4.46 -6.12 -69.05
C ASP C 262 5.33 -6.50 -70.24
N SER C 263 4.81 -6.29 -71.45
CA SER C 263 5.64 -6.40 -72.66
C SER C 263 6.81 -5.44 -72.60
N ALA C 264 6.55 -4.20 -72.16
CA ALA C 264 7.62 -3.23 -72.06
C ALA C 264 8.75 -3.75 -71.20
N ASP C 265 8.42 -4.36 -70.06
CA ASP C 265 9.44 -4.87 -69.17
C ASP C 265 10.17 -6.06 -69.79
N THR C 266 9.44 -6.97 -70.43
CA THR C 266 10.11 -8.09 -71.09
C THR C 266 11.13 -7.59 -72.11
N LEU C 267 10.74 -6.63 -72.95
CA LEU C 267 11.65 -6.11 -73.95
C LEU C 267 12.84 -5.42 -73.31
N LEU C 268 12.61 -4.63 -72.27
CA LEU C 268 13.71 -3.95 -71.61
C LEU C 268 14.73 -4.94 -71.05
N GLU C 269 14.25 -5.96 -70.34
CA GLU C 269 15.16 -6.93 -69.75
C GLU C 269 15.92 -7.67 -70.83
N LEU C 270 15.28 -7.98 -71.96
CA LEU C 270 15.98 -8.70 -73.01
C LEU C 270 17.04 -7.82 -73.68
N LEU C 271 16.76 -6.53 -73.84
CA LEU C 271 17.76 -5.63 -74.38
C LEU C 271 18.95 -5.47 -73.44
N ILE C 272 18.67 -5.43 -72.13
CA ILE C 272 19.74 -5.32 -71.15
C ILE C 272 20.60 -6.57 -71.14
N GLU C 273 19.97 -7.75 -71.16
CA GLU C 273 20.70 -8.98 -70.86
C GLU C 273 21.59 -9.42 -72.01
N ASP C 274 21.20 -9.17 -73.25
CA ASP C 274 21.92 -9.67 -74.41
C ASP C 274 22.64 -8.55 -75.16
N PHE C 275 22.88 -7.43 -74.51
CA PHE C 275 23.55 -6.31 -75.16
C PHE C 275 24.92 -6.70 -75.69
N ASP C 276 25.62 -7.59 -74.99
CA ASP C 276 27.00 -7.90 -75.32
C ASP C 276 27.13 -8.58 -76.68
N ILE C 277 26.07 -9.19 -77.20
CA ILE C 277 26.21 -9.90 -78.46
C ILE C 277 25.84 -9.01 -79.65
N TYR C 278 24.81 -8.18 -79.52
CA TYR C 278 24.39 -7.34 -80.62
C TYR C 278 25.02 -5.95 -80.61
N VAL C 279 25.82 -5.62 -79.59
CA VAL C 279 26.35 -4.26 -79.48
C VAL C 279 27.27 -3.95 -80.65
N ASP C 280 27.91 -4.95 -81.24
CA ASP C 280 28.82 -4.69 -82.35
C ASP C 280 28.07 -4.12 -83.55
N SER C 281 26.74 -4.27 -83.59
CA SER C 281 25.98 -3.82 -84.73
C SER C 281 25.90 -2.29 -84.82
N PHE C 282 26.16 -1.60 -83.70
CA PHE C 282 26.00 -0.15 -83.64
C PHE C 282 27.36 0.52 -83.59
N PRO C 283 27.64 1.49 -84.45
CA PRO C 283 28.86 2.28 -84.29
C PRO C 283 28.76 3.15 -83.04
N GLN C 284 29.82 3.15 -82.25
CA GLN C 284 29.84 3.90 -81.00
C GLN C 284 31.15 4.66 -80.85
N SER C 285 31.12 5.67 -79.99
CA SER C 285 32.29 6.49 -79.68
C SER C 285 32.84 7.20 -80.91
N MET D 1 1.23 73.39 41.96
CA MET D 1 2.68 73.50 42.07
C MET D 1 3.06 74.18 43.37
N SER D 2 4.12 74.98 43.32
CA SER D 2 4.57 75.79 44.44
C SER D 2 4.54 77.25 44.01
N LEU D 3 4.02 78.11 44.87
CA LEU D 3 3.84 79.50 44.51
C LEU D 3 5.17 80.14 44.13
N GLN D 4 5.14 80.91 43.04
CA GLN D 4 6.32 81.58 42.50
C GLN D 4 6.19 83.08 42.73
N PHE D 5 7.13 83.66 43.47
CA PHE D 5 7.17 85.09 43.73
C PHE D 5 8.38 85.70 43.05
N ILE D 6 8.28 86.99 42.72
CA ILE D 6 9.29 87.65 41.90
C ILE D 6 10.44 88.18 42.74
N GLY D 7 10.15 89.13 43.63
CA GLY D 7 11.18 89.80 44.39
C GLY D 7 11.40 89.35 45.82
N LEU D 8 10.60 88.42 46.33
CA LEU D 8 10.66 88.08 47.74
C LEU D 8 11.96 87.34 48.08
N GLN D 9 12.49 87.60 49.27
CA GLN D 9 13.61 86.82 49.79
C GLN D 9 13.09 85.49 50.35
N ARG D 10 14.02 84.56 50.59
CA ARG D 10 13.61 83.27 51.14
C ARG D 10 12.87 83.45 52.47
N ARG D 11 13.31 84.43 53.24
CA ARG D 11 12.70 84.71 54.54
C ARG D 11 11.21 85.03 54.43
N ASP D 12 10.83 85.73 53.36
CA ASP D 12 9.43 86.11 53.15
C ASP D 12 8.65 85.03 52.43
N VAL D 13 9.29 84.30 51.52
CA VAL D 13 8.60 83.24 50.82
C VAL D 13 8.22 82.13 51.78
N VAL D 14 9.13 81.78 52.68
CA VAL D 14 8.80 80.75 53.67
C VAL D 14 7.68 81.21 54.60
N ALA D 15 7.66 82.51 54.93
CA ALA D 15 6.59 83.00 55.79
C ALA D 15 5.24 82.98 55.07
N LEU D 16 5.20 83.39 53.81
CA LEU D 16 3.96 83.37 53.06
C LEU D 16 3.46 81.94 52.87
N VAL D 17 4.37 80.97 52.75
CA VAL D 17 3.93 79.59 52.59
C VAL D 17 3.49 79.00 53.94
N ASN D 18 4.15 79.37 55.02
CA ASN D 18 3.75 78.87 56.33
C ASN D 18 2.40 79.44 56.77
N PHE D 19 2.10 80.68 56.38
CA PHE D 19 0.77 81.20 56.69
C PHE D 19 -0.33 80.39 56.00
N LEU D 20 -0.04 79.84 54.83
CA LEU D 20 -1.05 79.06 54.11
C LEU D 20 -1.15 77.64 54.69
N ARG D 21 -0.01 77.00 54.93
CA ARG D 21 -0.04 75.63 55.44
C ARG D 21 -0.81 75.55 56.75
N HIS D 22 -0.71 76.56 57.60
CA HIS D 22 -1.30 76.54 58.93
C HIS D 22 -2.57 77.38 59.01
N LEU D 23 -3.27 77.59 57.89
CA LEU D 23 -4.40 78.51 57.89
C LEU D 23 -5.53 78.02 58.80
N THR D 24 -5.62 76.71 59.02
CA THR D 24 -6.68 76.17 59.86
C THR D 24 -6.48 76.54 61.32
N GLN D 25 -5.23 76.54 61.79
CA GLN D 25 -4.97 76.72 63.21
C GLN D 25 -5.26 78.14 63.67
N LYS D 26 -4.93 79.13 62.87
CA LYS D 26 -5.00 80.50 63.33
C LYS D 26 -6.46 80.93 63.54
N PRO D 27 -6.77 81.59 64.65
CA PRO D 27 -8.08 82.22 64.79
C PRO D 27 -8.17 83.41 63.85
N ASP D 28 -9.40 83.79 63.52
CA ASP D 28 -9.58 84.84 62.52
C ASP D 28 -8.89 84.44 61.22
N VAL D 29 -9.41 83.41 60.55
CA VAL D 29 -8.78 82.92 59.34
C VAL D 29 -9.25 83.76 58.16
N ASP D 30 -8.64 84.92 57.99
CA ASP D 30 -8.96 85.86 56.93
C ASP D 30 -7.68 86.56 56.52
N LEU D 31 -7.39 86.57 55.22
CA LEU D 31 -6.11 87.11 54.77
C LEU D 31 -5.96 88.57 55.18
N GLU D 32 -7.04 89.35 55.10
CA GLU D 32 -6.97 90.74 55.48
C GLU D 32 -6.72 90.91 56.98
N ALA D 33 -7.17 89.94 57.79
CA ALA D 33 -6.94 89.97 59.23
C ALA D 33 -5.46 90.05 59.59
N HIS D 34 -4.58 89.76 58.63
CA HIS D 34 -3.14 89.69 58.87
C HIS D 34 -2.44 90.66 57.93
N PRO D 35 -2.42 91.95 58.27
CA PRO D 35 -1.72 92.92 57.41
C PRO D 35 -0.25 92.62 57.23
N LYS D 36 0.39 91.91 58.17
CA LYS D 36 1.80 91.59 58.02
C LYS D 36 2.05 90.63 56.85
N ILE D 37 1.15 89.68 56.62
CA ILE D 37 1.34 88.77 55.50
C ILE D 37 1.20 89.51 54.18
N LEU D 38 0.28 90.47 54.11
CA LEU D 38 0.19 91.30 52.90
C LEU D 38 1.40 92.20 52.77
N LYS D 39 1.98 92.65 53.89
CA LYS D 39 3.21 93.42 53.84
C LYS D 39 4.35 92.59 53.26
N LYS D 40 4.40 91.31 53.60
CA LYS D 40 5.43 90.43 53.05
C LYS D 40 5.37 90.38 51.53
N CYS D 41 4.34 90.97 50.92
CA CYS D 41 4.21 90.99 49.46
C CYS D 41 5.24 91.88 48.79
N GLY D 42 5.81 92.84 49.51
CA GLY D 42 6.73 93.79 48.92
C GLY D 42 6.14 95.14 48.59
N GLU D 43 5.00 95.49 49.17
CA GLU D 43 4.40 96.80 48.93
C GLU D 43 5.28 97.89 49.52
N LYS D 44 5.54 98.94 48.74
CA LYS D 44 6.36 100.09 49.08
C LYS D 44 7.84 99.77 49.05
N ARG D 45 8.22 98.53 48.76
CA ARG D 45 9.61 98.13 48.65
C ARG D 45 9.98 97.59 47.28
N LEU D 46 9.00 97.23 46.46
CA LEU D 46 9.24 96.69 45.13
C LEU D 46 8.47 97.49 44.11
N HIS D 47 8.76 97.23 42.84
CA HIS D 47 8.02 97.90 41.77
C HIS D 47 6.54 97.54 41.85
N ARG D 48 5.71 98.45 41.35
CA ARG D 48 4.27 98.27 41.46
C ARG D 48 3.81 97.00 40.74
N ARG D 49 4.35 96.73 39.55
CA ARG D 49 3.93 95.54 38.82
C ARG D 49 4.29 94.27 39.58
N THR D 50 5.47 94.22 40.18
CA THR D 50 5.85 93.07 40.97
C THR D 50 4.95 92.91 42.19
N VAL D 51 4.59 94.03 42.82
CA VAL D 51 3.69 93.95 43.97
C VAL D 51 2.35 93.38 43.56
N LEU D 52 1.82 93.83 42.42
CA LEU D 52 0.54 93.30 41.96
C LEU D 52 0.63 91.81 41.64
N PHE D 53 1.71 91.38 41.00
CA PHE D 53 1.89 89.96 40.74
C PHE D 53 1.95 89.16 42.03
N ASN D 54 2.69 89.66 43.02
CA ASN D 54 2.79 88.97 44.30
C ASN D 54 1.41 88.85 44.95
N GLU D 55 0.64 89.93 44.94
CA GLU D 55 -0.67 89.88 45.58
C GLU D 55 -1.62 88.94 44.84
N LEU D 56 -1.55 88.92 43.51
CA LEU D 56 -2.37 87.98 42.76
C LEU D 56 -2.03 86.55 43.12
N MET D 57 -0.74 86.22 43.18
CA MET D 57 -0.36 84.86 43.55
C MET D 57 -0.77 84.53 44.97
N LEU D 58 -0.64 85.50 45.88
CA LEU D 58 -1.02 85.26 47.26
C LEU D 58 -2.51 84.97 47.37
N TRP D 59 -3.33 85.79 46.73
CA TRP D 59 -4.77 85.59 46.79
C TRP D 59 -5.17 84.28 46.11
N LEU D 60 -4.50 83.90 45.04
CA LEU D 60 -4.80 82.62 44.41
C LEU D 60 -4.49 81.46 45.34
N GLY D 61 -3.33 81.48 45.99
CA GLY D 61 -3.01 80.41 46.95
C GLY D 61 -3.98 80.39 48.13
N TYR D 62 -4.36 81.57 48.61
CA TYR D 62 -5.29 81.66 49.73
C TYR D 62 -6.66 81.09 49.34
N TYR D 63 -7.18 81.49 48.18
CA TYR D 63 -8.46 80.97 47.72
C TYR D 63 -8.39 79.46 47.53
N ARG D 64 -7.27 78.96 47.01
CA ARG D 64 -7.10 77.52 46.85
C ARG D 64 -7.19 76.81 48.19
N GLU D 65 -6.48 77.30 49.20
CA GLU D 65 -6.55 76.70 50.53
C GLU D 65 -7.98 76.75 51.07
N LEU D 66 -8.62 77.92 50.96
CA LEU D 66 -9.98 78.05 51.47
C LEU D 66 -10.88 76.99 50.88
N ARG D 67 -10.95 76.92 49.55
CA ARG D 67 -11.82 75.93 48.92
C ARG D 67 -11.42 74.52 49.34
N PHE D 68 -10.12 74.28 49.51
CA PHE D 68 -9.68 72.94 49.86
C PHE D 68 -10.27 72.49 51.18
N HIS D 69 -10.14 73.32 52.22
CA HIS D 69 -10.62 72.88 53.52
C HIS D 69 -12.14 72.83 53.56
N ASN D 70 -12.79 73.97 53.33
CA ASN D 70 -14.20 74.01 52.95
C ASN D 70 -15.05 73.08 53.79
N PRO D 71 -15.45 73.50 55.00
CA PRO D 71 -16.06 72.59 55.98
C PRO D 71 -17.38 72.06 55.47
N ASP D 72 -17.51 70.74 55.46
CA ASP D 72 -18.76 70.06 55.10
C ASP D 72 -19.36 69.52 56.39
N LEU D 73 -20.46 70.11 56.82
CA LEU D 73 -21.03 69.83 58.14
C LEU D 73 -22.04 68.70 58.06
N SER D 74 -21.62 67.56 57.54
CA SER D 74 -22.55 66.45 57.36
C SER D 74 -23.21 66.07 58.68
N SER D 75 -22.42 65.96 59.75
CA SER D 75 -22.98 65.53 61.02
C SER D 75 -23.84 66.63 61.65
N VAL D 76 -23.46 67.89 61.47
CA VAL D 76 -24.30 68.97 61.98
C VAL D 76 -25.65 68.97 61.27
N LEU D 77 -25.66 68.69 59.96
CA LEU D 77 -26.92 68.59 59.25
C LEU D 77 -27.73 67.41 59.75
N GLU D 78 -27.06 66.28 60.00
CA GLU D 78 -27.73 65.13 60.59
C GLU D 78 -28.41 65.50 61.89
N GLU D 79 -27.70 66.18 62.77
CA GLU D 79 -28.26 66.58 64.06
C GLU D 79 -29.42 67.57 63.88
N PHE D 80 -29.30 68.49 62.93
CA PHE D 80 -30.36 69.47 62.74
C PHE D 80 -31.66 68.79 62.33
N GLU D 81 -31.57 67.77 61.46
CA GLU D 81 -32.79 67.05 61.08
C GLU D 81 -33.45 66.41 62.29
N VAL D 82 -32.67 65.73 63.12
CA VAL D 82 -33.20 65.08 64.30
C VAL D 82 -33.87 66.10 65.22
N ARG D 83 -33.18 67.20 65.50
CA ARG D 83 -33.71 68.17 66.44
C ARG D 83 -34.94 68.87 65.89
N CYS D 84 -35.01 69.07 64.58
CA CYS D 84 -36.22 69.62 63.99
C CYS D 84 -37.40 68.68 64.22
N VAL D 85 -37.20 67.38 63.97
CA VAL D 85 -38.27 66.43 64.20
C VAL D 85 -38.68 66.42 65.68
N ALA D 86 -37.71 66.52 66.58
CA ALA D 86 -38.02 66.52 68.01
C ALA D 86 -38.84 67.73 68.39
N VAL D 87 -38.47 68.90 67.89
CA VAL D 87 -39.27 70.09 68.16
C VAL D 87 -40.70 69.88 67.68
N ALA D 88 -40.85 69.27 66.50
CA ALA D 88 -42.20 69.06 65.97
C ALA D 88 -43.03 68.20 66.90
N ARG D 89 -42.47 67.10 67.40
CA ARG D 89 -43.23 66.22 68.29
C ARG D 89 -43.58 66.92 69.60
N ARG D 90 -42.58 67.52 70.24
CA ARG D 90 -42.85 68.21 71.50
C ARG D 90 -43.91 69.28 71.31
N GLY D 91 -43.93 69.92 70.14
CA GLY D 91 -44.98 70.90 69.86
C GLY D 91 -46.34 70.27 69.67
N TYR D 92 -46.41 69.16 68.92
CA TYR D 92 -47.70 68.54 68.66
C TYR D 92 -48.33 68.03 69.94
N THR D 93 -47.52 67.55 70.90
CA THR D 93 -48.09 67.15 72.18
C THR D 93 -48.61 68.36 72.96
N TYR D 94 -47.92 69.50 72.88
CA TYR D 94 -48.25 70.64 73.73
C TYR D 94 -49.63 71.21 73.38
N PRO D 95 -50.40 71.68 74.39
CA PRO D 95 -51.65 72.37 74.10
C PRO D 95 -51.51 73.88 73.95
N PHE D 96 -51.93 74.46 72.84
CA PHE D 96 -51.80 75.89 72.59
C PHE D 96 -53.15 76.60 72.74
N GLY D 97 -53.06 77.93 72.92
CA GLY D 97 -54.27 78.73 72.93
C GLY D 97 -55.00 78.72 71.59
N ASP D 98 -54.26 78.92 70.50
CA ASP D 98 -54.79 78.80 69.16
C ASP D 98 -54.01 77.69 68.46
N ARG D 99 -54.56 76.48 68.47
CA ARG D 99 -53.88 75.36 67.83
C ARG D 99 -53.76 75.58 66.34
N GLY D 100 -54.67 76.35 65.75
CA GLY D 100 -54.56 76.65 64.33
C GLY D 100 -53.29 77.42 63.99
N LYS D 101 -53.05 78.52 64.69
CA LYS D 101 -51.87 79.35 64.38
C LYS D 101 -50.58 78.59 64.65
N ALA D 102 -50.55 77.79 65.72
CA ALA D 102 -49.41 76.92 65.95
C ALA D 102 -49.28 75.84 64.88
N ARG D 103 -50.40 75.51 64.21
CA ARG D 103 -50.36 74.51 63.16
C ARG D 103 -49.57 74.98 61.96
N ASP D 104 -49.63 76.27 61.64
CA ASP D 104 -48.83 76.79 60.53
C ASP D 104 -47.36 76.55 60.79
N HIS D 105 -46.91 76.80 62.01
CA HIS D 105 -45.50 76.65 62.32
C HIS D 105 -45.11 75.18 62.43
N LEU D 106 -45.99 74.34 62.96
CA LEU D 106 -45.70 72.91 62.97
C LEU D 106 -45.63 72.34 61.55
N ALA D 107 -46.44 72.88 60.64
CA ALA D 107 -46.37 72.45 59.25
C ALA D 107 -45.08 72.93 58.58
N VAL D 108 -44.70 74.19 58.82
CA VAL D 108 -43.45 74.70 58.29
C VAL D 108 -42.28 73.90 58.84
N LEU D 109 -42.40 73.38 60.04
CA LEU D 109 -41.34 72.59 60.64
C LEU D 109 -41.33 71.16 60.10
N ASP D 110 -42.48 70.66 59.68
CA ASP D 110 -42.53 69.32 59.07
C ASP D 110 -42.03 69.34 57.63
N ARG D 111 -42.37 70.38 56.86
CA ARG D 111 -41.99 70.42 55.45
C ARG D 111 -40.52 70.74 55.24
N THR D 112 -39.80 71.11 56.29
CA THR D 112 -38.40 71.49 56.16
C THR D 112 -37.55 70.30 55.76
N GLU D 113 -36.69 70.49 54.77
CA GLU D 113 -35.72 69.47 54.38
C GLU D 113 -34.66 70.11 53.51
N PHE D 114 -33.49 69.47 53.46
CA PHE D 114 -32.34 70.03 52.76
C PHE D 114 -32.44 69.79 51.27
N ASP D 115 -32.17 70.85 50.50
CA ASP D 115 -32.21 70.81 49.05
C ASP D 115 -30.90 70.28 48.49
N THR D 116 -30.83 70.19 47.17
CA THR D 116 -29.61 69.76 46.50
C THR D 116 -28.48 70.77 46.68
N ASP D 117 -28.80 72.06 46.66
CA ASP D 117 -27.79 73.10 46.84
C ASP D 117 -27.54 73.39 48.32
N VAL D 118 -26.34 73.89 48.61
CA VAL D 118 -25.92 74.13 50.01
C VAL D 118 -26.39 75.50 50.51
N ARG D 119 -26.22 76.54 49.70
CA ARG D 119 -26.72 77.86 50.09
C ARG D 119 -28.19 77.78 50.47
N HIS D 120 -28.94 77.01 49.70
CA HIS D 120 -30.30 76.71 50.08
C HIS D 120 -30.34 76.12 51.47
N ASP D 121 -29.32 75.33 51.86
CA ASP D 121 -29.31 74.75 53.20
C ASP D 121 -29.25 75.84 54.27
N ALA D 122 -28.38 76.83 54.08
CA ALA D 122 -28.32 77.90 55.08
C ALA D 122 -29.67 78.63 55.18
N GLU D 123 -30.28 78.91 54.03
CA GLU D 123 -31.58 79.59 54.05
C GLU D 123 -32.65 78.74 54.73
N ILE D 124 -32.64 77.43 54.46
CA ILE D 124 -33.60 76.52 55.06
C ILE D 124 -33.49 76.56 56.57
N VAL D 125 -32.27 76.48 57.08
CA VAL D 125 -32.09 76.48 58.53
C VAL D 125 -32.63 77.76 59.13
N GLU D 126 -32.34 78.90 58.50
CA GLU D 126 -32.84 80.16 59.08
C GLU D 126 -34.36 80.18 59.12
N ARG D 127 -35.01 79.80 58.02
CA ARG D 127 -36.47 79.87 57.95
C ARG D 127 -37.11 78.91 58.94
N ALA D 128 -36.49 77.75 59.17
CA ALA D 128 -37.03 76.83 60.17
C ALA D 128 -36.87 77.37 61.57
N LEU D 129 -35.73 77.97 61.88
CA LEU D 129 -35.51 78.49 63.22
C LEU D 129 -36.53 79.59 63.56
N VAL D 130 -36.89 80.41 62.57
CA VAL D 130 -37.88 81.45 62.88
C VAL D 130 -39.16 80.84 63.43
N SER D 131 -39.70 79.83 62.74
CA SER D 131 -40.93 79.18 63.19
C SER D 131 -40.74 78.48 64.53
N ALA D 132 -39.60 77.79 64.71
CA ALA D 132 -39.39 77.08 65.98
C ALA D 132 -39.38 78.05 67.15
N VAL D 133 -38.68 79.17 67.02
CA VAL D 133 -38.63 80.15 68.10
C VAL D 133 -39.99 80.78 68.33
N ILE D 134 -40.73 81.05 67.25
CA ILE D 134 -42.09 81.56 67.41
C ILE D 134 -42.92 80.59 68.25
N LEU D 135 -42.79 79.30 67.96
CA LEU D 135 -43.52 78.29 68.71
C LEU D 135 -43.13 78.29 70.18
N ALA D 136 -41.83 78.30 70.46
CA ALA D 136 -41.37 78.32 71.85
C ALA D 136 -41.87 79.57 72.58
N LYS D 137 -41.85 80.72 71.91
CA LYS D 137 -42.36 81.93 72.53
C LYS D 137 -43.84 81.82 72.85
N MET D 138 -44.62 81.29 71.93
CA MET D 138 -46.04 81.09 72.20
C MET D 138 -46.24 80.13 73.37
N SER D 139 -45.36 79.14 73.51
CA SER D 139 -45.54 78.13 74.55
C SER D 139 -45.44 78.74 75.95
N VAL D 140 -44.53 79.69 76.15
CA VAL D 140 -44.34 80.30 77.46
C VAL D 140 -45.33 81.43 77.73
N ARG D 141 -46.29 81.65 76.82
CA ARG D 141 -47.31 82.69 76.96
C ARG D 141 -46.76 84.08 76.74
N GLU D 142 -45.52 84.20 76.25
CA GLU D 142 -44.97 85.48 75.87
C GLU D 142 -45.60 85.95 74.55
N THR D 143 -45.63 87.27 74.36
CA THR D 143 -46.22 87.84 73.16
C THR D 143 -45.14 87.99 72.11
N LEU D 144 -45.27 87.25 71.02
CA LEU D 144 -44.36 87.38 69.90
C LEU D 144 -44.59 88.70 69.18
N VAL D 145 -43.54 89.20 68.52
CA VAL D 145 -43.64 90.45 67.78
C VAL D 145 -44.54 90.25 66.57
N THR D 146 -45.53 91.14 66.43
CA THR D 146 -46.45 91.08 65.31
C THR D 146 -46.32 92.28 64.37
N ALA D 147 -45.36 93.16 64.61
CA ALA D 147 -45.13 94.27 63.70
C ALA D 147 -44.64 93.77 62.35
N ILE D 148 -45.15 94.36 61.27
CA ILE D 148 -44.84 93.88 59.93
C ILE D 148 -43.50 94.43 59.49
N GLY D 149 -42.62 93.54 59.02
CA GLY D 149 -41.25 93.88 58.71
C GLY D 149 -40.27 93.63 59.84
N GLN D 150 -40.80 93.28 61.00
CA GLN D 150 -40.01 92.93 62.16
C GLN D 150 -40.37 91.47 62.39
N THR D 151 -40.06 90.65 61.38
CA THR D 151 -40.33 89.20 61.34
C THR D 151 -40.13 88.52 62.68
N GLU D 152 -38.88 88.38 63.12
CA GLU D 152 -38.62 87.82 64.43
C GLU D 152 -37.14 87.80 64.75
N PRO D 153 -36.79 87.99 66.02
CA PRO D 153 -35.40 87.74 66.44
C PRO D 153 -35.20 86.29 66.86
N ILE D 154 -34.20 85.63 66.28
CA ILE D 154 -33.85 84.28 66.73
C ILE D 154 -33.05 84.42 68.01
N ALA D 155 -33.56 83.85 69.09
CA ALA D 155 -32.92 84.00 70.39
C ALA D 155 -33.31 82.83 71.27
N PHE D 156 -32.45 82.54 72.25
CA PHE D 156 -32.75 81.52 73.23
C PHE D 156 -33.84 82.00 74.18
N VAL D 157 -34.60 81.05 74.72
CA VAL D 157 -35.73 81.36 75.58
C VAL D 157 -35.49 80.77 76.97
N HIS D 158 -35.68 81.60 77.99
CA HIS D 158 -35.54 81.18 79.38
C HIS D 158 -34.17 80.57 79.66
N LEU D 159 -33.12 81.25 79.23
CA LEU D 159 -31.75 80.90 79.58
C LEU D 159 -31.13 82.08 80.32
N LYS D 160 -30.34 81.77 81.34
CA LYS D 160 -29.71 82.81 82.13
C LYS D 160 -28.74 83.62 81.27
N ASP D 161 -28.51 84.87 81.65
CA ASP D 161 -27.67 85.74 80.85
C ASP D 161 -26.28 85.14 80.63
N THR D 162 -25.73 84.48 81.65
CA THR D 162 -24.37 83.97 81.56
C THR D 162 -24.24 82.91 80.48
N GLU D 163 -25.19 81.96 80.44
CA GLU D 163 -25.14 80.90 79.45
C GLU D 163 -25.24 81.47 78.04
N VAL D 164 -26.17 82.42 77.84
CA VAL D 164 -26.32 83.04 76.53
C VAL D 164 -25.04 83.76 76.13
N GLN D 165 -24.41 84.44 77.09
CA GLN D 165 -23.15 85.13 76.78
C GLN D 165 -22.07 84.14 76.34
N ARG D 166 -21.93 83.04 77.07
CA ARG D 166 -20.94 82.04 76.70
C ARG D 166 -21.23 81.47 75.32
N ILE D 167 -22.49 81.16 75.04
CA ILE D 167 -22.83 80.52 73.78
C ILE D 167 -22.65 81.49 72.63
N GLU D 168 -22.98 82.76 72.84
CA GLU D 168 -22.73 83.77 71.81
C GLU D 168 -21.25 83.90 71.53
N GLU D 169 -20.43 83.88 72.58
CA GLU D 169 -18.98 83.90 72.36
C GLU D 169 -18.55 82.71 71.52
N ASN D 170 -19.11 81.53 71.80
CA ASN D 170 -18.76 80.33 71.04
C ASN D 170 -19.13 80.47 69.57
N LEU D 171 -20.34 80.96 69.29
CA LEU D 171 -20.77 81.08 67.90
C LEU D 171 -19.98 82.14 67.16
N GLU D 172 -19.68 83.26 67.82
CA GLU D 172 -18.80 84.25 67.20
C GLU D 172 -17.44 83.66 66.89
N GLY D 173 -16.89 82.87 67.82
CA GLY D 173 -15.62 82.24 67.57
C GLY D 173 -15.64 81.33 66.36
N VAL D 174 -16.72 80.55 66.21
CA VAL D 174 -16.84 79.74 64.99
C VAL D 174 -16.93 80.64 63.77
N ARG D 175 -17.58 81.79 63.92
CA ARG D 175 -17.65 82.76 62.84
C ARG D 175 -16.25 83.18 62.39
N ARG D 176 -15.33 83.36 63.34
CA ARG D 176 -14.00 83.87 62.99
C ARG D 176 -13.15 82.80 62.32
N ASN D 177 -13.20 81.56 62.81
CA ASN D 177 -12.46 80.45 62.23
C ASN D 177 -13.44 79.29 62.07
N MET D 178 -14.06 79.19 60.89
CA MET D 178 -15.07 78.18 60.64
C MET D 178 -14.48 76.77 60.60
N PHE D 179 -13.25 76.63 60.15
CA PHE D 179 -12.68 75.31 59.90
C PHE D 179 -12.59 74.47 61.18
N CYS D 180 -12.33 75.10 62.31
CA CYS D 180 -12.20 74.40 63.59
C CYS D 180 -13.43 74.63 64.45
N VAL D 181 -14.06 73.54 64.87
CA VAL D 181 -15.28 73.58 65.69
C VAL D 181 -14.96 72.95 67.04
N LYS D 182 -15.38 73.63 68.12
CA LYS D 182 -15.14 73.17 69.48
C LYS D 182 -16.44 72.77 70.16
N PRO D 183 -16.49 71.62 70.83
CA PRO D 183 -17.71 71.22 71.56
C PRO D 183 -17.95 72.08 72.78
N LEU D 184 -19.21 72.13 73.21
CA LEU D 184 -19.64 72.96 74.33
C LEU D 184 -19.88 72.11 75.58
N ASP D 185 -19.23 72.47 76.69
CA ASP D 185 -19.52 71.81 77.96
C ASP D 185 -20.85 72.29 78.53
N LEU D 186 -21.13 73.59 78.44
CA LEU D 186 -22.39 74.12 78.94
C LEU D 186 -23.54 73.48 78.19
N ASN D 187 -24.56 73.06 78.93
CA ASN D 187 -25.68 72.33 78.36
C ASN D 187 -26.92 73.20 78.32
N LEU D 188 -27.51 73.29 77.13
CA LEU D 188 -28.71 74.11 76.96
C LEU D 188 -29.89 73.54 77.73
N ASP D 189 -29.95 72.20 77.85
CA ASP D 189 -31.06 71.55 78.53
C ASP D 189 -31.10 71.94 80.00
N ARG D 190 -32.26 72.36 80.47
CA ARG D 190 -32.44 72.79 81.86
C ARG D 190 -33.70 72.14 82.44
N HIS D 191 -33.62 71.76 83.70
CA HIS D 191 -34.71 71.03 84.34
C HIS D 191 -35.94 71.93 84.53
N ALA D 192 -35.72 73.22 84.77
CA ALA D 192 -36.85 74.11 84.98
C ALA D 192 -37.70 74.26 83.73
N ASN D 193 -37.05 74.41 82.58
CA ASN D 193 -37.76 74.72 81.34
C ASN D 193 -38.59 73.54 80.86
N THR D 194 -39.63 73.84 80.11
CA THR D 194 -40.41 72.81 79.44
C THR D 194 -39.53 72.03 78.48
N ALA D 195 -39.91 70.77 78.23
CA ALA D 195 -39.15 69.97 77.27
C ALA D 195 -39.23 70.56 75.87
N LEU D 196 -40.38 71.14 75.51
CA LEU D 196 -40.47 71.85 74.23
C LEU D 196 -39.41 72.94 74.13
N VAL D 197 -39.23 73.71 75.20
CA VAL D 197 -38.26 74.80 75.19
C VAL D 197 -36.84 74.24 75.04
N ASN D 198 -36.54 73.13 75.71
CA ASN D 198 -35.20 72.56 75.61
C ASN D 198 -34.90 72.07 74.20
N ALA D 199 -35.88 71.40 73.58
CA ALA D 199 -35.72 70.99 72.19
C ALA D 199 -35.51 72.20 71.29
N VAL D 200 -36.30 73.25 71.49
CA VAL D 200 -36.17 74.45 70.68
C VAL D 200 -34.78 75.04 70.82
N ASN D 201 -34.27 75.11 72.05
CA ASN D 201 -32.98 75.74 72.27
C ASN D 201 -31.85 74.94 71.63
N LYS D 202 -31.93 73.61 71.70
CA LYS D 202 -30.89 72.79 71.06
C LYS D 202 -30.94 72.95 69.54
N LEU D 203 -32.14 72.95 68.96
CA LEU D 203 -32.26 73.17 67.53
C LEU D 203 -31.70 74.53 67.14
N VAL D 204 -31.97 75.55 67.97
CA VAL D 204 -31.47 76.89 67.68
C VAL D 204 -29.95 76.93 67.68
N TYR D 205 -29.33 76.26 68.66
CA TYR D 205 -27.88 76.26 68.69
C TYR D 205 -27.31 75.61 67.43
N THR D 206 -27.81 74.44 67.05
CA THR D 206 -27.27 73.78 65.86
C THR D 206 -27.49 74.63 64.62
N GLY D 207 -28.68 75.24 64.49
CA GLY D 207 -28.96 76.03 63.32
C GLY D 207 -28.09 77.27 63.22
N ARG D 208 -27.82 77.91 64.35
CA ARG D 208 -26.88 79.03 64.35
C ARG D 208 -25.50 78.57 63.90
N LEU D 209 -25.09 77.39 64.35
CA LEU D 209 -23.81 76.85 63.89
C LEU D 209 -23.77 76.73 62.38
N ILE D 210 -24.78 76.08 61.81
CA ILE D 210 -24.81 75.87 60.36
C ILE D 210 -24.81 77.20 59.62
N MET D 211 -25.70 78.11 60.03
CA MET D 211 -25.82 79.39 59.35
C MET D 211 -24.51 80.15 59.37
N ASN D 212 -23.87 80.23 60.54
CA ASN D 212 -22.63 80.98 60.65
C ASN D 212 -21.54 80.36 59.77
N VAL D 213 -21.34 79.05 59.86
CA VAL D 213 -20.30 78.44 59.04
C VAL D 213 -20.53 78.75 57.57
N ARG D 214 -21.74 78.50 57.09
CA ARG D 214 -22.00 78.60 55.66
C ARG D 214 -21.86 80.04 55.17
N ARG D 215 -22.46 80.99 55.90
CA ARG D 215 -22.42 82.39 55.47
C ARG D 215 -21.00 82.95 55.51
N SER D 216 -20.25 82.63 56.57
CA SER D 216 -18.89 83.13 56.68
C SER D 216 -18.03 82.62 55.55
N TRP D 217 -18.14 81.32 55.24
CA TRP D 217 -17.37 80.80 54.11
C TRP D 217 -17.75 81.52 52.82
N GLU D 218 -19.05 81.66 52.56
CA GLU D 218 -19.46 82.27 51.30
C GLU D 218 -18.91 83.69 51.17
N GLU D 219 -18.88 84.42 52.28
CA GLU D 219 -18.33 85.78 52.25
C GLU D 219 -16.83 85.76 51.97
N LEU D 220 -16.11 84.83 52.59
CA LEU D 220 -14.68 84.74 52.32
C LEU D 220 -14.42 84.47 50.85
N GLU D 221 -15.19 83.56 50.25
CA GLU D 221 -15.00 83.26 48.84
C GLU D 221 -15.30 84.47 47.97
N ARG D 222 -16.37 85.19 48.29
CA ARG D 222 -16.70 86.40 47.54
C ARG D 222 -15.55 87.40 47.57
N LYS D 223 -15.00 87.63 48.76
CA LYS D 223 -13.90 88.58 48.89
C LYS D 223 -12.67 88.12 48.12
N CYS D 224 -12.34 86.83 48.22
CA CYS D 224 -11.17 86.34 47.49
C CYS D 224 -11.32 86.56 45.99
N LEU D 225 -12.48 86.20 45.44
CA LEU D 225 -12.68 86.39 44.01
C LEU D 225 -12.57 87.86 43.63
N ALA D 226 -13.13 88.75 44.44
CA ALA D 226 -13.09 90.17 44.11
C ALA D 226 -11.66 90.70 44.11
N ARG D 227 -10.87 90.33 45.12
CA ARG D 227 -9.48 90.75 45.17
C ARG D 227 -8.71 90.24 43.97
N ILE D 228 -8.94 88.97 43.61
CA ILE D 228 -8.22 88.39 42.48
C ILE D 228 -8.55 89.15 41.20
N GLN D 229 -9.82 89.51 41.02
CA GLN D 229 -10.21 90.20 39.80
C GLN D 229 -9.61 91.60 39.73
N GLU D 230 -9.61 92.32 40.86
CA GLU D 230 -8.95 93.62 40.89
C GLU D 230 -7.48 93.49 40.51
N ARG D 231 -6.79 92.52 41.10
CA ARG D 231 -5.37 92.36 40.82
C ARG D 231 -5.13 92.03 39.36
N CYS D 232 -5.94 91.14 38.78
CA CYS D 232 -5.79 90.81 37.37
C CYS D 232 -5.95 92.05 36.49
N LYS D 233 -7.03 92.81 36.70
CA LYS D 233 -7.27 93.96 35.84
C LYS D 233 -6.16 94.99 35.96
N LEU D 234 -5.72 95.29 37.18
CA LEU D 234 -4.67 96.29 37.35
C LEU D 234 -3.36 95.81 36.76
N LEU D 235 -3.01 94.54 36.99
CA LEU D 235 -1.77 94.01 36.44
C LEU D 235 -1.78 94.05 34.92
N VAL D 236 -2.95 93.81 34.31
CA VAL D 236 -3.03 93.92 32.86
C VAL D 236 -2.88 95.36 32.40
N LYS D 237 -3.51 96.30 33.12
CA LYS D 237 -3.30 97.71 32.83
C LYS D 237 -1.81 98.04 32.82
N GLU D 238 -1.07 97.49 33.76
CA GLU D 238 0.37 97.75 33.83
C GLU D 238 1.12 97.08 32.68
N LEU D 239 0.89 95.79 32.47
CA LEU D 239 1.66 95.04 31.46
C LEU D 239 1.37 95.51 30.05
N ARG D 240 0.22 96.15 29.81
CA ARG D 240 -0.08 96.64 28.47
C ARG D 240 0.88 97.74 28.04
N MET D 241 1.60 98.32 29.00
CA MET D 241 2.56 99.38 28.65
C MET D 241 3.64 98.89 27.70
N CYS D 242 4.26 97.76 28.02
CA CYS D 242 5.40 97.25 27.26
C CYS D 242 4.95 96.14 26.33
N LEU D 243 5.36 96.23 25.06
CA LEU D 243 4.94 95.28 24.04
C LEU D 243 6.00 94.21 23.77
N SER D 244 6.83 93.89 24.76
CA SER D 244 7.78 92.80 24.63
C SER D 244 7.05 91.49 24.36
N PHE D 245 7.79 90.48 23.91
CA PHE D 245 7.21 89.16 23.78
C PHE D 245 6.68 88.66 25.11
N ASP D 246 7.50 88.74 26.17
CA ASP D 246 7.12 88.18 27.46
C ASP D 246 6.00 88.97 28.12
N SER D 247 5.95 90.28 27.91
CA SER D 247 4.85 91.06 28.46
C SER D 247 3.53 90.67 27.80
N ASN D 248 3.53 90.54 26.47
CA ASN D 248 2.35 90.07 25.77
C ASN D 248 1.97 88.68 26.21
N TYR D 249 2.97 87.83 26.50
CA TYR D 249 2.69 86.49 26.99
C TYR D 249 1.97 86.53 28.34
N CYS D 250 2.45 87.36 29.25
CA CYS D 250 1.81 87.45 30.56
C CYS D 250 0.37 87.95 30.43
N ARG D 251 0.14 88.97 29.60
CA ARG D 251 -1.22 89.43 29.39
C ARG D 251 -2.09 88.34 28.78
N ASN D 252 -1.56 87.61 27.80
CA ASN D 252 -2.31 86.51 27.19
C ASN D 252 -2.72 85.49 28.25
N ILE D 253 -1.83 85.20 29.20
CA ILE D 253 -2.22 84.34 30.31
C ILE D 253 -3.38 84.96 31.07
N LEU D 254 -3.28 86.25 31.36
CA LEU D 254 -4.25 86.90 32.23
C LEU D 254 -5.60 87.14 31.55
N LYS D 255 -5.71 86.90 30.25
CA LYS D 255 -6.97 87.19 29.55
C LYS D 255 -8.14 86.40 30.14
N HIS D 256 -7.90 85.21 30.66
CA HIS D 256 -8.97 84.39 31.21
C HIS D 256 -9.71 85.12 32.33
N ALA D 257 -11.03 85.00 32.33
CA ALA D 257 -11.84 85.54 33.42
C ALA D 257 -11.78 84.63 34.64
N VAL D 258 -11.68 85.25 35.83
CA VAL D 258 -11.32 84.51 37.03
C VAL D 258 -12.50 84.19 37.95
N GLU D 259 -13.72 84.42 37.49
CA GLU D 259 -14.90 83.94 38.19
C GLU D 259 -14.85 82.42 38.34
N ASN D 260 -15.54 81.87 39.35
CA ASN D 260 -15.66 80.41 39.42
C ASN D 260 -14.35 79.68 39.73
N GLY D 261 -13.98 79.66 41.01
CA GLY D 261 -12.69 79.12 41.46
C GLY D 261 -12.14 77.96 40.64
N ASP D 262 -12.98 77.28 39.84
CA ASP D 262 -12.42 76.43 38.80
C ASP D 262 -11.50 77.22 37.87
N SER D 263 -11.97 78.41 37.47
CA SER D 263 -11.14 79.33 36.72
C SER D 263 -9.92 79.74 37.53
N ALA D 264 -10.07 79.87 38.84
CA ALA D 264 -8.93 80.20 39.68
C ALA D 264 -7.85 79.13 39.60
N ASP D 265 -8.26 77.86 39.70
CA ASP D 265 -7.28 76.78 39.58
C ASP D 265 -6.60 76.82 38.22
N THR D 266 -7.38 76.96 37.15
CA THR D 266 -6.76 76.97 35.83
C THR D 266 -5.78 78.12 35.69
N LEU D 267 -6.16 79.32 36.15
CA LEU D 267 -5.28 80.46 36.06
C LEU D 267 -4.00 80.26 36.85
N LEU D 268 -4.12 79.78 38.09
CA LEU D 268 -2.93 79.59 38.91
C LEU D 268 -1.97 78.59 38.26
N GLU D 269 -2.51 77.47 37.78
CA GLU D 269 -1.63 76.46 37.19
C GLU D 269 -0.98 76.98 35.91
N LEU D 270 -1.70 77.76 35.12
CA LEU D 270 -1.10 78.35 33.92
C LEU D 270 -0.02 79.36 34.28
N LEU D 271 -0.26 80.16 35.31
CA LEU D 271 0.77 81.10 35.76
C LEU D 271 2.02 80.36 36.18
N ILE D 272 1.87 79.33 37.01
CA ILE D 272 3.04 78.65 37.55
C ILE D 272 3.81 77.92 36.46
N GLU D 273 3.10 77.24 35.55
CA GLU D 273 3.80 76.35 34.64
C GLU D 273 4.66 77.11 33.63
N ASP D 274 4.20 78.29 33.19
CA ASP D 274 4.94 79.11 32.24
C ASP D 274 5.70 80.24 32.91
N PHE D 275 6.09 80.07 34.18
CA PHE D 275 6.73 81.16 34.90
C PHE D 275 8.05 81.57 34.26
N ASP D 276 8.86 80.59 33.83
CA ASP D 276 10.19 80.91 33.35
C ASP D 276 10.15 81.79 32.11
N ILE D 277 9.07 81.73 31.34
CA ILE D 277 9.04 82.42 30.06
C ILE D 277 8.78 83.91 30.24
N TYR D 278 7.88 84.29 31.15
CA TYR D 278 7.46 85.68 31.27
C TYR D 278 8.09 86.41 32.46
N VAL D 279 8.89 85.73 33.29
CA VAL D 279 9.36 86.35 34.51
C VAL D 279 10.28 87.52 34.23
N ASP D 280 10.98 87.51 33.09
CA ASP D 280 11.92 88.57 32.78
C ASP D 280 11.23 89.92 32.67
N SER D 281 9.92 89.93 32.36
CA SER D 281 9.20 91.18 32.27
C SER D 281 9.28 91.97 33.57
N PHE D 282 8.84 91.37 34.67
CA PHE D 282 8.80 92.08 35.94
C PHE D 282 10.19 92.44 36.41
N PRO D 283 10.41 93.66 36.91
CA PRO D 283 11.74 94.01 37.44
C PRO D 283 11.94 93.51 38.86
N GLN D 284 12.85 92.56 39.03
CA GLN D 284 13.09 91.98 40.34
C GLN D 284 13.94 92.92 41.19
N SER D 285 13.63 92.97 42.48
CA SER D 285 14.35 93.84 43.42
C SER D 285 14.45 95.26 42.89
N MET E 1 14.08 37.83 73.62
CA MET E 1 13.14 38.80 73.06
C MET E 1 13.60 39.25 71.68
N SER E 2 14.82 39.78 71.61
CA SER E 2 15.37 40.21 70.33
C SER E 2 15.59 39.02 69.41
N LEU E 3 15.42 39.25 68.11
CA LEU E 3 15.71 38.20 67.14
C LEU E 3 17.19 37.83 67.20
N GLN E 4 17.47 36.57 66.93
CA GLN E 4 18.82 36.03 67.03
C GLN E 4 19.30 35.56 65.67
N PHE E 5 20.46 36.06 65.23
CA PHE E 5 21.01 35.77 63.92
C PHE E 5 22.36 35.10 64.08
N ILE E 6 22.55 33.96 63.43
CA ILE E 6 23.73 33.14 63.70
C ILE E 6 24.99 33.83 63.16
N GLY E 7 25.08 33.99 61.84
CA GLY E 7 26.36 34.32 61.23
C GLY E 7 26.70 35.80 61.24
N LEU E 8 25.70 36.65 61.06
CA LEU E 8 25.93 38.03 60.67
C LEU E 8 26.81 38.78 61.66
N GLN E 9 27.45 39.84 61.17
CA GLN E 9 28.15 40.79 62.02
C GLN E 9 27.15 41.74 62.67
N ARG E 10 27.56 42.30 63.81
CA ARG E 10 26.64 43.12 64.59
C ARG E 10 26.05 44.25 63.75
N ARG E 11 26.81 44.68 62.75
CA ARG E 11 26.37 45.75 61.86
C ARG E 11 25.10 45.37 61.13
N ASP E 12 25.15 44.27 60.39
CA ASP E 12 23.97 43.80 59.67
C ASP E 12 22.82 43.55 60.62
N VAL E 13 23.11 43.04 61.82
CA VAL E 13 22.06 42.78 62.78
C VAL E 13 21.37 44.08 63.19
N VAL E 14 22.15 45.13 63.41
CA VAL E 14 21.57 46.43 63.73
C VAL E 14 20.77 46.95 62.55
N ALA E 15 21.26 46.69 61.33
CA ALA E 15 20.50 47.11 60.15
C ALA E 15 19.13 46.45 60.12
N LEU E 16 19.07 45.14 60.35
CA LEU E 16 17.79 44.44 60.31
C LEU E 16 16.87 44.92 61.44
N VAL E 17 17.43 45.13 62.63
CA VAL E 17 16.61 45.63 63.74
C VAL E 17 16.05 47.01 63.40
N ASN E 18 16.85 47.87 62.76
CA ASN E 18 16.33 49.17 62.37
C ASN E 18 15.25 49.03 61.30
N PHE E 19 15.45 48.11 60.35
CA PHE E 19 14.44 47.88 59.32
C PHE E 19 13.10 47.52 59.94
N LEU E 20 13.11 46.65 60.95
CA LEU E 20 11.84 46.18 61.49
C LEU E 20 10.99 47.33 62.03
N ARG E 21 11.61 48.24 62.78
CA ARG E 21 10.88 49.40 63.29
C ARG E 21 10.55 50.38 62.16
N HIS E 22 11.49 50.64 61.26
CA HIS E 22 11.23 51.57 60.16
C HIS E 22 10.05 51.11 59.31
N LEU E 23 9.73 49.83 59.35
CA LEU E 23 8.63 49.31 58.53
C LEU E 23 7.38 50.15 58.67
N THR E 24 7.09 50.61 59.89
CA THR E 24 5.83 51.33 60.12
C THR E 24 5.72 52.56 59.24
N GLN E 25 6.84 53.24 58.97
CA GLN E 25 6.87 54.45 58.14
C GLN E 25 7.87 54.22 57.01
N LYS E 26 7.41 53.59 55.94
CA LYS E 26 8.22 53.34 54.77
C LYS E 26 7.28 53.15 53.58
N PRO E 27 7.68 53.60 52.40
CA PRO E 27 6.95 53.21 51.19
C PRO E 27 7.39 51.83 50.74
N ASP E 28 6.44 51.09 50.19
CA ASP E 28 6.66 49.68 49.86
C ASP E 28 6.99 48.87 51.11
N VAL E 29 5.96 48.59 51.89
CA VAL E 29 6.12 47.73 53.06
C VAL E 29 5.92 46.28 52.61
N ASP E 30 6.97 45.70 52.04
CA ASP E 30 7.00 44.30 51.64
C ASP E 30 8.45 43.84 51.65
N LEU E 31 8.73 42.77 52.38
CA LEU E 31 10.12 42.33 52.53
C LEU E 31 10.73 41.98 51.17
N GLU E 32 9.99 41.25 50.34
CA GLU E 32 10.54 40.78 49.08
C GLU E 32 10.83 41.92 48.11
N ALA E 33 10.18 43.07 48.30
CA ALA E 33 10.48 44.22 47.48
C ALA E 33 11.89 44.73 47.70
N HIS E 34 12.46 44.48 48.88
CA HIS E 34 13.81 44.89 49.21
C HIS E 34 14.79 43.73 49.06
N PRO E 35 15.44 43.59 47.90
CA PRO E 35 16.41 42.50 47.76
C PRO E 35 17.58 42.63 48.72
N LYS E 36 17.95 43.86 49.06
CA LYS E 36 19.15 44.08 49.86
C LYS E 36 19.01 43.49 51.25
N ILE E 37 17.85 43.66 51.89
CA ILE E 37 17.69 43.13 53.24
C ILE E 37 17.78 41.62 53.24
N LEU E 38 17.12 40.97 52.28
CA LEU E 38 17.18 39.51 52.22
C LEU E 38 18.59 39.02 51.92
N LYS E 39 19.27 39.65 50.96
CA LYS E 39 20.63 39.24 50.65
C LYS E 39 21.54 39.41 51.85
N LYS E 40 21.33 40.46 52.63
CA LYS E 40 22.06 40.68 53.87
C LYS E 40 21.93 39.48 54.80
N CYS E 41 20.84 38.72 54.68
CA CYS E 41 20.68 37.46 55.41
C CYS E 41 21.96 36.64 55.40
N GLY E 42 22.65 36.60 54.28
CA GLY E 42 23.86 35.82 54.15
C GLY E 42 23.73 34.75 53.09
N GLU E 43 22.93 35.03 52.08
CA GLU E 43 22.67 34.06 51.03
C GLU E 43 23.94 33.78 50.23
N LYS E 44 24.27 32.50 50.10
CA LYS E 44 25.33 32.01 49.22
C LYS E 44 26.71 32.39 49.76
N ARG E 45 26.75 33.18 50.83
CA ARG E 45 28.01 33.42 51.53
C ARG E 45 28.23 32.41 52.64
N LEU E 46 27.21 32.18 53.47
CA LEU E 46 27.30 31.25 54.59
C LEU E 46 26.78 29.86 54.19
N HIS E 47 26.89 28.92 55.12
CA HIS E 47 26.36 27.58 54.87
C HIS E 47 24.84 27.64 54.77
N ARG E 48 24.29 26.76 53.93
CA ARG E 48 22.87 26.84 53.63
C ARG E 48 22.01 26.69 54.90
N ARG E 49 22.47 25.88 55.86
CA ARG E 49 21.78 25.80 57.13
C ARG E 49 21.63 27.18 57.76
N THR E 50 22.72 27.93 57.85
CA THR E 50 22.68 29.23 58.51
C THR E 50 21.81 30.22 57.75
N VAL E 51 21.87 30.18 56.42
CA VAL E 51 21.03 31.07 55.63
C VAL E 51 19.56 30.76 55.86
N LEU E 52 19.21 29.47 55.87
CA LEU E 52 17.82 29.11 56.12
C LEU E 52 17.37 29.55 57.50
N PHE E 53 18.21 29.33 58.52
CA PHE E 53 17.84 29.76 59.87
C PHE E 53 17.64 31.26 59.94
N ASN E 54 18.54 32.03 59.32
CA ASN E 54 18.45 33.49 59.36
C ASN E 54 17.21 33.98 58.62
N GLU E 55 16.93 33.41 57.45
CA GLU E 55 15.72 33.80 56.72
C GLU E 55 14.48 33.49 57.52
N LEU E 56 14.44 32.33 58.18
CA LEU E 56 13.28 32.01 59.00
C LEU E 56 13.12 33.02 60.13
N MET E 57 14.21 33.40 60.80
CA MET E 57 14.10 34.41 61.84
C MET E 57 13.56 35.72 61.28
N LEU E 58 14.06 36.13 60.11
CA LEU E 58 13.62 37.39 59.54
C LEU E 58 12.14 37.35 59.19
N TRP E 59 11.67 36.24 58.62
CA TRP E 59 10.27 36.16 58.25
C TRP E 59 9.38 36.11 59.49
N LEU E 60 9.81 35.43 60.54
CA LEU E 60 9.03 35.42 61.77
C LEU E 60 8.93 36.83 62.35
N GLY E 61 10.04 37.56 62.40
CA GLY E 61 9.99 38.92 62.91
C GLY E 61 9.13 39.83 62.04
N TYR E 62 9.24 39.67 60.72
CA TYR E 62 8.45 40.46 59.79
C TYR E 62 6.96 40.21 59.97
N TYR E 63 6.57 38.94 60.06
CA TYR E 63 5.17 38.62 60.29
C TYR E 63 4.70 39.17 61.62
N ARG E 64 5.54 39.05 62.66
CA ARG E 64 5.19 39.63 63.94
C ARG E 64 4.90 41.12 63.80
N GLU E 65 5.74 41.83 63.05
CA GLU E 65 5.55 43.26 62.90
C GLU E 65 4.27 43.59 62.14
N LEU E 66 4.02 42.90 61.02
CA LEU E 66 2.80 43.17 60.28
C LEU E 66 1.58 42.92 61.14
N ARG E 67 1.51 41.75 61.78
CA ARG E 67 0.35 41.43 62.59
C ARG E 67 0.20 42.42 63.74
N PHE E 68 1.31 42.88 64.31
CA PHE E 68 1.25 43.82 65.41
C PHE E 68 0.66 45.16 64.97
N HIS E 69 1.11 45.67 63.81
CA HIS E 69 0.58 46.96 63.35
C HIS E 69 -0.84 46.81 62.81
N ASN E 70 -0.98 46.16 61.66
CA ASN E 70 -2.28 45.67 61.25
C ASN E 70 -3.35 46.75 61.34
N PRO E 71 -3.38 47.71 60.42
CA PRO E 71 -4.19 48.92 60.63
C PRO E 71 -5.65 48.60 60.91
N ASP E 72 -6.25 49.37 61.81
CA ASP E 72 -7.65 49.26 62.17
C ASP E 72 -8.39 50.45 61.57
N LEU E 73 -9.42 50.17 60.77
CA LEU E 73 -10.08 51.20 59.97
C LEU E 73 -11.41 51.65 60.55
N SER E 74 -11.65 51.43 61.84
CA SER E 74 -12.98 51.68 62.40
C SER E 74 -13.43 53.11 62.14
N SER E 75 -12.53 54.07 62.30
CA SER E 75 -12.87 55.45 61.96
C SER E 75 -13.25 55.57 60.49
N VAL E 76 -12.55 54.85 59.62
CA VAL E 76 -12.74 55.04 58.18
C VAL E 76 -14.09 54.51 57.74
N LEU E 77 -14.52 53.35 58.24
CA LEU E 77 -15.84 52.89 57.83
C LEU E 77 -16.93 53.71 58.51
N GLU E 78 -16.68 54.18 59.73
CA GLU E 78 -17.64 55.10 60.32
C GLU E 78 -17.81 56.33 59.44
N GLU E 79 -16.71 56.81 58.84
CA GLU E 79 -16.80 57.94 57.91
C GLU E 79 -17.50 57.55 56.61
N PHE E 80 -17.28 56.32 56.14
CA PHE E 80 -17.92 55.86 54.92
C PHE E 80 -19.44 55.88 55.04
N GLU E 81 -19.95 55.44 56.20
CA GLU E 81 -21.41 55.41 56.38
C GLU E 81 -21.99 56.83 56.34
N VAL E 82 -21.31 57.79 56.94
CA VAL E 82 -21.76 59.18 56.89
C VAL E 82 -21.69 59.71 55.46
N ARG E 83 -20.64 59.33 54.72
CA ARG E 83 -20.58 59.75 53.32
C ARG E 83 -21.78 59.24 52.56
N CYS E 84 -22.20 58.00 52.84
CA CYS E 84 -23.41 57.46 52.22
C CYS E 84 -24.64 58.30 52.57
N VAL E 85 -24.82 58.61 53.85
CA VAL E 85 -26.01 59.37 54.24
C VAL E 85 -26.01 60.74 53.58
N ALA E 86 -24.82 61.32 53.39
CA ALA E 86 -24.74 62.62 52.71
C ALA E 86 -25.12 62.50 51.24
N VAL E 87 -24.63 61.45 50.57
CA VAL E 87 -25.04 61.21 49.20
C VAL E 87 -26.56 61.12 49.13
N ALA E 88 -27.15 60.33 50.02
CA ALA E 88 -28.60 60.18 50.03
C ALA E 88 -29.31 61.50 50.25
N ARG E 89 -28.81 62.30 51.20
CA ARG E 89 -29.45 63.59 51.50
C ARG E 89 -29.47 64.49 50.28
N ARG E 90 -28.36 64.54 49.54
CA ARG E 90 -28.35 65.37 48.34
C ARG E 90 -29.22 64.77 47.24
N GLY E 91 -29.40 63.44 47.26
CA GLY E 91 -30.13 62.79 46.18
C GLY E 91 -31.64 62.95 46.24
N TYR E 92 -32.20 63.11 47.45
CA TYR E 92 -33.63 62.89 47.64
C TYR E 92 -34.48 63.81 46.76
N THR E 93 -34.25 65.11 46.80
CA THR E 93 -35.17 66.04 46.12
C THR E 93 -34.94 66.05 44.62
N TYR E 94 -33.77 65.64 44.15
CA TYR E 94 -33.46 65.80 42.74
C TYR E 94 -34.52 65.09 41.89
N PRO E 95 -35.06 65.74 40.87
CA PRO E 95 -36.10 65.11 40.05
C PRO E 95 -35.52 64.02 39.16
N PHE E 96 -36.16 62.86 39.18
CA PHE E 96 -35.64 61.70 38.46
C PHE E 96 -36.65 61.23 37.43
N GLY E 97 -36.14 60.58 36.38
CA GLY E 97 -37.03 60.05 35.37
C GLY E 97 -37.93 58.94 35.89
N ASP E 98 -37.37 58.05 36.72
CA ASP E 98 -38.13 56.98 37.36
C ASP E 98 -37.82 57.05 38.85
N ARG E 99 -38.67 57.76 39.59
CA ARG E 99 -38.46 57.88 41.03
C ARG E 99 -38.43 56.53 41.71
N GLY E 100 -39.00 55.49 41.11
CA GLY E 100 -38.93 54.17 41.71
C GLY E 100 -37.50 53.67 41.83
N LYS E 101 -36.75 53.73 40.73
CA LYS E 101 -35.37 53.27 40.74
C LYS E 101 -34.52 54.12 41.67
N ALA E 102 -34.67 55.44 41.59
CA ALA E 102 -33.90 56.34 42.44
C ALA E 102 -34.19 56.09 43.91
N ARG E 103 -35.46 55.90 44.27
CA ARG E 103 -35.81 55.67 45.66
C ARG E 103 -35.28 54.33 46.15
N ASP E 104 -35.33 53.30 45.31
CA ASP E 104 -34.74 52.03 45.70
C ASP E 104 -33.25 52.18 45.99
N HIS E 105 -32.53 52.90 45.12
CA HIS E 105 -31.10 53.06 45.35
C HIS E 105 -30.81 53.91 46.57
N LEU E 106 -31.58 54.97 46.79
CA LEU E 106 -31.40 55.79 47.99
C LEU E 106 -31.66 54.97 49.24
N ALA E 107 -32.60 54.03 49.18
CA ALA E 107 -32.86 53.17 50.34
C ALA E 107 -31.72 52.20 50.59
N VAL E 108 -31.24 51.54 49.53
CA VAL E 108 -30.05 50.69 49.66
C VAL E 108 -28.92 51.49 50.26
N LEU E 109 -28.85 52.77 49.93
CA LEU E 109 -27.77 53.63 50.39
C LEU E 109 -27.92 53.97 51.87
N ASP E 110 -29.14 54.28 52.30
CA ASP E 110 -29.38 54.61 53.71
C ASP E 110 -29.17 53.42 54.62
N ARG E 111 -29.69 52.24 54.23
CA ARG E 111 -29.64 51.10 55.14
C ARG E 111 -28.22 50.54 55.27
N THR E 112 -27.28 51.04 54.47
CA THR E 112 -25.89 50.59 54.56
C THR E 112 -25.34 50.78 55.97
N GLU E 113 -24.94 49.67 56.60
CA GLU E 113 -24.20 49.70 57.84
C GLU E 113 -23.14 48.61 57.79
N PHE E 114 -22.07 48.81 58.55
CA PHE E 114 -20.93 47.89 58.51
C PHE E 114 -21.04 46.80 59.56
N ASP E 115 -20.74 45.57 59.12
CA ASP E 115 -20.69 44.41 60.00
C ASP E 115 -19.33 44.32 60.70
N THR E 116 -19.28 43.51 61.75
CA THR E 116 -18.02 43.32 62.49
C THR E 116 -16.98 42.61 61.64
N ASP E 117 -17.39 41.67 60.81
CA ASP E 117 -16.46 40.97 59.93
C ASP E 117 -15.93 41.92 58.86
N VAL E 118 -14.66 41.72 58.48
CA VAL E 118 -14.02 42.60 57.50
C VAL E 118 -14.46 42.29 56.08
N ARG E 119 -14.53 41.00 55.74
CA ARG E 119 -14.92 40.62 54.38
C ARG E 119 -16.33 41.12 54.05
N HIS E 120 -17.23 41.03 55.03
CA HIS E 120 -18.53 41.64 54.86
C HIS E 120 -18.39 43.13 54.61
N ASP E 121 -17.37 43.75 55.20
CA ASP E 121 -17.12 45.17 54.97
C ASP E 121 -16.77 45.43 53.51
N ALA E 122 -15.92 44.60 52.92
CA ALA E 122 -15.60 44.79 51.51
C ALA E 122 -16.83 44.66 50.64
N GLU E 123 -17.65 43.64 50.90
CA GLU E 123 -18.87 43.47 50.11
C GLU E 123 -19.83 44.65 50.28
N ILE E 124 -19.93 45.17 51.51
CA ILE E 124 -20.77 46.32 51.76
C ILE E 124 -20.31 47.52 50.95
N VAL E 125 -19.00 47.79 50.98
CA VAL E 125 -18.49 48.92 50.22
C VAL E 125 -18.82 48.75 48.75
N GLU E 126 -18.62 47.56 48.21
CA GLU E 126 -18.87 47.35 46.79
C GLU E 126 -20.33 47.64 46.45
N ARG E 127 -21.27 47.11 47.24
CA ARG E 127 -22.68 47.29 46.94
C ARG E 127 -23.10 48.75 47.04
N ALA E 128 -22.68 49.43 48.11
CA ALA E 128 -23.02 50.85 48.26
C ALA E 128 -22.44 51.67 47.11
N LEU E 129 -21.23 51.34 46.66
CA LEU E 129 -20.63 52.08 45.57
C LEU E 129 -21.40 51.89 44.26
N VAL E 130 -21.82 50.66 43.98
CA VAL E 130 -22.62 50.44 42.78
C VAL E 130 -23.88 51.30 42.84
N SER E 131 -24.56 51.30 43.99
CA SER E 131 -25.80 52.05 44.11
C SER E 131 -25.57 53.56 43.93
N ALA E 132 -24.53 54.09 44.57
CA ALA E 132 -24.27 55.53 44.49
C ALA E 132 -23.87 55.96 43.08
N VAL E 133 -23.03 55.16 42.42
CA VAL E 133 -22.66 55.49 41.04
C VAL E 133 -23.89 55.46 40.14
N ILE E 134 -24.80 54.51 40.35
CA ILE E 134 -26.02 54.50 39.56
C ILE E 134 -26.82 55.76 39.78
N LEU E 135 -26.96 56.17 41.05
CA LEU E 135 -27.73 57.39 41.33
C LEU E 135 -27.10 58.61 40.65
N ALA E 136 -25.78 58.75 40.74
CA ALA E 136 -25.11 59.89 40.11
C ALA E 136 -25.26 59.86 38.59
N LYS E 137 -25.07 58.68 37.98
CA LYS E 137 -25.22 58.58 36.53
C LYS E 137 -26.63 58.94 36.09
N MET E 138 -27.64 58.46 36.83
CA MET E 138 -29.02 58.85 36.52
C MET E 138 -29.20 60.35 36.63
N SER E 139 -28.57 60.98 37.61
CA SER E 139 -28.71 62.42 37.78
C SER E 139 -28.33 63.17 36.50
N VAL E 140 -27.34 62.66 35.76
CA VAL E 140 -26.85 63.35 34.56
C VAL E 140 -27.46 62.82 33.28
N ARG E 141 -28.34 61.81 33.36
CA ARG E 141 -29.06 61.31 32.19
C ARG E 141 -28.14 60.57 31.23
N GLU E 142 -27.13 59.90 31.78
CA GLU E 142 -26.26 59.04 31.01
C GLU E 142 -26.76 57.60 31.03
N THR E 143 -26.40 56.85 30.00
CA THR E 143 -26.82 55.47 29.88
C THR E 143 -26.07 54.57 30.86
N LEU E 144 -26.73 53.48 31.26
CA LEU E 144 -26.18 52.54 32.21
C LEU E 144 -26.36 51.12 31.68
N VAL E 145 -25.61 50.19 32.29
CA VAL E 145 -25.58 48.80 31.86
C VAL E 145 -26.91 48.13 32.21
N THR E 146 -27.73 47.87 31.19
CA THR E 146 -29.02 47.20 31.32
C THR E 146 -28.93 45.68 31.24
N ALA E 147 -27.76 45.12 30.92
CA ALA E 147 -27.64 43.68 30.70
C ALA E 147 -27.86 42.90 31.98
N ILE E 148 -28.35 41.66 31.84
CA ILE E 148 -28.53 40.77 32.98
C ILE E 148 -27.19 40.16 33.38
N GLY E 149 -27.01 40.00 34.69
CA GLY E 149 -25.75 39.53 35.24
C GLY E 149 -24.65 40.54 35.23
N GLN E 150 -24.86 41.68 34.57
CA GLN E 150 -23.90 42.77 34.52
C GLN E 150 -24.23 43.80 35.57
N THR E 151 -23.22 44.55 35.99
CA THR E 151 -23.40 45.61 36.97
C THR E 151 -22.47 46.76 36.64
N GLU E 152 -22.89 47.96 36.99
CA GLU E 152 -22.16 49.15 36.60
C GLU E 152 -20.74 49.12 37.15
N PRO E 153 -19.73 49.49 36.36
CA PRO E 153 -18.38 49.58 36.89
C PRO E 153 -18.22 50.80 37.79
N ILE E 154 -17.46 50.62 38.87
CA ILE E 154 -17.19 51.72 39.78
C ILE E 154 -16.18 52.66 39.16
N ALA E 155 -16.56 53.91 38.96
CA ALA E 155 -15.67 54.89 38.35
C ALA E 155 -16.06 56.27 38.85
N PHE E 156 -15.10 57.18 38.79
CA PHE E 156 -15.40 58.58 39.07
C PHE E 156 -16.11 59.20 37.87
N VAL E 157 -16.99 60.15 38.16
CA VAL E 157 -17.84 60.75 37.14
C VAL E 157 -17.52 62.23 37.05
N HIS E 158 -17.45 62.72 35.81
CA HIS E 158 -17.25 64.14 35.54
C HIS E 158 -16.01 64.67 36.27
N LEU E 159 -14.92 63.93 36.14
CA LEU E 159 -13.61 64.33 36.62
C LEU E 159 -12.64 64.34 35.45
N LYS E 160 -11.70 65.30 35.48
CA LYS E 160 -10.68 65.35 34.46
C LYS E 160 -9.87 64.07 34.46
N ASP E 161 -9.24 63.77 33.33
CA ASP E 161 -8.40 62.58 33.25
C ASP E 161 -7.16 62.72 34.13
N THR E 162 -6.59 63.91 34.21
CA THR E 162 -5.40 64.11 35.03
C THR E 162 -5.71 63.88 36.50
N GLU E 163 -6.86 64.37 36.97
CA GLU E 163 -7.25 64.14 38.35
C GLU E 163 -7.47 62.65 38.62
N VAL E 164 -8.05 61.95 37.66
CA VAL E 164 -8.25 60.51 37.81
C VAL E 164 -6.91 59.80 37.89
N GLN E 165 -5.94 60.21 37.06
CA GLN E 165 -4.60 59.62 37.14
C GLN E 165 -3.96 59.89 38.49
N ARG E 166 -4.10 61.12 38.99
CA ARG E 166 -3.53 61.46 40.28
C ARG E 166 -4.09 60.58 41.39
N ILE E 167 -5.43 60.44 41.42
CA ILE E 167 -6.04 59.66 42.49
C ILE E 167 -5.74 58.17 42.31
N GLU E 168 -5.64 57.72 41.07
CA GLU E 168 -5.26 56.32 40.82
C GLU E 168 -3.87 56.04 41.38
N GLU E 169 -2.93 56.94 41.13
CA GLU E 169 -1.58 56.79 41.67
C GLU E 169 -1.60 56.85 43.20
N ASN E 170 -2.42 57.72 43.78
CA ASN E 170 -2.49 57.80 45.23
C ASN E 170 -3.02 56.50 45.84
N LEU E 171 -4.08 55.94 45.24
CA LEU E 171 -4.60 54.67 45.73
C LEU E 171 -3.59 53.55 45.53
N GLU E 172 -2.80 53.63 44.46
CA GLU E 172 -1.70 52.68 44.29
C GLU E 172 -0.71 52.78 45.44
N GLY E 173 -0.35 54.01 45.81
CA GLY E 173 0.54 54.20 46.94
C GLY E 173 -0.03 53.64 48.23
N VAL E 174 -1.33 53.83 48.43
CA VAL E 174 -1.99 53.22 49.58
C VAL E 174 -1.86 51.70 49.53
N ARG E 175 -1.97 51.13 48.33
CA ARG E 175 -1.79 49.70 48.17
C ARG E 175 -0.38 49.27 48.55
N ARG E 176 0.62 50.10 48.24
CA ARG E 176 2.01 49.75 48.56
C ARG E 176 2.26 49.77 50.06
N ASN E 177 1.73 50.77 50.77
CA ASN E 177 1.94 50.91 52.21
C ASN E 177 0.56 51.06 52.86
N MET E 178 -0.01 49.92 53.24
CA MET E 178 -1.37 49.92 53.78
C MET E 178 -1.45 50.69 55.10
N PHE E 179 -0.36 50.73 55.86
CA PHE E 179 -0.40 51.37 57.17
C PHE E 179 -0.47 52.89 57.06
N CYS E 180 0.33 53.48 56.18
CA CYS E 180 0.39 54.93 56.02
C CYS E 180 -0.36 55.33 54.76
N VAL E 181 -1.28 56.28 54.91
CA VAL E 181 -2.07 56.81 53.80
C VAL E 181 -1.73 58.28 53.66
N LYS E 182 -1.46 58.71 52.42
CA LYS E 182 -1.06 60.08 52.16
C LYS E 182 -2.26 60.89 51.73
N PRO E 183 -2.60 61.97 52.43
CA PRO E 183 -3.67 62.85 51.95
C PRO E 183 -3.38 63.34 50.54
N LEU E 184 -4.42 63.36 49.72
CA LEU E 184 -4.26 63.80 48.34
C LEU E 184 -4.26 65.32 48.26
N ASP E 185 -3.37 65.86 47.41
CA ASP E 185 -3.35 67.29 47.21
C ASP E 185 -4.64 67.78 46.56
N LEU E 186 -5.16 67.01 45.60
CA LEU E 186 -6.38 67.38 44.89
C LEU E 186 -7.58 67.35 45.82
N ASN E 187 -8.60 68.14 45.47
CA ASN E 187 -9.91 68.03 46.11
C ASN E 187 -10.94 67.63 45.07
N LEU E 188 -11.78 66.66 45.42
CA LEU E 188 -12.68 66.05 44.45
C LEU E 188 -13.80 66.99 44.05
N ASP E 189 -14.13 67.97 44.89
CA ASP E 189 -15.16 68.93 44.56
C ASP E 189 -14.85 69.65 43.25
N ARG E 190 -15.89 69.89 42.46
CA ARG E 190 -15.81 70.75 41.29
C ARG E 190 -17.00 71.69 41.26
N HIS E 191 -16.77 72.89 40.75
CA HIS E 191 -17.85 73.87 40.64
C HIS E 191 -18.83 73.49 39.54
N ALA E 192 -18.39 72.75 38.53
CA ALA E 192 -19.29 72.31 37.48
C ALA E 192 -20.24 71.23 37.98
N ASN E 193 -19.73 70.30 38.78
CA ASN E 193 -20.55 69.20 39.28
C ASN E 193 -21.50 69.68 40.37
N THR E 194 -22.64 69.00 40.48
CA THR E 194 -23.59 69.27 41.54
C THR E 194 -23.13 68.66 42.85
N ALA E 195 -23.81 69.02 43.93
CA ALA E 195 -23.48 68.48 45.24
C ALA E 195 -23.53 66.96 45.23
N LEU E 196 -24.50 66.38 44.51
CA LEU E 196 -24.63 64.92 44.47
C LEU E 196 -23.42 64.28 43.82
N VAL E 197 -22.96 64.85 42.71
CA VAL E 197 -21.81 64.28 42.00
C VAL E 197 -20.56 64.32 42.86
N ASN E 198 -20.34 65.43 43.57
CA ASN E 198 -19.18 65.54 44.44
C ASN E 198 -19.26 64.55 45.59
N ALA E 199 -20.44 64.43 46.21
CA ALA E 199 -20.61 63.46 47.29
C ALA E 199 -20.30 62.05 46.80
N VAL E 200 -20.77 61.73 45.58
CA VAL E 200 -20.52 60.41 45.04
C VAL E 200 -19.04 60.18 44.79
N ASN E 201 -18.32 61.21 44.32
CA ASN E 201 -16.89 61.05 44.08
C ASN E 201 -16.14 60.78 45.37
N LYS E 202 -16.47 61.51 46.43
CA LYS E 202 -15.80 61.29 47.71
C LYS E 202 -16.12 59.92 48.29
N LEU E 203 -17.39 59.50 48.18
CA LEU E 203 -17.75 58.16 48.64
C LEU E 203 -17.00 57.09 47.87
N VAL E 204 -16.91 57.24 46.55
CA VAL E 204 -16.16 56.28 45.75
C VAL E 204 -14.72 56.20 46.23
N TYR E 205 -14.10 57.36 46.50
CA TYR E 205 -12.71 57.35 46.89
C TYR E 205 -12.50 56.63 48.22
N THR E 206 -13.33 56.93 49.23
CA THR E 206 -13.15 56.28 50.52
C THR E 206 -13.41 54.78 50.45
N GLY E 207 -14.39 54.36 49.64
CA GLY E 207 -14.63 52.94 49.49
C GLY E 207 -13.47 52.23 48.82
N ARG E 208 -12.91 52.85 47.76
CA ARG E 208 -11.73 52.29 47.13
C ARG E 208 -10.59 52.13 48.13
N LEU E 209 -10.40 53.15 48.98
CA LEU E 209 -9.36 53.09 50.00
C LEU E 209 -9.57 51.89 50.93
N ILE E 210 -10.80 51.70 51.39
CA ILE E 210 -11.09 50.60 52.31
C ILE E 210 -10.73 49.26 51.66
N MET E 211 -11.24 49.02 50.45
CA MET E 211 -11.02 47.70 49.87
C MET E 211 -9.55 47.49 49.54
N ASN E 212 -8.83 48.55 49.17
CA ASN E 212 -7.40 48.41 48.91
C ASN E 212 -6.64 47.99 50.16
N VAL E 213 -6.91 48.66 51.29
CA VAL E 213 -6.25 48.28 52.54
C VAL E 213 -6.53 46.81 52.85
N ARG E 214 -7.81 46.41 52.70
CA ARG E 214 -8.19 45.04 53.05
C ARG E 214 -7.45 44.01 52.20
N ARG E 215 -7.44 44.21 50.88
CA ARG E 215 -6.81 43.23 49.99
C ARG E 215 -5.29 43.21 50.18
N SER E 216 -4.67 44.36 50.37
CA SER E 216 -3.24 44.39 50.60
C SER E 216 -2.88 43.59 51.84
N TRP E 217 -3.62 43.78 52.93
CA TRP E 217 -3.33 42.98 54.12
C TRP E 217 -3.48 41.50 53.84
N GLU E 218 -4.55 41.12 53.12
CA GLU E 218 -4.74 39.71 52.85
C GLU E 218 -3.54 39.11 52.12
N GLU E 219 -3.09 39.77 51.06
CA GLU E 219 -1.98 39.23 50.28
C GLU E 219 -0.70 39.17 51.12
N LEU E 220 -0.44 40.20 51.92
CA LEU E 220 0.77 40.19 52.74
C LEU E 220 0.78 39.03 53.72
N GLU E 221 -0.35 38.79 54.41
CA GLU E 221 -0.39 37.69 55.35
C GLU E 221 -0.21 36.36 54.64
N ARG E 222 -0.84 36.20 53.48
CA ARG E 222 -0.68 34.96 52.72
C ARG E 222 0.78 34.70 52.38
N LYS E 223 1.48 35.72 51.86
CA LYS E 223 2.87 35.54 51.46
C LYS E 223 3.75 35.25 52.67
N CYS E 224 3.52 35.95 53.78
CA CYS E 224 4.30 35.70 54.98
C CYS E 224 4.21 34.25 55.41
N LEU E 225 2.98 33.75 55.54
CA LEU E 225 2.83 32.37 56.00
C LEU E 225 3.45 31.38 55.01
N ALA E 226 3.26 31.59 53.71
CA ALA E 226 3.85 30.66 52.74
C ALA E 226 5.36 30.63 52.85
N ARG E 227 6.01 31.80 52.94
CA ARG E 227 7.46 31.83 53.01
C ARG E 227 7.96 31.14 54.28
N ILE E 228 7.31 31.40 55.41
CA ILE E 228 7.72 30.75 56.65
C ILE E 228 7.62 29.23 56.50
N GLN E 229 6.51 28.75 55.93
CA GLN E 229 6.29 27.32 55.84
C GLN E 229 7.31 26.66 54.93
N GLU E 230 7.74 27.35 53.87
CA GLU E 230 8.79 26.80 53.03
C GLU E 230 10.12 26.74 53.77
N ARG E 231 10.50 27.81 54.46
CA ARG E 231 11.77 27.83 55.16
C ARG E 231 11.84 26.70 56.17
N CYS E 232 10.75 26.45 56.90
CA CYS E 232 10.76 25.40 57.90
C CYS E 232 11.02 24.03 57.28
N LYS E 233 10.38 23.73 56.15
CA LYS E 233 10.59 22.44 55.51
C LYS E 233 12.03 22.28 55.06
N LEU E 234 12.57 23.30 54.40
CA LEU E 234 13.94 23.22 53.92
C LEU E 234 14.92 23.04 55.08
N LEU E 235 14.74 23.82 56.15
CA LEU E 235 15.65 23.74 57.27
C LEU E 235 15.55 22.38 57.97
N VAL E 236 14.34 21.81 58.04
CA VAL E 236 14.20 20.50 58.65
C VAL E 236 14.94 19.45 57.85
N LYS E 237 14.88 19.53 56.51
CA LYS E 237 15.67 18.60 55.70
C LYS E 237 17.17 18.76 55.99
N GLU E 238 17.63 20.01 55.97
CA GLU E 238 19.06 20.26 56.20
C GLU E 238 19.51 19.73 57.56
N LEU E 239 18.71 19.96 58.59
CA LEU E 239 19.06 19.48 59.93
C LEU E 239 19.02 17.97 60.00
N ARG E 240 18.03 17.35 59.37
CA ARG E 240 17.99 15.90 59.30
C ARG E 240 19.28 15.36 58.71
N MET E 241 19.95 16.15 57.87
CA MET E 241 21.22 15.70 57.31
C MET E 241 22.21 15.30 58.39
N CYS E 242 22.27 16.03 59.50
CA CYS E 242 23.27 15.81 60.53
C CYS E 242 22.63 15.38 61.85
N LEU E 243 23.21 14.37 62.49
CA LEU E 243 22.71 13.83 63.75
C LEU E 243 23.62 14.27 64.89
N SER E 244 23.12 15.15 65.75
CA SER E 244 23.82 15.60 66.93
C SER E 244 22.79 15.99 67.99
N PHE E 245 23.26 16.45 69.14
CA PHE E 245 22.32 16.92 70.16
C PHE E 245 21.68 18.24 69.74
N ASP E 246 22.48 19.24 69.38
CA ASP E 246 21.90 20.54 69.02
C ASP E 246 21.06 20.44 67.75
N SER E 247 21.55 19.70 66.76
CA SER E 247 20.79 19.51 65.53
C SER E 247 19.47 18.81 65.80
N ASN E 248 19.49 17.73 66.58
CA ASN E 248 18.26 17.04 66.93
C ASN E 248 17.33 17.93 67.72
N TYR E 249 17.86 18.74 68.62
CA TYR E 249 17.03 19.63 69.42
C TYR E 249 16.33 20.65 68.53
N CYS E 250 17.05 21.24 67.58
CA CYS E 250 16.43 22.20 66.69
C CYS E 250 15.37 21.52 65.80
N ARG E 251 15.66 20.32 65.31
CA ARG E 251 14.67 19.59 64.53
C ARG E 251 13.42 19.32 65.36
N ASN E 252 13.59 18.89 66.61
CA ASN E 252 12.45 18.68 67.48
C ASN E 252 11.66 19.95 67.67
N ILE E 253 12.34 21.08 67.81
CA ILE E 253 11.64 22.35 67.91
C ILE E 253 10.81 22.59 66.65
N LEU E 254 11.37 22.27 65.50
CA LEU E 254 10.73 22.54 64.21
C LEU E 254 9.66 21.53 63.84
N LYS E 255 9.32 20.58 64.72
CA LYS E 255 8.35 19.57 64.34
C LYS E 255 6.94 20.16 64.18
N HIS E 256 6.47 20.89 65.17
CA HIS E 256 5.08 21.36 65.13
C HIS E 256 4.88 22.36 64.00
N ALA E 257 3.85 22.12 63.18
CA ALA E 257 3.61 22.92 61.99
C ALA E 257 3.02 24.29 62.37
N VAL E 258 3.62 25.34 61.82
CA VAL E 258 3.11 26.70 61.98
C VAL E 258 2.18 27.05 60.83
N GLU E 259 0.90 26.73 60.93
CA GLU E 259 -0.09 27.18 59.95
C GLU E 259 -1.11 28.06 60.66
N ASN E 260 -0.69 29.28 60.96
CA ASN E 260 -1.52 30.23 61.72
C ASN E 260 -0.71 31.49 61.99
N GLY E 261 -1.30 32.49 62.65
CA GLY E 261 -0.50 33.58 63.15
C GLY E 261 -0.01 33.34 64.56
N ASP E 262 -0.89 32.76 65.38
CA ASP E 262 -0.51 32.40 66.74
C ASP E 262 0.50 31.26 66.74
N SER E 263 0.37 30.33 65.79
CA SER E 263 1.37 29.26 65.69
C SER E 263 2.74 29.84 65.37
N ALA E 264 2.77 30.85 64.50
CA ALA E 264 4.03 31.53 64.21
C ALA E 264 4.58 32.24 65.43
N ASP E 265 3.70 32.88 66.23
CA ASP E 265 4.21 33.55 67.42
C ASP E 265 4.78 32.54 68.42
N THR E 266 4.09 31.43 68.62
CA THR E 266 4.62 30.37 69.48
C THR E 266 5.96 29.88 68.96
N LEU E 267 6.07 29.66 67.64
CA LEU E 267 7.32 29.17 67.08
C LEU E 267 8.44 30.18 67.28
N LEU E 268 8.16 31.45 67.02
CA LEU E 268 9.20 32.47 67.20
C LEU E 268 9.67 32.52 68.64
N GLU E 269 8.73 32.51 69.59
CA GLU E 269 9.12 32.61 71.00
C GLU E 269 9.90 31.38 71.45
N LEU E 270 9.46 30.19 71.04
CA LEU E 270 10.18 28.98 71.44
C LEU E 270 11.55 28.92 70.80
N LEU E 271 11.66 29.32 69.55
CA LEU E 271 12.93 29.29 68.84
C LEU E 271 13.90 30.33 69.40
N ILE E 272 13.38 31.44 69.92
CA ILE E 272 14.25 32.41 70.60
C ILE E 272 14.69 31.88 71.97
N GLU E 273 13.74 31.34 72.75
CA GLU E 273 14.02 31.03 74.15
C GLU E 273 15.19 30.07 74.30
N ASP E 274 15.29 29.09 73.40
CA ASP E 274 16.33 28.07 73.46
C ASP E 274 17.46 28.33 72.50
N PHE E 275 17.72 29.58 72.14
CA PHE E 275 18.74 29.86 71.13
C PHE E 275 20.09 29.32 71.53
N ASP E 276 20.45 29.42 72.81
CA ASP E 276 21.78 29.05 73.26
C ASP E 276 22.01 27.54 73.16
N ILE E 277 20.97 26.75 73.39
CA ILE E 277 21.14 25.31 73.49
C ILE E 277 21.56 24.71 72.15
N TYR E 278 20.91 25.12 71.06
CA TYR E 278 21.12 24.50 69.76
C TYR E 278 21.96 25.36 68.82
N VAL E 279 22.46 26.50 69.26
CA VAL E 279 23.14 27.41 68.34
C VAL E 279 24.38 26.75 67.76
N ASP E 280 25.09 25.96 68.57
CA ASP E 280 26.40 25.46 68.16
C ASP E 280 26.33 24.74 66.82
N SER E 281 25.21 24.05 66.55
CA SER E 281 25.06 23.27 65.33
C SER E 281 25.44 24.06 64.10
N PHE E 282 24.75 25.17 63.85
CA PHE E 282 24.94 25.93 62.63
C PHE E 282 26.37 26.47 62.56
N PRO E 283 27.10 26.24 61.47
CA PRO E 283 28.44 26.79 61.35
C PRO E 283 28.42 28.28 61.12
N GLN E 284 29.32 28.99 61.79
CA GLN E 284 29.39 30.44 61.73
C GLN E 284 30.71 30.86 61.07
N SER E 285 30.60 31.71 60.07
CA SER E 285 31.77 32.19 59.32
C SER E 285 32.61 31.04 58.79
N MET F 1 -7.03 84.28 107.87
CA MET F 1 -6.59 85.58 107.38
C MET F 1 -7.11 86.71 108.29
N SER F 2 -8.41 87.04 108.17
CA SER F 2 -8.99 88.07 109.02
C SER F 2 -8.91 87.69 110.49
N LEU F 3 -8.85 86.40 110.78
CA LEU F 3 -8.80 85.95 112.17
C LEU F 3 -7.61 86.58 112.89
N GLN F 4 -7.84 87.00 114.12
CA GLN F 4 -6.80 87.61 114.96
C GLN F 4 -6.58 86.74 116.18
N PHE F 5 -5.33 86.37 116.43
CA PHE F 5 -4.95 85.54 117.56
C PHE F 5 -4.01 86.30 118.47
N ILE F 6 -4.15 86.12 119.78
CA ILE F 6 -3.46 86.97 120.75
C ILE F 6 -1.97 86.64 120.83
N GLY F 7 -1.64 85.41 121.23
CA GLY F 7 -0.27 85.06 121.58
C GLY F 7 0.43 84.01 120.73
N LEU F 8 -0.10 83.69 119.55
CA LEU F 8 0.48 82.65 118.72
C LEU F 8 1.68 83.16 117.94
N GLN F 9 2.63 82.26 117.65
CA GLN F 9 3.73 82.59 116.76
C GLN F 9 3.24 82.65 115.32
N ARG F 10 4.10 83.21 114.46
CA ARG F 10 3.75 83.35 113.05
C ARG F 10 3.45 82.00 112.41
N ARG F 11 4.27 81.00 112.71
CA ARG F 11 4.10 79.70 112.08
C ARG F 11 2.79 79.04 112.50
N ASP F 12 2.40 79.21 113.76
CA ASP F 12 1.15 78.58 114.23
C ASP F 12 -0.08 79.29 113.68
N VAL F 13 -0.04 80.61 113.58
CA VAL F 13 -1.14 81.31 112.93
C VAL F 13 -1.24 80.88 111.48
N VAL F 14 -0.08 80.73 110.82
CA VAL F 14 -0.09 80.26 109.44
C VAL F 14 -0.67 78.86 109.36
N ALA F 15 -0.37 78.02 110.35
CA ALA F 15 -0.88 76.65 110.35
C ALA F 15 -2.40 76.64 110.50
N LEU F 16 -2.94 77.46 111.41
CA LEU F 16 -4.38 77.51 111.60
C LEU F 16 -5.08 78.01 110.34
N VAL F 17 -4.58 79.12 109.78
CA VAL F 17 -5.23 79.70 108.61
C VAL F 17 -5.13 78.74 107.42
N ASN F 18 -4.01 78.02 107.32
CA ASN F 18 -3.87 77.02 106.26
C ASN F 18 -4.85 75.88 106.47
N PHE F 19 -5.02 75.42 107.71
CA PHE F 19 -5.96 74.34 107.96
C PHE F 19 -7.38 74.75 107.55
N LEU F 20 -7.77 75.97 107.87
CA LEU F 20 -9.10 76.43 107.45
C LEU F 20 -9.18 76.60 105.93
N ARG F 21 -8.09 77.02 105.30
CA ARG F 21 -8.10 77.25 103.85
C ARG F 21 -8.26 75.94 103.09
N HIS F 22 -7.64 74.87 103.58
CA HIS F 22 -7.67 73.56 102.93
C HIS F 22 -8.75 72.63 103.47
N LEU F 23 -9.82 73.19 104.04
CA LEU F 23 -10.74 72.36 104.85
C LEU F 23 -11.34 71.22 104.03
N THR F 24 -11.86 71.51 102.84
CA THR F 24 -12.59 70.49 102.09
C THR F 24 -11.67 69.38 101.61
N GLN F 25 -10.41 69.71 101.33
CA GLN F 25 -9.49 68.71 100.79
C GLN F 25 -9.23 67.60 101.78
N LYS F 26 -9.17 67.93 103.06
CA LYS F 26 -8.85 66.92 104.06
C LYS F 26 -10.02 65.96 104.26
N PRO F 27 -9.74 64.68 104.49
CA PRO F 27 -10.80 63.76 104.89
C PRO F 27 -11.18 63.99 106.35
N ASP F 28 -12.34 63.48 106.72
CA ASP F 28 -12.85 63.69 108.08
C ASP F 28 -12.91 65.19 108.38
N VAL F 29 -13.85 65.84 107.71
CA VAL F 29 -14.01 67.28 107.85
C VAL F 29 -14.81 67.53 109.12
N ASP F 30 -14.12 67.50 110.25
CA ASP F 30 -14.66 67.85 111.55
C ASP F 30 -13.52 68.33 112.42
N LEU F 31 -13.70 69.47 113.08
CA LEU F 31 -12.62 70.02 113.87
C LEU F 31 -12.26 69.09 115.03
N GLU F 32 -13.27 68.52 115.69
CA GLU F 32 -13.01 67.65 116.84
C GLU F 32 -12.20 66.44 116.44
N ALA F 33 -12.41 65.92 115.23
CA ALA F 33 -11.59 64.82 114.77
C ALA F 33 -10.12 65.23 114.65
N HIS F 34 -9.86 66.49 114.29
CA HIS F 34 -8.51 67.01 114.18
C HIS F 34 -8.07 67.61 115.51
N PRO F 35 -7.42 66.85 116.38
CA PRO F 35 -7.02 67.42 117.68
C PRO F 35 -5.85 68.37 117.59
N LYS F 36 -4.86 68.08 116.76
CA LYS F 36 -3.64 68.86 116.75
C LYS F 36 -3.94 70.34 116.52
N ILE F 37 -4.94 70.65 115.68
CA ILE F 37 -5.29 72.04 115.44
C ILE F 37 -5.86 72.68 116.69
N LEU F 38 -6.80 71.99 117.34
CA LEU F 38 -7.46 72.56 118.50
C LEU F 38 -6.48 72.85 119.62
N LYS F 39 -5.55 71.92 119.87
CA LYS F 39 -4.56 72.15 120.92
C LYS F 39 -3.65 73.30 120.55
N LYS F 40 -3.19 73.34 119.30
CA LYS F 40 -2.33 74.42 118.85
C LYS F 40 -3.06 75.76 118.86
N CYS F 41 -4.39 75.72 118.89
CA CYS F 41 -5.16 76.97 118.83
C CYS F 41 -4.66 77.97 119.85
N GLY F 42 -4.79 77.67 121.15
CA GLY F 42 -4.05 78.43 122.12
C GLY F 42 -2.99 77.55 122.73
N GLU F 43 -3.06 77.28 124.03
CA GLU F 43 -2.39 76.13 124.63
C GLU F 43 -2.48 76.16 126.15
N LYS F 44 -2.00 75.09 126.79
CA LYS F 44 -1.69 75.16 128.21
C LYS F 44 -0.64 76.24 128.48
N ARG F 45 0.34 76.39 127.58
CA ARG F 45 1.38 77.41 127.79
C ARG F 45 0.78 78.81 127.91
N LEU F 46 -0.17 79.17 127.05
CA LEU F 46 -0.78 80.50 127.12
C LEU F 46 -1.79 80.59 128.26
N HIS F 47 -2.07 81.83 128.68
CA HIS F 47 -2.98 82.09 129.78
C HIS F 47 -4.41 81.68 129.44
N ARG F 48 -5.21 81.47 130.49
CA ARG F 48 -6.58 80.96 130.30
C ARG F 48 -7.42 81.89 129.43
N ARG F 49 -7.46 83.17 129.77
CA ARG F 49 -8.24 84.12 128.97
C ARG F 49 -7.78 84.10 127.52
N THR F 50 -6.47 84.09 127.30
CA THR F 50 -5.95 84.03 125.95
C THR F 50 -6.38 82.76 125.23
N VAL F 51 -6.36 81.64 125.94
CA VAL F 51 -6.77 80.38 125.32
C VAL F 51 -8.24 80.43 124.93
N LEU F 52 -9.07 80.98 125.81
CA LEU F 52 -10.49 81.10 125.52
C LEU F 52 -10.72 81.98 124.30
N PHE F 53 -10.04 83.12 124.23
CA PHE F 53 -10.19 84.00 123.07
C PHE F 53 -9.73 83.31 121.79
N ASN F 54 -8.61 82.59 121.86
CA ASN F 54 -8.12 81.91 120.67
C ASN F 54 -9.09 80.85 120.20
N GLU F 55 -9.70 80.12 121.12
CA GLU F 55 -10.69 79.12 120.74
C GLU F 55 -11.93 79.79 120.15
N LEU F 56 -12.35 80.92 120.73
CA LEU F 56 -13.41 81.69 120.11
C LEU F 56 -13.09 81.99 118.66
N MET F 57 -11.88 82.48 118.40
CA MET F 57 -11.50 82.85 117.03
C MET F 57 -11.48 81.63 116.12
N LEU F 58 -10.89 80.54 116.57
CA LEU F 58 -10.81 79.34 115.73
C LEU F 58 -12.20 78.82 115.40
N TRP F 59 -13.07 78.73 116.42
CA TRP F 59 -14.42 78.21 116.19
C TRP F 59 -15.21 79.13 115.27
N LEU F 60 -15.10 80.44 115.45
CA LEU F 60 -15.78 81.35 114.54
C LEU F 60 -15.30 81.16 113.11
N GLY F 61 -13.99 81.02 112.91
CA GLY F 61 -13.48 80.80 111.57
C GLY F 61 -13.96 79.49 110.97
N TYR F 62 -13.98 78.43 111.79
CA TYR F 62 -14.43 77.13 111.31
C TYR F 62 -15.90 77.16 110.91
N TYR F 63 -16.73 77.83 111.73
CA TYR F 63 -18.14 77.99 111.38
C TYR F 63 -18.30 78.79 110.09
N ARG F 64 -17.52 79.87 109.94
CA ARG F 64 -17.60 80.65 108.70
C ARG F 64 -17.24 79.80 107.49
N GLU F 65 -16.20 78.98 107.62
CA GLU F 65 -15.80 78.13 106.49
C GLU F 65 -16.89 77.11 106.18
N LEU F 66 -17.49 76.51 107.21
CA LEU F 66 -18.57 75.56 106.98
C LEU F 66 -19.72 76.23 106.24
N ARG F 67 -20.13 77.42 106.70
CA ARG F 67 -21.29 78.07 106.10
C ARG F 67 -21.00 78.54 104.68
N PHE F 68 -19.76 78.95 104.40
CA PHE F 68 -19.42 79.33 103.03
C PHE F 68 -19.41 78.11 102.11
N HIS F 69 -18.86 76.99 102.60
CA HIS F 69 -18.72 75.80 101.77
C HIS F 69 -19.91 74.85 101.87
N ASN F 70 -21.07 75.32 102.31
CA ASN F 70 -22.22 74.45 102.48
C ASN F 70 -22.42 73.75 101.14
N PRO F 71 -23.21 72.73 101.05
CA PRO F 71 -23.39 72.08 99.75
C PRO F 71 -24.59 72.57 98.97
N ASP F 72 -24.47 72.54 97.65
CA ASP F 72 -25.52 72.99 96.74
C ASP F 72 -25.89 71.77 95.89
N LEU F 73 -26.81 70.97 96.41
CA LEU F 73 -27.24 69.76 95.75
C LEU F 73 -28.34 70.11 94.75
N SER F 74 -28.03 71.00 93.81
CA SER F 74 -28.99 71.30 92.77
C SER F 74 -29.16 70.11 91.84
N SER F 75 -28.05 69.57 91.36
CA SER F 75 -28.11 68.47 90.41
C SER F 75 -28.68 67.21 91.05
N VAL F 76 -28.26 66.91 92.28
CA VAL F 76 -28.80 65.75 92.99
C VAL F 76 -30.29 65.92 93.23
N LEU F 77 -30.72 67.15 93.54
CA LEU F 77 -32.14 67.41 93.73
C LEU F 77 -32.93 67.17 92.44
N GLU F 78 -32.42 67.66 91.31
CA GLU F 78 -33.08 67.41 90.04
C GLU F 78 -33.14 65.92 89.74
N GLU F 79 -32.08 65.19 90.07
CA GLU F 79 -32.08 63.75 89.83
C GLU F 79 -33.12 63.06 90.71
N PHE F 80 -33.23 63.47 91.97
CA PHE F 80 -34.26 62.90 92.83
C PHE F 80 -35.64 63.13 92.24
N GLU F 81 -35.87 64.33 91.71
CA GLU F 81 -37.18 64.61 91.09
C GLU F 81 -37.42 63.73 89.88
N VAL F 82 -36.39 63.53 89.05
CA VAL F 82 -36.54 62.67 87.88
C VAL F 82 -36.85 61.23 88.29
N ARG F 83 -36.15 60.71 89.28
CA ARG F 83 -36.39 59.34 89.70
C ARG F 83 -37.76 59.19 90.37
N CYS F 84 -38.23 60.25 91.05
CA CYS F 84 -39.58 60.22 91.57
C CYS F 84 -40.61 60.13 90.45
N VAL F 85 -40.41 60.89 89.38
CA VAL F 85 -41.31 60.82 88.24
C VAL F 85 -41.26 59.42 87.61
N ALA F 86 -40.07 58.81 87.56
CA ALA F 86 -39.97 57.46 86.99
C ALA F 86 -40.71 56.44 87.83
N VAL F 87 -40.56 56.50 89.16
CA VAL F 87 -41.31 55.60 90.02
C VAL F 87 -42.80 55.80 89.84
N ALA F 88 -43.24 57.05 89.71
CA ALA F 88 -44.67 57.29 89.49
C ALA F 88 -45.13 56.70 88.17
N ARG F 89 -44.32 56.83 87.13
CA ARG F 89 -44.67 56.26 85.83
C ARG F 89 -44.87 54.75 85.93
N ARG F 90 -43.97 54.07 86.62
CA ARG F 90 -44.06 52.61 86.68
C ARG F 90 -45.02 52.13 87.77
N GLY F 91 -45.52 53.01 88.62
CA GLY F 91 -46.48 52.61 89.63
C GLY F 91 -47.89 52.46 89.08
N TYR F 92 -48.29 53.36 88.19
CA TYR F 92 -49.65 53.29 87.66
C TYR F 92 -49.85 52.05 86.79
N THR F 93 -48.82 51.66 86.04
CA THR F 93 -48.98 50.53 85.13
C THR F 93 -48.99 49.19 85.86
N TYR F 94 -48.28 49.09 86.98
CA TYR F 94 -48.11 47.78 87.61
C TYR F 94 -49.44 47.26 88.12
N PRO F 95 -49.80 46.01 87.84
CA PRO F 95 -51.04 45.46 88.40
C PRO F 95 -50.89 45.21 89.89
N PHE F 96 -51.82 45.75 90.66
CA PHE F 96 -51.77 45.66 92.11
C PHE F 96 -53.01 44.94 92.61
N GLY F 97 -52.89 44.35 93.80
CA GLY F 97 -54.05 43.71 94.40
C GLY F 97 -55.17 44.69 94.65
N ASP F 98 -54.88 45.78 95.35
CA ASP F 98 -55.82 46.86 95.58
C ASP F 98 -55.20 48.13 95.01
N ARG F 99 -55.78 48.64 93.92
CA ARG F 99 -55.21 49.79 93.25
C ARG F 99 -55.51 51.10 93.97
N GLY F 100 -56.52 51.12 94.84
CA GLY F 100 -56.80 52.34 95.60
C GLY F 100 -55.64 52.73 96.51
N LYS F 101 -55.10 51.77 97.24
CA LYS F 101 -53.94 52.03 98.10
C LYS F 101 -52.75 52.50 97.27
N ALA F 102 -52.48 51.81 96.16
CA ALA F 102 -51.41 52.21 95.28
C ALA F 102 -51.61 53.62 94.76
N ARG F 103 -52.86 53.99 94.48
CA ARG F 103 -53.14 55.31 93.93
C ARG F 103 -52.94 56.39 94.98
N ASP F 104 -53.28 56.10 96.23
CA ASP F 104 -52.94 57.05 97.31
C ASP F 104 -51.43 57.29 97.36
N HIS F 105 -50.65 56.21 97.38
CA HIS F 105 -49.21 56.39 97.49
C HIS F 105 -48.63 57.05 96.23
N LEU F 106 -49.19 56.74 95.06
CA LEU F 106 -48.75 57.40 93.83
C LEU F 106 -49.07 58.89 93.86
N ALA F 107 -50.24 59.26 94.38
CA ALA F 107 -50.56 60.66 94.54
C ALA F 107 -49.52 61.34 95.41
N VAL F 108 -49.16 60.71 96.53
CA VAL F 108 -48.15 61.30 97.41
C VAL F 108 -46.83 61.47 96.66
N LEU F 109 -46.47 60.47 95.83
CA LEU F 109 -45.24 60.55 95.06
C LEU F 109 -45.30 61.68 94.03
N ASP F 110 -46.50 62.00 93.55
CA ASP F 110 -46.66 62.96 92.46
C ASP F 110 -46.58 64.41 92.87
N ARG F 111 -46.94 64.76 94.11
CA ARG F 111 -46.84 66.16 94.53
C ARG F 111 -45.40 66.57 94.81
N THR F 112 -44.54 65.62 95.16
CA THR F 112 -43.24 65.93 95.75
C THR F 112 -42.48 66.97 94.95
N GLU F 113 -42.14 68.09 95.60
CA GLU F 113 -41.36 69.16 95.01
C GLU F 113 -40.43 69.72 96.07
N PHE F 114 -39.38 70.40 95.62
CA PHE F 114 -38.42 71.00 96.54
C PHE F 114 -38.61 72.51 96.60
N ASP F 115 -38.84 73.00 97.82
CA ASP F 115 -38.92 74.41 98.09
C ASP F 115 -37.51 75.03 98.04
N THR F 116 -37.47 76.37 98.12
CA THR F 116 -36.17 77.04 98.15
C THR F 116 -35.32 76.55 99.30
N ASP F 117 -35.92 76.43 100.49
CA ASP F 117 -35.16 76.12 101.69
C ASP F 117 -34.48 74.76 101.58
N VAL F 118 -33.20 74.72 101.95
CA VAL F 118 -32.48 73.44 102.00
C VAL F 118 -32.97 72.61 103.19
N ARG F 119 -33.40 73.25 104.27
CA ARG F 119 -33.79 72.50 105.45
C ARG F 119 -34.99 71.61 105.19
N HIS F 120 -35.87 72.00 104.26
CA HIS F 120 -37.05 71.21 103.96
C HIS F 120 -36.71 69.93 103.21
N ASP F 121 -35.52 69.86 102.63
CA ASP F 121 -35.19 68.80 101.69
C ASP F 121 -35.27 67.41 102.33
N ALA F 122 -34.75 67.27 103.55
CA ALA F 122 -34.79 65.97 104.20
C ALA F 122 -36.22 65.52 104.45
N GLU F 123 -37.06 66.43 104.92
CA GLU F 123 -38.47 66.10 105.17
C GLU F 123 -39.17 65.68 103.87
N ILE F 124 -38.90 66.38 102.76
CA ILE F 124 -39.50 65.99 101.48
C ILE F 124 -39.02 64.60 101.06
N VAL F 125 -37.70 64.38 101.11
CA VAL F 125 -37.16 63.11 100.64
C VAL F 125 -37.72 61.95 101.46
N GLU F 126 -37.93 62.17 102.76
CA GLU F 126 -38.38 61.08 103.60
C GLU F 126 -39.80 60.63 103.24
N ARG F 127 -40.70 61.59 103.05
CA ARG F 127 -42.06 61.27 102.62
C ARG F 127 -42.04 60.52 101.30
N ALA F 128 -41.29 61.04 100.33
CA ALA F 128 -41.25 60.37 99.04
C ALA F 128 -40.73 58.94 99.17
N LEU F 129 -39.68 58.75 99.98
CA LEU F 129 -39.08 57.43 100.11
C LEU F 129 -40.01 56.46 100.81
N VAL F 130 -40.71 56.90 101.85
CA VAL F 130 -41.64 56.00 102.53
C VAL F 130 -42.71 55.52 101.55
N SER F 131 -43.29 56.45 100.78
CA SER F 131 -44.31 56.05 99.83
C SER F 131 -43.77 55.08 98.79
N ALA F 132 -42.59 55.35 98.24
CA ALA F 132 -42.04 54.48 97.21
C ALA F 132 -41.73 53.10 97.76
N VAL F 133 -41.15 53.04 98.96
CA VAL F 133 -40.81 51.76 99.57
C VAL F 133 -42.07 50.94 99.81
N ILE F 134 -43.14 51.59 100.25
CA ILE F 134 -44.41 50.87 100.41
C ILE F 134 -44.87 50.33 99.06
N LEU F 135 -44.74 51.12 98.00
CA LEU F 135 -45.15 50.65 96.68
C LEU F 135 -44.38 49.40 96.29
N ALA F 136 -43.05 49.43 96.45
CA ALA F 136 -42.23 48.28 96.11
C ALA F 136 -42.56 47.06 96.97
N LYS F 137 -42.85 47.28 98.25
CA LYS F 137 -43.22 46.17 99.12
C LYS F 137 -44.53 45.53 98.66
N MET F 138 -45.51 46.35 98.27
CA MET F 138 -46.74 45.79 97.73
C MET F 138 -46.48 44.99 96.47
N SER F 139 -45.64 45.50 95.57
CA SER F 139 -45.40 44.83 94.31
C SER F 139 -44.91 43.40 94.49
N VAL F 140 -44.03 43.18 95.47
CA VAL F 140 -43.38 41.88 95.62
C VAL F 140 -44.11 41.02 96.66
N ARG F 141 -45.21 41.54 97.19
CA ARG F 141 -46.06 40.80 98.13
C ARG F 141 -45.46 40.73 99.53
N GLU F 142 -44.57 41.64 99.88
CA GLU F 142 -44.01 41.66 101.22
C GLU F 142 -45.04 42.17 102.22
N THR F 143 -44.92 41.72 103.46
CA THR F 143 -45.78 42.24 104.52
C THR F 143 -45.33 43.64 104.92
N LEU F 144 -46.29 44.55 105.02
CA LEU F 144 -46.01 45.95 105.33
C LEU F 144 -46.54 46.28 106.71
N VAL F 145 -45.74 47.02 107.49
CA VAL F 145 -46.12 47.35 108.86
C VAL F 145 -47.50 47.99 108.85
N THR F 146 -48.37 47.49 109.72
CA THR F 146 -49.72 48.02 109.83
C THR F 146 -50.05 48.51 111.24
N ALA F 147 -49.11 48.44 112.17
CA ALA F 147 -49.40 48.70 113.57
C ALA F 147 -49.69 50.18 113.83
N ILE F 148 -50.57 50.43 114.80
CA ILE F 148 -50.94 51.80 115.14
C ILE F 148 -49.69 52.59 115.50
N GLY F 149 -49.58 53.79 114.96
CA GLY F 149 -48.45 54.66 115.23
C GLY F 149 -47.11 54.12 114.76
N GLN F 150 -47.10 53.27 113.72
CA GLN F 150 -45.88 52.69 113.20
C GLN F 150 -45.73 53.08 111.74
N THR F 151 -44.49 53.28 111.30
CA THR F 151 -44.19 53.70 109.95
C THR F 151 -43.25 52.70 109.30
N GLU F 152 -43.36 52.54 107.98
CA GLU F 152 -42.47 51.65 107.26
C GLU F 152 -41.04 52.17 107.29
N PRO F 153 -40.05 51.31 107.55
CA PRO F 153 -38.66 51.75 107.47
C PRO F 153 -38.17 51.78 106.04
N ILE F 154 -37.30 52.75 105.75
CA ILE F 154 -36.75 52.93 104.41
C ILE F 154 -35.63 51.91 104.24
N ALA F 155 -35.82 50.99 103.29
CA ALA F 155 -34.82 49.98 103.00
C ALA F 155 -34.93 49.58 101.54
N PHE F 156 -33.82 49.08 101.01
CA PHE F 156 -33.82 48.49 99.68
C PHE F 156 -34.56 47.16 99.70
N VAL F 157 -35.26 46.86 98.61
CA VAL F 157 -36.03 45.63 98.48
C VAL F 157 -35.37 44.76 97.41
N HIS F 158 -35.11 43.50 97.76
CA HIS F 158 -34.58 42.51 96.83
C HIS F 158 -33.27 42.98 96.19
N LEU F 159 -32.37 43.47 97.04
CA LEU F 159 -31.03 43.83 96.63
C LEU F 159 -30.04 42.80 97.16
N LYS F 160 -28.96 42.59 96.42
CA LYS F 160 -27.91 41.69 96.86
C LYS F 160 -27.24 42.23 98.11
N ASP F 161 -26.73 41.33 98.95
CA ASP F 161 -26.06 41.77 100.17
C ASP F 161 -24.81 42.58 99.86
N THR F 162 -24.04 42.14 98.86
CA THR F 162 -22.78 42.82 98.54
C THR F 162 -23.02 44.24 98.04
N GLU F 163 -24.03 44.44 97.21
CA GLU F 163 -24.31 45.79 96.73
C GLU F 163 -24.77 46.69 97.87
N VAL F 164 -25.59 46.16 98.77
CA VAL F 164 -25.98 46.92 99.94
C VAL F 164 -24.75 47.32 100.74
N GLN F 165 -23.81 46.40 100.91
CA GLN F 165 -22.59 46.72 101.64
C GLN F 165 -21.80 47.84 100.96
N ARG F 166 -21.62 47.74 99.64
CA ARG F 166 -20.88 48.77 98.93
C ARG F 166 -21.54 50.14 99.12
N ILE F 167 -22.86 50.20 98.95
CA ILE F 167 -23.55 51.49 99.07
C ILE F 167 -23.51 52.00 100.50
N GLU F 168 -23.63 51.11 101.48
CA GLU F 168 -23.60 51.57 102.87
C GLU F 168 -22.24 52.14 103.21
N GLU F 169 -21.17 51.54 102.69
CA GLU F 169 -19.85 52.14 102.88
C GLU F 169 -19.76 53.51 102.22
N ASN F 170 -20.30 53.64 101.01
CA ASN F 170 -20.27 54.95 100.35
C ASN F 170 -21.02 56.00 101.17
N LEU F 171 -22.17 55.62 101.74
CA LEU F 171 -22.97 56.56 102.50
C LEU F 171 -22.29 56.92 103.82
N GLU F 172 -21.63 55.96 104.46
CA GLU F 172 -20.82 56.28 105.62
C GLU F 172 -19.73 57.28 105.27
N GLY F 173 -19.04 57.06 104.15
CA GLY F 173 -18.05 58.02 103.70
C GLY F 173 -18.65 59.41 103.53
N VAL F 174 -19.78 59.51 102.85
CA VAL F 174 -20.43 60.82 102.67
C VAL F 174 -20.71 61.44 104.02
N ARG F 175 -21.11 60.63 105.00
CA ARG F 175 -21.27 61.11 106.36
C ARG F 175 -19.97 61.70 106.88
N ARG F 176 -18.83 61.13 106.47
CA ARG F 176 -17.54 61.63 106.93
C ARG F 176 -17.24 63.04 106.41
N ASN F 177 -17.34 63.25 105.10
CA ASN F 177 -17.04 64.53 104.48
C ASN F 177 -18.09 64.79 103.41
N MET F 178 -19.01 65.71 103.69
CA MET F 178 -20.20 65.84 102.87
C MET F 178 -19.95 66.66 101.61
N PHE F 179 -19.08 67.67 101.69
CA PHE F 179 -18.87 68.57 100.56
C PHE F 179 -18.49 67.79 99.30
N CYS F 180 -17.96 66.59 99.47
CA CYS F 180 -17.62 65.70 98.36
C CYS F 180 -18.78 64.74 98.13
N VAL F 181 -19.52 64.95 97.05
CA VAL F 181 -20.62 64.08 96.67
C VAL F 181 -20.25 63.43 95.34
N LYS F 182 -20.06 62.12 95.36
CA LYS F 182 -19.69 61.34 94.19
C LYS F 182 -20.53 60.06 94.18
N PRO F 183 -21.78 60.14 93.72
CA PRO F 183 -22.71 58.99 93.62
C PRO F 183 -22.62 58.27 92.27
N LEU F 184 -21.71 57.32 92.17
CA LEU F 184 -21.38 56.70 90.89
C LEU F 184 -21.94 55.28 90.72
N ASP F 185 -22.83 54.84 91.62
CA ASP F 185 -23.18 53.42 91.72
C ASP F 185 -24.56 53.15 91.12
N LEU F 186 -24.60 52.52 89.93
CA LEU F 186 -25.84 51.98 89.35
C LEU F 186 -25.57 50.57 88.83
N ASN F 187 -25.75 49.57 89.70
CA ASN F 187 -25.40 48.20 89.38
C ASN F 187 -26.61 47.29 89.14
N LEU F 188 -27.82 47.84 89.12
CA LEU F 188 -29.03 47.03 89.05
C LEU F 188 -29.11 46.27 87.73
N ASP F 189 -29.71 45.08 87.77
CA ASP F 189 -29.83 44.19 86.63
C ASP F 189 -31.28 44.12 86.17
N ARG F 190 -31.50 44.25 84.86
CA ARG F 190 -32.86 44.19 84.34
C ARG F 190 -33.51 42.84 84.62
N HIS F 191 -32.76 41.75 84.46
CA HIS F 191 -33.27 40.43 84.80
C HIS F 191 -33.57 40.32 86.29
N ALA F 192 -32.98 41.21 87.10
CA ALA F 192 -33.28 41.27 88.52
C ALA F 192 -34.78 41.45 88.72
N ASN F 193 -35.16 41.86 89.92
CA ASN F 193 -36.54 41.91 90.38
C ASN F 193 -37.49 42.43 89.30
N THR F 194 -37.48 43.71 88.95
CA THR F 194 -38.50 44.25 88.05
C THR F 194 -38.28 45.74 87.88
N ALA F 195 -38.98 46.32 86.90
CA ALA F 195 -38.78 47.73 86.61
C ALA F 195 -39.15 48.60 87.81
N LEU F 196 -40.28 48.30 88.45
CA LEU F 196 -40.72 49.06 89.61
C LEU F 196 -39.71 48.97 90.75
N VAL F 197 -39.24 47.76 91.05
CA VAL F 197 -38.31 47.57 92.15
C VAL F 197 -37.01 48.32 91.89
N ASN F 198 -36.50 48.25 90.66
CA ASN F 198 -35.25 48.91 90.32
C ASN F 198 -35.39 50.43 90.42
N ALA F 199 -36.48 50.97 89.88
CA ALA F 199 -36.69 52.41 89.99
C ALA F 199 -36.76 52.83 91.45
N VAL F 200 -37.46 52.06 92.28
CA VAL F 200 -37.57 52.40 93.69
C VAL F 200 -36.21 52.34 94.37
N ASN F 201 -35.36 51.38 93.99
CA ASN F 201 -34.06 51.24 94.63
C ASN F 201 -33.16 52.42 94.30
N LYS F 202 -33.14 52.83 93.03
CA LYS F 202 -32.36 54.02 92.69
C LYS F 202 -32.87 55.24 93.44
N LEU F 203 -34.19 55.38 93.54
CA LEU F 203 -34.75 56.49 94.30
C LEU F 203 -34.31 56.44 95.76
N VAL F 204 -34.29 55.25 96.34
CA VAL F 204 -33.86 55.10 97.73
C VAL F 204 -32.41 55.54 97.89
N TYR F 205 -31.54 55.16 96.96
CA TYR F 205 -30.13 55.56 97.09
C TYR F 205 -29.98 57.06 97.05
N THR F 206 -30.62 57.73 96.08
CA THR F 206 -30.49 59.19 96.00
C THR F 206 -31.07 59.86 97.25
N GLY F 207 -32.22 59.39 97.74
CA GLY F 207 -32.78 59.99 98.93
C GLY F 207 -31.89 59.83 100.14
N ARG F 208 -31.28 58.65 100.30
CA ARG F 208 -30.36 58.45 101.40
C ARG F 208 -29.15 59.37 101.29
N LEU F 209 -28.61 59.54 100.08
CA LEU F 209 -27.48 60.44 99.92
C LEU F 209 -27.85 61.87 100.35
N ILE F 210 -29.00 62.36 99.88
CA ILE F 210 -29.42 63.71 100.24
C ILE F 210 -29.62 63.85 101.74
N MET F 211 -30.38 62.92 102.34
CA MET F 211 -30.68 63.01 103.76
C MET F 211 -29.42 62.95 104.60
N ASN F 212 -28.48 62.08 104.22
CA ASN F 212 -27.22 61.97 104.94
C ASN F 212 -26.43 63.27 104.86
N VAL F 213 -26.31 63.84 103.66
CA VAL F 213 -25.55 65.08 103.52
C VAL F 213 -26.16 66.16 104.41
N ARG F 214 -27.48 66.30 104.35
CA ARG F 214 -28.15 67.35 105.10
C ARG F 214 -27.98 67.15 106.61
N ARG F 215 -28.17 65.93 107.09
CA ARG F 215 -28.08 65.67 108.52
C ARG F 215 -26.67 65.92 109.04
N SER F 216 -25.65 65.44 108.30
CA SER F 216 -24.28 65.64 108.75
C SER F 216 -23.94 67.13 108.83
N TRP F 217 -24.34 67.89 107.80
CA TRP F 217 -24.08 69.33 107.86
C TRP F 217 -24.74 69.96 109.08
N GLU F 218 -26.02 69.66 109.29
CA GLU F 218 -26.73 70.29 110.39
C GLU F 218 -26.10 69.94 111.73
N GLU F 219 -25.61 68.70 111.87
CA GLU F 219 -24.95 68.31 113.10
C GLU F 219 -23.68 69.13 113.34
N LEU F 220 -22.88 69.31 112.29
CA LEU F 220 -21.69 70.15 112.45
C LEU F 220 -22.06 71.56 112.89
N GLU F 221 -23.09 72.14 112.27
CA GLU F 221 -23.49 73.49 112.64
C GLU F 221 -23.91 73.55 114.10
N ARG F 222 -24.65 72.54 114.56
CA ARG F 222 -25.11 72.52 115.94
C ARG F 222 -23.94 72.46 116.92
N LYS F 223 -22.94 71.63 116.62
CA LYS F 223 -21.78 71.56 117.50
C LYS F 223 -21.00 72.87 117.52
N CYS F 224 -20.86 73.51 116.35
CA CYS F 224 -20.18 74.79 116.31
C CYS F 224 -20.90 75.81 117.19
N LEU F 225 -22.22 75.86 117.12
CA LEU F 225 -22.97 76.81 117.93
C LEU F 225 -22.78 76.53 119.42
N ALA F 226 -22.82 75.26 119.81
CA ALA F 226 -22.60 74.92 121.22
C ALA F 226 -21.23 75.40 121.70
N ARG F 227 -20.18 75.11 120.93
CA ARG F 227 -18.84 75.51 121.35
C ARG F 227 -18.70 77.03 121.43
N ILE F 228 -19.24 77.74 120.45
CA ILE F 228 -19.12 79.20 120.45
C ILE F 228 -19.81 79.78 121.67
N GLN F 229 -21.01 79.29 121.99
CA GLN F 229 -21.72 79.81 123.15
C GLN F 229 -20.95 79.54 124.43
N GLU F 230 -20.37 78.35 124.57
CA GLU F 230 -19.59 78.06 125.77
C GLU F 230 -18.39 78.98 125.90
N ARG F 231 -17.66 79.18 124.80
CA ARG F 231 -16.53 80.10 124.84
C ARG F 231 -16.97 81.48 125.31
N CYS F 232 -18.05 81.99 124.72
CA CYS F 232 -18.50 83.34 125.08
C CYS F 232 -18.85 83.43 126.56
N LYS F 233 -19.53 82.42 127.09
CA LYS F 233 -19.93 82.50 128.50
C LYS F 233 -18.74 82.46 129.44
N LEU F 234 -17.81 81.52 129.21
CA LEU F 234 -16.64 81.44 130.07
C LEU F 234 -15.80 82.70 130.00
N LEU F 235 -15.58 83.21 128.78
CA LEU F 235 -14.81 84.43 128.64
C LEU F 235 -15.51 85.60 129.30
N VAL F 236 -16.84 85.66 129.24
CA VAL F 236 -17.56 86.76 129.85
C VAL F 236 -17.38 86.72 131.36
N LYS F 237 -17.38 85.53 131.96
CA LYS F 237 -17.07 85.47 133.40
C LYS F 237 -15.66 85.98 133.68
N GLU F 238 -14.68 85.44 132.96
CA GLU F 238 -13.30 85.82 133.20
C GLU F 238 -13.10 87.33 133.08
N LEU F 239 -13.71 87.94 132.07
CA LEU F 239 -13.59 89.39 131.90
C LEU F 239 -14.37 90.14 132.97
N ARG F 240 -15.51 89.60 133.40
CA ARG F 240 -16.26 90.23 134.47
C ARG F 240 -15.41 90.35 135.73
N MET F 241 -14.38 89.50 135.86
CA MET F 241 -13.47 89.66 136.99
C MET F 241 -12.93 91.10 137.10
N CYS F 242 -12.57 91.72 135.98
CA CYS F 242 -11.94 93.05 135.98
C CYS F 242 -12.87 94.10 135.38
N LEU F 243 -12.86 95.29 135.98
CA LEU F 243 -13.79 96.36 135.61
C LEU F 243 -13.15 97.50 134.82
N SER F 244 -12.06 97.25 134.10
CA SER F 244 -11.46 98.28 133.27
C SER F 244 -12.42 98.69 132.16
N PHE F 245 -12.15 99.86 131.56
CA PHE F 245 -12.86 100.23 130.34
C PHE F 245 -12.65 99.19 129.25
N ASP F 246 -11.42 98.67 129.12
CA ASP F 246 -11.14 97.69 128.10
C ASP F 246 -11.90 96.40 128.37
N SER F 247 -11.89 95.93 129.61
CA SER F 247 -12.61 94.73 129.96
C SER F 247 -14.12 94.91 129.78
N ASN F 248 -14.63 96.10 130.14
CA ASN F 248 -16.04 96.35 129.90
C ASN F 248 -16.37 96.32 128.41
N TYR F 249 -15.47 96.85 127.58
CA TYR F 249 -15.69 96.80 126.13
C TYR F 249 -15.70 95.36 125.64
N CYS F 250 -14.77 94.54 126.12
CA CYS F 250 -14.76 93.14 125.71
C CYS F 250 -16.02 92.42 126.14
N ARG F 251 -16.48 92.67 127.37
CA ARG F 251 -17.73 92.08 127.81
C ARG F 251 -18.89 92.50 126.93
N ASN F 252 -19.00 93.80 126.68
CA ASN F 252 -20.13 94.30 125.89
C ASN F 252 -20.13 93.67 124.50
N ILE F 253 -18.96 93.40 123.94
CA ILE F 253 -18.93 92.73 122.64
C ILE F 253 -19.50 91.32 122.75
N LEU F 254 -19.20 90.62 123.84
CA LEU F 254 -19.58 89.23 124.01
C LEU F 254 -21.05 89.04 124.36
N LYS F 255 -21.82 90.11 124.47
CA LYS F 255 -23.24 89.98 124.78
C LYS F 255 -24.01 89.33 123.64
N HIS F 256 -23.62 89.60 122.40
CA HIS F 256 -24.38 89.10 121.26
C HIS F 256 -24.49 87.59 121.30
N ALA F 257 -25.70 87.09 121.10
CA ALA F 257 -25.92 85.65 121.03
C ALA F 257 -25.56 85.11 119.66
N VAL F 258 -24.84 83.98 119.66
CA VAL F 258 -24.23 83.47 118.44
C VAL F 258 -25.09 82.45 117.71
N GLU F 259 -26.33 82.22 118.16
CA GLU F 259 -27.26 81.44 117.37
C GLU F 259 -27.55 82.16 116.06
N ASN F 260 -28.02 81.42 115.05
CA ASN F 260 -28.33 82.05 113.77
C ASN F 260 -27.10 82.61 113.08
N GLY F 261 -26.28 81.72 112.50
CA GLY F 261 -24.94 82.08 112.05
C GLY F 261 -24.77 83.52 111.57
N ASP F 262 -25.83 84.15 111.10
CA ASP F 262 -25.75 85.59 110.84
C ASP F 262 -25.26 86.34 112.07
N SER F 263 -25.75 85.96 113.25
CA SER F 263 -25.23 86.52 114.49
C SER F 263 -23.77 86.16 114.68
N ALA F 264 -23.39 84.95 114.26
CA ALA F 264 -21.99 84.54 114.36
C ALA F 264 -21.09 85.44 113.54
N ASP F 265 -21.51 85.77 112.32
CA ASP F 265 -20.75 86.69 111.49
C ASP F 265 -20.75 88.09 112.09
N THR F 266 -21.86 88.49 112.69
CA THR F 266 -21.88 89.77 113.39
C THR F 266 -20.81 89.81 114.47
N LEU F 267 -20.74 88.75 115.28
CA LEU F 267 -19.74 88.70 116.35
C LEU F 267 -18.33 88.67 115.80
N LEU F 268 -18.10 87.87 114.75
CA LEU F 268 -16.77 87.79 114.17
C LEU F 268 -16.29 89.15 113.68
N GLU F 269 -17.13 89.85 112.92
CA GLU F 269 -16.75 91.18 112.46
C GLU F 269 -16.54 92.13 113.64
N LEU F 270 -17.39 92.05 114.66
CA LEU F 270 -17.26 92.98 115.78
C LEU F 270 -15.95 92.76 116.51
N LEU F 271 -15.57 91.51 116.75
CA LEU F 271 -14.30 91.24 117.40
C LEU F 271 -13.12 91.70 116.55
N ILE F 272 -13.13 91.37 115.25
CA ILE F 272 -11.98 91.70 114.41
C ILE F 272 -11.82 93.21 114.28
N GLU F 273 -12.93 93.94 114.18
CA GLU F 273 -12.85 95.35 113.84
C GLU F 273 -12.25 96.17 114.97
N ASP F 274 -12.75 96.00 116.19
CA ASP F 274 -12.35 96.82 117.32
C ASP F 274 -11.30 96.13 118.19
N PHE F 275 -10.51 95.24 117.61
CA PHE F 275 -9.50 94.52 118.38
C PHE F 275 -8.56 95.48 119.09
N ASP F 276 -8.23 96.59 118.45
CA ASP F 276 -7.21 97.49 118.99
C ASP F 276 -7.60 98.00 120.37
N ILE F 277 -8.87 98.33 120.57
CA ILE F 277 -9.26 99.04 121.79
C ILE F 277 -9.30 98.09 122.99
N TYR F 278 -9.56 96.80 122.76
CA TYR F 278 -9.72 95.89 123.88
C TYR F 278 -8.62 94.83 123.99
N VAL F 279 -7.67 94.79 123.06
CA VAL F 279 -6.62 93.77 123.12
C VAL F 279 -5.78 93.95 124.38
N ASP F 280 -5.75 95.15 124.93
CA ASP F 280 -4.90 95.43 126.08
C ASP F 280 -5.36 94.64 127.30
N SER F 281 -6.65 94.35 127.41
CA SER F 281 -7.15 93.60 128.56
C SER F 281 -6.64 92.17 128.55
N PHE F 282 -6.45 91.61 127.36
CA PHE F 282 -5.97 90.24 127.26
C PHE F 282 -4.46 90.19 127.50
N PRO F 283 -3.99 89.37 128.43
CA PRO F 283 -2.54 89.18 128.57
C PRO F 283 -2.01 88.28 127.48
N GLN F 284 -0.82 88.62 126.96
CA GLN F 284 -0.16 87.81 125.95
C GLN F 284 1.30 87.67 126.33
N SER F 285 1.89 86.55 125.94
CA SER F 285 3.30 86.29 126.22
C SER F 285 3.59 86.42 127.70
N MET G 1 24.37 -76.21 -79.57
CA MET G 1 24.90 -76.80 -78.34
C MET G 1 25.28 -75.72 -77.33
N SER G 2 26.59 -75.52 -77.19
CA SER G 2 27.11 -74.56 -76.24
C SER G 2 27.05 -73.15 -76.79
N LEU G 3 26.88 -72.18 -75.89
CA LEU G 3 26.87 -70.78 -76.29
C LEU G 3 28.18 -70.42 -76.99
N GLN G 4 28.08 -69.52 -77.95
CA GLN G 4 29.21 -69.06 -78.74
C GLN G 4 29.40 -67.58 -78.54
N PHE G 5 30.63 -67.17 -78.26
CA PHE G 5 30.97 -65.76 -78.05
C PHE G 5 32.07 -65.38 -79.03
N ILE G 6 31.99 -64.17 -79.59
CA ILE G 6 32.92 -63.78 -80.64
C ILE G 6 34.28 -63.40 -80.07
N GLY G 7 34.34 -62.32 -79.30
CA GLY G 7 35.63 -61.77 -78.92
C GLY G 7 36.29 -62.49 -77.76
N LEU G 8 35.51 -62.92 -76.78
CA LEU G 8 36.03 -63.23 -75.47
C LEU G 8 36.97 -64.44 -75.47
N GLN G 9 37.94 -64.42 -74.56
CA GLN G 9 38.79 -65.57 -74.33
C GLN G 9 38.03 -66.64 -73.57
N ARG G 10 38.49 -67.89 -73.71
CA ARG G 10 37.73 -69.00 -73.13
C ARG G 10 37.76 -68.97 -71.61
N ARG G 11 38.69 -68.23 -71.01
CA ARG G 11 38.67 -68.01 -69.56
C ARG G 11 37.40 -67.28 -69.14
N ASP G 12 37.10 -66.15 -69.78
CA ASP G 12 35.88 -65.42 -69.46
C ASP G 12 34.66 -66.18 -69.95
N VAL G 13 34.76 -66.83 -71.11
CA VAL G 13 33.67 -67.67 -71.57
C VAL G 13 33.33 -68.68 -70.49
N VAL G 14 34.34 -69.28 -69.87
CA VAL G 14 34.13 -70.29 -68.84
C VAL G 14 33.53 -69.66 -67.59
N ALA G 15 33.97 -68.45 -67.24
CA ALA G 15 33.31 -67.74 -66.15
C ALA G 15 31.82 -67.59 -66.40
N LEU G 16 31.45 -67.15 -67.61
CA LEU G 16 30.03 -66.94 -67.91
C LEU G 16 29.26 -68.25 -67.90
N VAL G 17 29.83 -69.29 -68.51
CA VAL G 17 29.12 -70.57 -68.60
C VAL G 17 28.94 -71.18 -67.22
N ASN G 18 29.95 -71.10 -66.37
CA ASN G 18 29.79 -71.61 -65.01
C ASN G 18 28.84 -70.75 -64.20
N PHE G 19 28.81 -69.45 -64.48
CA PHE G 19 27.84 -68.59 -63.82
C PHE G 19 26.43 -69.06 -64.12
N LEU G 20 26.15 -69.37 -65.39
CA LEU G 20 24.83 -69.89 -65.74
C LEU G 20 24.60 -71.26 -65.13
N ARG G 21 25.61 -72.13 -65.14
CA ARG G 21 25.42 -73.47 -64.58
C ARG G 21 25.12 -73.42 -63.10
N HIS G 22 25.69 -72.45 -62.39
CA HIS G 22 25.54 -72.33 -60.95
C HIS G 22 24.65 -71.15 -60.54
N LEU G 23 23.64 -70.84 -61.36
CA LEU G 23 22.79 -69.70 -61.07
C LEU G 23 21.96 -69.91 -59.80
N THR G 24 21.44 -71.12 -59.60
CA THR G 24 20.53 -71.35 -58.48
C THR G 24 21.23 -71.14 -57.14
N GLN G 25 22.49 -71.57 -57.03
CA GLN G 25 23.19 -71.44 -55.76
C GLN G 25 23.44 -69.98 -55.40
N LYS G 26 23.53 -69.12 -56.40
CA LYS G 26 23.80 -67.72 -56.14
C LYS G 26 22.59 -67.04 -55.50
N PRO G 27 22.78 -66.21 -54.49
CA PRO G 27 21.71 -65.32 -54.03
C PRO G 27 21.44 -64.25 -55.08
N ASP G 28 20.24 -63.70 -55.05
CA ASP G 28 19.94 -62.58 -55.94
C ASP G 28 20.19 -62.96 -57.39
N VAL G 29 19.36 -63.86 -57.92
CA VAL G 29 19.59 -64.41 -59.26
C VAL G 29 18.98 -63.42 -60.23
N ASP G 30 19.78 -62.41 -60.58
CA ASP G 30 19.33 -61.30 -61.41
C ASP G 30 20.53 -60.77 -62.18
N LEU G 31 20.47 -60.85 -63.51
CA LEU G 31 21.62 -60.50 -64.32
C LEU G 31 22.06 -59.06 -64.08
N GLU G 32 21.14 -58.20 -63.67
CA GLU G 32 21.49 -56.82 -63.36
C GLU G 32 22.29 -56.72 -62.07
N ALA G 33 21.98 -57.57 -61.09
CA ALA G 33 22.63 -57.45 -59.79
C ALA G 33 24.13 -57.68 -59.91
N HIS G 34 24.55 -58.60 -60.78
CA HIS G 34 25.96 -58.92 -60.93
C HIS G 34 26.49 -58.21 -62.17
N PRO G 35 26.92 -56.95 -62.06
CA PRO G 35 27.34 -56.22 -63.27
C PRO G 35 28.70 -56.63 -63.79
N LYS G 36 29.50 -57.32 -62.98
CA LYS G 36 30.81 -57.77 -63.44
C LYS G 36 30.69 -58.70 -64.64
N ILE G 37 29.64 -59.53 -64.67
CA ILE G 37 29.44 -60.41 -65.82
C ILE G 37 29.19 -59.60 -67.09
N LEU G 38 28.27 -58.64 -67.01
CA LEU G 38 28.04 -57.75 -68.14
C LEU G 38 29.34 -57.08 -68.59
N LYS G 39 30.12 -56.59 -67.63
CA LYS G 39 31.38 -55.94 -68.00
C LYS G 39 32.31 -56.92 -68.70
N LYS G 40 32.32 -58.17 -68.24
CA LYS G 40 33.13 -59.20 -68.88
C LYS G 40 32.54 -59.63 -70.22
N CYS G 41 31.36 -59.13 -70.57
CA CYS G 41 30.87 -59.26 -71.93
C CYS G 41 31.67 -58.47 -72.95
N GLY G 42 32.53 -57.56 -72.50
CA GLY G 42 33.42 -56.82 -73.39
C GLY G 42 33.05 -55.39 -73.69
N GLU G 43 32.24 -54.73 -72.86
CA GLU G 43 31.74 -53.41 -73.17
C GLU G 43 32.85 -52.39 -73.31
N LYS G 44 32.81 -51.63 -74.41
CA LYS G 44 33.71 -50.50 -74.68
C LYS G 44 35.14 -50.94 -74.98
N ARG G 45 35.38 -52.23 -75.13
CA ARG G 45 36.69 -52.73 -75.50
C ARG G 45 36.70 -53.39 -76.88
N LEU G 46 35.53 -53.59 -77.49
CA LEU G 46 35.43 -54.18 -78.81
C LEU G 46 34.48 -53.33 -79.63
N HIS G 47 34.45 -53.60 -80.94
CA HIS G 47 33.51 -52.90 -81.80
C HIS G 47 32.09 -53.16 -81.34
N ARG G 48 31.22 -52.17 -81.54
CA ARG G 48 29.87 -52.24 -80.99
C ARG G 48 29.15 -53.52 -81.39
N ARG G 49 29.38 -53.98 -82.62
CA ARG G 49 28.69 -55.19 -83.09
C ARG G 49 28.99 -56.36 -82.17
N THR G 50 30.27 -56.57 -81.86
CA THR G 50 30.65 -57.73 -81.06
C THR G 50 30.08 -57.63 -79.65
N VAL G 51 30.11 -56.44 -79.07
CA VAL G 51 29.52 -56.25 -77.75
C VAL G 51 28.04 -56.61 -77.77
N LEU G 52 27.32 -56.12 -78.78
CA LEU G 52 25.89 -56.38 -78.86
C LEU G 52 25.63 -57.87 -79.03
N PHE G 53 26.42 -58.55 -79.86
CA PHE G 53 26.22 -59.98 -80.06
C PHE G 53 26.46 -60.75 -78.77
N ASN G 54 27.55 -60.44 -78.06
CA ASN G 54 27.83 -61.17 -76.83
C ASN G 54 26.75 -60.92 -75.79
N GLU G 55 26.27 -59.68 -75.67
CA GLU G 55 25.18 -59.41 -74.73
C GLU G 55 23.92 -60.15 -75.13
N LEU G 56 23.64 -60.24 -76.43
CA LEU G 56 22.49 -61.00 -76.89
C LEU G 56 22.60 -62.46 -76.51
N MET G 57 23.78 -63.06 -76.71
CA MET G 57 23.96 -64.46 -76.35
C MET G 57 23.81 -64.68 -74.85
N LEU G 58 24.38 -63.78 -74.05
CA LEU G 58 24.26 -63.93 -72.61
C LEU G 58 22.81 -63.80 -72.16
N TRP G 59 22.07 -62.84 -72.70
CA TRP G 59 20.68 -62.67 -72.30
C TRP G 59 19.81 -63.84 -72.76
N LEU G 60 20.04 -64.36 -73.97
CA LEU G 60 19.26 -65.51 -74.41
C LEU G 60 19.54 -66.72 -73.51
N GLY G 61 20.81 -66.96 -73.18
CA GLY G 61 21.13 -68.05 -72.27
C GLY G 61 20.56 -67.86 -70.88
N TYR G 62 20.52 -66.62 -70.40
CA TYR G 62 19.96 -66.34 -69.08
C TYR G 62 18.46 -66.58 -69.06
N TYR G 63 17.74 -66.12 -70.08
CA TYR G 63 16.32 -66.41 -70.17
C TYR G 63 16.09 -67.90 -70.22
N ARG G 64 16.92 -68.62 -70.98
CA ARG G 64 16.77 -70.07 -71.06
C ARG G 64 16.92 -70.72 -69.69
N GLU G 65 17.94 -70.32 -68.93
CA GLU G 65 18.13 -70.88 -67.59
C GLU G 65 16.94 -70.54 -66.69
N LEU G 66 16.49 -69.29 -66.73
CA LEU G 66 15.37 -68.91 -65.88
C LEU G 66 14.16 -69.79 -66.16
N ARG G 67 13.77 -69.88 -67.43
CA ARG G 67 12.62 -70.69 -67.78
C ARG G 67 12.83 -72.14 -67.39
N PHE G 68 14.02 -72.68 -67.64
CA PHE G 68 14.27 -74.07 -67.28
C PHE G 68 14.06 -74.31 -65.79
N HIS G 69 14.40 -73.34 -64.95
CA HIS G 69 14.27 -73.59 -63.51
C HIS G 69 12.85 -73.32 -63.02
N ASN G 70 12.28 -72.16 -63.36
CA ASN G 70 10.84 -71.93 -63.28
C ASN G 70 10.25 -72.44 -61.97
N PRO G 71 10.46 -71.75 -60.85
CA PRO G 71 10.05 -72.31 -59.57
C PRO G 71 8.59 -72.78 -59.63
N ASP G 72 8.38 -74.01 -59.20
CA ASP G 72 7.04 -74.59 -59.16
C ASP G 72 6.68 -74.87 -57.71
N LEU G 73 5.51 -74.41 -57.29
CA LEU G 73 5.15 -74.40 -55.89
C LEU G 73 4.05 -75.39 -55.56
N SER G 74 3.98 -76.51 -56.29
CA SER G 74 2.85 -77.43 -56.15
C SER G 74 2.61 -77.77 -54.68
N SER G 75 3.66 -78.16 -53.97
CA SER G 75 3.51 -78.44 -52.54
C SER G 75 3.01 -77.21 -51.79
N VAL G 76 3.54 -76.04 -52.13
CA VAL G 76 3.12 -74.81 -51.49
C VAL G 76 1.65 -74.55 -51.76
N LEU G 77 1.19 -74.85 -52.99
CA LEU G 77 -0.20 -74.63 -53.33
C LEU G 77 -1.13 -75.58 -52.56
N GLU G 78 -0.73 -76.85 -52.45
CA GLU G 78 -1.56 -77.78 -51.68
C GLU G 78 -1.57 -77.41 -50.20
N GLU G 79 -0.48 -76.84 -49.70
CA GLU G 79 -0.49 -76.28 -48.35
C GLU G 79 -1.46 -75.12 -48.24
N PHE G 80 -1.47 -74.25 -49.25
CA PHE G 80 -2.32 -73.05 -49.20
C PHE G 80 -3.79 -73.42 -49.18
N GLU G 81 -4.20 -74.39 -50.00
CA GLU G 81 -5.61 -74.75 -50.03
C GLU G 81 -6.07 -75.30 -48.68
N VAL G 82 -5.24 -76.15 -48.07
CA VAL G 82 -5.57 -76.71 -46.76
C VAL G 82 -5.69 -75.60 -45.72
N ARG G 83 -4.72 -74.68 -45.70
CA ARG G 83 -4.74 -73.64 -44.68
C ARG G 83 -5.90 -72.67 -44.90
N CYS G 84 -6.28 -72.44 -46.15
CA CYS G 84 -7.44 -71.58 -46.42
C CYS G 84 -8.72 -72.24 -45.91
N VAL G 85 -8.86 -73.56 -46.15
CA VAL G 85 -10.01 -74.27 -45.61
C VAL G 85 -10.03 -74.17 -44.09
N ALA G 86 -8.87 -74.36 -43.45
CA ALA G 86 -8.81 -74.31 -41.99
C ALA G 86 -9.19 -72.94 -41.46
N VAL G 87 -8.71 -71.89 -42.11
CA VAL G 87 -9.05 -70.53 -41.67
C VAL G 87 -10.55 -70.30 -41.80
N ALA G 88 -11.14 -70.72 -42.92
CA ALA G 88 -12.58 -70.53 -43.08
C ALA G 88 -13.36 -71.29 -42.01
N ARG G 89 -12.94 -72.53 -41.73
CA ARG G 89 -13.63 -73.32 -40.72
C ARG G 89 -13.55 -72.66 -39.35
N ARG G 90 -12.34 -72.31 -38.90
CA ARG G 90 -12.20 -71.70 -37.58
C ARG G 90 -12.93 -70.37 -37.50
N GLY G 91 -13.02 -69.66 -38.62
CA GLY G 91 -13.77 -68.41 -38.62
C GLY G 91 -15.27 -68.59 -38.54
N TYR G 92 -15.77 -69.69 -39.11
CA TYR G 92 -17.22 -69.90 -39.13
C TYR G 92 -17.79 -70.04 -37.73
N THR G 93 -17.11 -70.77 -36.85
CA THR G 93 -17.64 -70.99 -35.50
C THR G 93 -17.51 -69.74 -34.64
N TYR G 94 -16.43 -68.99 -34.80
CA TYR G 94 -16.13 -67.90 -33.88
C TYR G 94 -17.22 -66.84 -33.91
N PRO G 95 -17.67 -66.35 -32.76
CA PRO G 95 -18.71 -65.32 -32.74
C PRO G 95 -18.18 -63.99 -33.24
N PHE G 96 -18.98 -63.31 -34.04
CA PHE G 96 -18.61 -62.00 -34.56
C PHE G 96 -19.66 -60.97 -34.18
N GLY G 97 -19.22 -59.73 -34.02
CA GLY G 97 -20.14 -58.67 -33.64
C GLY G 97 -21.28 -58.51 -34.63
N ASP G 98 -20.94 -58.34 -35.91
CA ASP G 98 -21.94 -58.13 -36.95
C ASP G 98 -21.78 -59.22 -38.01
N ARG G 99 -22.76 -60.10 -38.09
CA ARG G 99 -22.76 -61.19 -39.04
C ARG G 99 -23.16 -60.67 -40.42
N GLY G 100 -22.96 -61.51 -41.43
CA GLY G 100 -23.15 -61.08 -42.79
C GLY G 100 -21.87 -60.55 -43.41
N LYS G 101 -21.38 -59.40 -42.92
CA LYS G 101 -20.08 -58.92 -43.38
C LYS G 101 -19.00 -59.95 -43.14
N ALA G 102 -18.90 -60.45 -41.90
CA ALA G 102 -18.02 -61.59 -41.65
C ALA G 102 -18.43 -62.78 -42.50
N ARG G 103 -19.73 -62.97 -42.67
CA ARG G 103 -20.21 -64.02 -43.56
C ARG G 103 -19.78 -63.75 -45.00
N ASP G 104 -19.76 -62.48 -45.42
CA ASP G 104 -19.32 -62.15 -46.76
C ASP G 104 -17.84 -62.49 -46.97
N HIS G 105 -17.00 -62.16 -46.00
CA HIS G 105 -15.59 -62.50 -46.13
C HIS G 105 -15.39 -64.02 -46.11
N LEU G 106 -16.12 -64.72 -45.24
CA LEU G 106 -16.04 -66.18 -45.24
C LEU G 106 -16.53 -66.75 -46.57
N ALA G 107 -17.47 -66.07 -47.22
CA ALA G 107 -17.95 -66.52 -48.52
C ALA G 107 -16.87 -66.37 -49.58
N VAL G 108 -16.18 -65.23 -49.57
CA VAL G 108 -15.06 -65.06 -50.49
C VAL G 108 -14.01 -66.14 -50.25
N LEU G 109 -13.76 -66.48 -48.98
CA LEU G 109 -12.73 -67.46 -48.67
C LEU G 109 -13.05 -68.83 -49.26
N ASP G 110 -14.33 -69.19 -49.34
CA ASP G 110 -14.69 -70.49 -49.88
C ASP G 110 -14.68 -70.55 -51.39
N ARG G 111 -14.75 -69.41 -52.08
CA ARG G 111 -14.66 -69.39 -53.53
C ARG G 111 -13.23 -69.45 -54.04
N THR G 112 -12.25 -69.47 -53.14
CA THR G 112 -10.85 -69.40 -53.54
C THR G 112 -10.41 -70.75 -54.09
N GLU G 113 -9.92 -70.75 -55.33
CA GLU G 113 -9.35 -71.94 -55.94
C GLU G 113 -8.54 -71.52 -57.15
N PHE G 114 -7.62 -72.38 -57.57
CA PHE G 114 -6.68 -72.07 -58.62
C PHE G 114 -7.28 -72.38 -60.00
N ASP G 115 -7.17 -71.41 -60.90
CA ASP G 115 -7.61 -71.53 -62.28
C ASP G 115 -6.64 -72.40 -63.08
N THR G 116 -6.98 -72.60 -64.36
CA THR G 116 -6.07 -73.26 -65.27
C THR G 116 -4.79 -72.46 -65.46
N ASP G 117 -4.87 -71.13 -65.34
CA ASP G 117 -3.73 -70.28 -65.59
C ASP G 117 -2.84 -70.19 -64.36
N VAL G 118 -1.53 -70.39 -64.55
CA VAL G 118 -0.59 -70.24 -63.43
C VAL G 118 -0.33 -68.77 -63.14
N ARG G 119 -0.51 -67.91 -64.14
CA ARG G 119 -0.36 -66.47 -63.91
C ARG G 119 -1.42 -65.94 -62.96
N HIS G 120 -2.56 -66.62 -62.85
CA HIS G 120 -3.60 -66.16 -61.95
C HIS G 120 -3.31 -66.47 -60.48
N ASP G 121 -2.43 -67.44 -60.22
CA ASP G 121 -2.21 -67.86 -58.83
C ASP G 121 -1.86 -66.70 -57.92
N ALA G 122 -1.13 -65.71 -58.45
CA ALA G 122 -0.69 -64.60 -57.61
C ALA G 122 -1.86 -63.77 -57.12
N GLU G 123 -2.90 -63.62 -57.93
CA GLU G 123 -4.04 -62.81 -57.51
C GLU G 123 -5.12 -63.63 -56.82
N ILE G 124 -5.37 -64.86 -57.28
CA ILE G 124 -6.29 -65.75 -56.57
C ILE G 124 -5.90 -65.85 -55.11
N VAL G 125 -4.59 -65.84 -54.83
CA VAL G 125 -4.13 -65.89 -53.45
C VAL G 125 -4.36 -64.55 -52.76
N GLU G 126 -4.01 -63.45 -53.43
CA GLU G 126 -4.04 -62.15 -52.78
C GLU G 126 -5.42 -61.86 -52.20
N ARG G 127 -6.47 -62.00 -53.02
CA ARG G 127 -7.80 -61.70 -52.53
C ARG G 127 -8.12 -62.48 -51.27
N ALA G 128 -7.78 -63.78 -51.25
CA ALA G 128 -8.08 -64.55 -50.05
C ALA G 128 -7.45 -63.91 -48.82
N LEU G 129 -6.17 -63.53 -48.92
CA LEU G 129 -5.51 -62.97 -47.76
C LEU G 129 -6.17 -61.68 -47.32
N VAL G 130 -6.62 -60.87 -48.27
CA VAL G 130 -7.30 -59.63 -47.88
C VAL G 130 -8.55 -59.95 -47.08
N SER G 131 -9.25 -61.01 -47.45
CA SER G 131 -10.47 -61.37 -46.75
C SER G 131 -10.20 -62.11 -45.45
N ALA G 132 -8.97 -62.56 -45.23
CA ALA G 132 -8.64 -63.28 -44.01
C ALA G 132 -8.11 -62.36 -42.93
N VAL G 133 -7.16 -61.49 -43.28
CA VAL G 133 -6.68 -60.51 -42.31
C VAL G 133 -7.85 -59.67 -41.80
N ILE G 134 -8.72 -59.21 -42.70
CA ILE G 134 -9.89 -58.48 -42.25
C ILE G 134 -10.64 -59.28 -41.22
N LEU G 135 -10.90 -60.56 -41.50
CA LEU G 135 -11.63 -61.37 -40.54
C LEU G 135 -10.88 -61.45 -39.22
N ALA G 136 -9.56 -61.65 -39.27
CA ALA G 136 -8.80 -61.69 -38.04
C ALA G 136 -8.87 -60.36 -37.30
N LYS G 137 -8.84 -59.25 -38.04
CA LYS G 137 -8.96 -57.97 -37.37
C LYS G 137 -10.28 -57.87 -36.61
N MET G 138 -11.33 -58.51 -37.12
CA MET G 138 -12.61 -58.48 -36.43
C MET G 138 -12.58 -59.29 -35.14
N SER G 139 -11.76 -60.34 -35.09
CA SER G 139 -11.74 -61.19 -33.90
C SER G 139 -11.20 -60.45 -32.69
N VAL G 140 -10.17 -59.62 -32.87
CA VAL G 140 -9.56 -58.89 -31.76
C VAL G 140 -10.24 -57.53 -31.54
N ARG G 141 -11.32 -57.24 -32.26
CA ARG G 141 -12.03 -55.97 -32.16
C ARG G 141 -11.15 -54.80 -32.58
N GLU G 142 -10.11 -55.05 -33.35
CA GLU G 142 -9.26 -54.00 -33.86
C GLU G 142 -9.91 -53.33 -35.07
N THR G 143 -9.58 -52.06 -35.27
CA THR G 143 -10.27 -51.22 -36.24
C THR G 143 -9.48 -51.19 -37.54
N LEU G 144 -10.11 -51.70 -38.61
CA LEU G 144 -9.51 -51.79 -39.92
C LEU G 144 -9.73 -50.50 -40.71
N VAL G 145 -8.95 -50.35 -41.79
CA VAL G 145 -9.12 -49.19 -42.66
C VAL G 145 -10.48 -49.28 -43.33
N THR G 146 -11.25 -48.19 -43.21
CA THR G 146 -12.60 -48.13 -43.76
C THR G 146 -12.74 -47.09 -44.87
N ALA G 147 -11.64 -46.47 -45.29
CA ALA G 147 -11.71 -45.50 -46.37
C ALA G 147 -12.16 -46.16 -47.66
N ILE G 148 -12.91 -45.43 -48.47
CA ILE G 148 -13.37 -45.94 -49.74
C ILE G 148 -12.20 -46.00 -50.71
N GLY G 149 -12.04 -47.14 -51.39
CA GLY G 149 -11.01 -47.31 -52.39
C GLY G 149 -9.66 -47.73 -51.87
N GLN G 150 -9.53 -48.03 -50.58
CA GLN G 150 -8.26 -48.47 -50.01
C GLN G 150 -8.46 -49.83 -49.34
N THR G 151 -7.54 -50.75 -49.64
CA THR G 151 -7.66 -52.13 -49.21
C THR G 151 -6.70 -52.39 -48.05
N GLU G 152 -7.22 -53.00 -46.99
CA GLU G 152 -6.37 -53.26 -45.83
C GLU G 152 -5.14 -54.04 -46.27
N PRO G 153 -3.96 -53.68 -45.78
CA PRO G 153 -2.74 -54.38 -46.20
C PRO G 153 -2.64 -55.75 -45.53
N ILE G 154 -2.13 -56.72 -46.28
CA ILE G 154 -1.85 -58.02 -45.71
C ILE G 154 -0.75 -57.87 -44.68
N ALA G 155 -1.05 -58.25 -43.44
CA ALA G 155 -0.07 -58.14 -42.37
C ALA G 155 -0.37 -59.20 -41.32
N PHE G 156 0.67 -59.60 -40.60
CA PHE G 156 0.48 -60.51 -39.49
C PHE G 156 -0.20 -59.77 -38.34
N VAL G 157 -0.77 -60.55 -37.42
CA VAL G 157 -1.50 -60.01 -36.28
C VAL G 157 -0.94 -60.62 -35.00
N HIS G 158 -0.80 -59.79 -33.97
CA HIS G 158 -0.42 -60.25 -32.65
C HIS G 158 0.87 -61.06 -32.68
N LEU G 159 1.91 -60.49 -33.28
CA LEU G 159 3.24 -61.08 -33.26
C LEU G 159 4.26 -60.04 -32.81
N LYS G 160 5.26 -60.50 -32.06
CA LYS G 160 6.32 -59.63 -31.62
C LYS G 160 7.10 -59.09 -32.83
N ASP G 161 7.84 -58.00 -32.60
CA ASP G 161 8.65 -57.43 -33.66
C ASP G 161 9.76 -58.37 -34.09
N THR G 162 10.35 -59.10 -33.14
CA THR G 162 11.45 -60.00 -33.47
C THR G 162 11.03 -61.00 -34.53
N GLU G 163 9.90 -61.68 -34.31
CA GLU G 163 9.47 -62.71 -35.23
C GLU G 163 8.99 -62.12 -36.55
N VAL G 164 8.29 -60.99 -36.49
CA VAL G 164 7.86 -60.34 -37.73
C VAL G 164 9.06 -59.98 -38.58
N GLN G 165 10.14 -59.50 -37.94
CA GLN G 165 11.35 -59.18 -38.68
C GLN G 165 12.00 -60.44 -39.25
N ARG G 166 11.99 -61.52 -38.49
CA ARG G 166 12.52 -62.78 -39.02
C ARG G 166 11.76 -63.21 -40.27
N ILE G 167 10.43 -63.20 -40.22
CA ILE G 167 9.62 -63.63 -41.35
C ILE G 167 9.84 -62.69 -42.54
N GLU G 168 9.90 -61.39 -42.28
CA GLU G 168 10.14 -60.44 -43.35
C GLU G 168 11.47 -60.72 -44.04
N GLU G 169 12.51 -60.97 -43.24
CA GLU G 169 13.83 -61.27 -43.80
C GLU G 169 13.77 -62.53 -44.66
N ASN G 170 13.10 -63.57 -44.16
CA ASN G 170 13.00 -64.82 -44.91
C ASN G 170 12.28 -64.60 -46.24
N LEU G 171 11.16 -63.85 -46.21
CA LEU G 171 10.40 -63.64 -47.44
C LEU G 171 11.19 -62.83 -48.45
N GLU G 172 11.93 -61.82 -48.00
CA GLU G 172 12.75 -61.07 -48.94
C GLU G 172 13.86 -61.92 -49.51
N GLY G 173 14.47 -62.78 -48.67
CA GLY G 173 15.47 -63.70 -49.19
C GLY G 173 14.91 -64.59 -50.28
N VAL G 174 13.68 -65.06 -50.10
CA VAL G 174 13.01 -65.81 -51.17
C VAL G 174 12.81 -64.94 -52.40
N ARG G 175 12.46 -63.68 -52.19
CA ARG G 175 12.19 -62.77 -53.31
C ARG G 175 13.44 -62.58 -54.17
N ARG G 176 14.61 -62.48 -53.53
CA ARG G 176 15.84 -62.32 -54.29
C ARG G 176 16.17 -63.57 -55.10
N ASN G 177 15.97 -64.75 -54.52
CA ASN G 177 16.25 -66.03 -55.16
C ASN G 177 15.05 -66.94 -54.95
N MET G 178 14.09 -66.88 -55.88
CA MET G 178 12.90 -67.71 -55.76
C MET G 178 13.24 -69.20 -55.85
N PHE G 179 14.33 -69.54 -56.52
CA PHE G 179 14.63 -70.95 -56.78
C PHE G 179 14.87 -71.71 -55.48
N CYS G 180 15.58 -71.12 -54.53
CA CYS G 180 15.90 -71.76 -53.26
C CYS G 180 15.08 -71.14 -52.13
N VAL G 181 14.42 -72.01 -51.36
CA VAL G 181 13.55 -71.61 -50.26
C VAL G 181 14.26 -71.93 -48.95
N LYS G 182 14.11 -71.06 -47.96
CA LYS G 182 14.73 -71.21 -46.65
C LYS G 182 13.66 -71.02 -45.58
N PRO G 183 12.98 -72.09 -45.18
CA PRO G 183 11.84 -71.95 -44.27
C PRO G 183 12.25 -71.33 -42.94
N LEU G 184 11.33 -70.58 -42.34
CA LEU G 184 11.61 -69.96 -41.07
C LEU G 184 11.78 -71.01 -39.98
N ASP G 185 12.77 -70.81 -39.11
CA ASP G 185 12.85 -71.59 -37.90
C ASP G 185 11.68 -71.27 -36.97
N LEU G 186 11.23 -70.02 -36.99
CA LEU G 186 10.14 -69.58 -36.13
C LEU G 186 8.85 -70.31 -36.48
N ASN G 187 8.02 -70.54 -35.47
CA ASN G 187 6.70 -71.13 -35.66
C ASN G 187 5.63 -70.10 -35.33
N LEU G 188 4.68 -69.94 -36.25
CA LEU G 188 3.70 -68.86 -36.13
C LEU G 188 2.79 -69.07 -34.92
N ASP G 189 2.46 -70.32 -34.60
CA ASP G 189 1.50 -70.59 -33.52
C ASP G 189 2.02 -70.09 -32.18
N ARG G 190 1.19 -69.34 -31.47
CA ARG G 190 1.51 -68.87 -30.13
C ARG G 190 0.34 -69.14 -29.20
N HIS G 191 0.63 -69.75 -28.05
CA HIS G 191 -0.42 -70.19 -27.14
C HIS G 191 -1.36 -69.06 -26.76
N ALA G 192 -0.83 -67.84 -26.63
CA ALA G 192 -1.66 -66.71 -26.21
C ALA G 192 -2.72 -66.38 -27.25
N ASN G 193 -2.40 -66.56 -28.53
CA ASN G 193 -3.30 -66.14 -29.60
C ASN G 193 -4.46 -67.12 -29.80
N THR G 194 -5.59 -66.58 -30.26
CA THR G 194 -6.74 -67.38 -30.62
C THR G 194 -6.46 -68.26 -31.84
N ALA G 195 -7.22 -69.35 -31.97
CA ALA G 195 -7.01 -70.27 -33.08
C ALA G 195 -7.24 -69.59 -34.43
N LEU G 196 -8.23 -68.70 -34.51
CA LEU G 196 -8.50 -68.01 -35.76
C LEU G 196 -7.30 -67.17 -36.19
N VAL G 197 -6.70 -66.44 -35.25
CA VAL G 197 -5.56 -65.58 -35.59
C VAL G 197 -4.37 -66.43 -36.03
N ASN G 198 -4.12 -67.55 -35.35
CA ASN G 198 -3.01 -68.41 -35.77
C ASN G 198 -3.23 -68.95 -37.18
N ALA G 199 -4.46 -69.37 -37.47
CA ALA G 199 -4.75 -69.84 -38.82
C ALA G 199 -4.51 -68.74 -39.83
N VAL G 200 -4.96 -67.53 -39.55
CA VAL G 200 -4.78 -66.43 -40.48
C VAL G 200 -3.30 -66.14 -40.67
N ASN G 201 -2.50 -66.24 -39.60
CA ASN G 201 -1.07 -65.97 -39.71
C ASN G 201 -0.37 -67.01 -40.60
N LYS G 202 -0.68 -68.28 -40.41
CA LYS G 202 -0.06 -69.31 -41.25
C LYS G 202 -0.49 -69.15 -42.71
N LEU G 203 -1.77 -68.87 -42.94
CA LEU G 203 -2.24 -68.65 -44.29
C LEU G 203 -1.53 -67.45 -44.93
N VAL G 204 -1.33 -66.39 -44.15
CA VAL G 204 -0.67 -65.20 -44.68
C VAL G 204 0.76 -65.51 -45.05
N TYR G 205 1.46 -66.29 -44.22
CA TYR G 205 2.83 -66.63 -44.56
C TYR G 205 2.90 -67.38 -45.89
N THR G 206 2.08 -68.43 -46.05
CA THR G 206 2.15 -69.20 -47.30
C THR G 206 1.73 -68.34 -48.50
N GLY G 207 0.70 -67.51 -48.33
CA GLY G 207 0.29 -66.66 -49.44
C GLY G 207 1.37 -65.69 -49.86
N ARG G 208 2.03 -65.06 -48.89
CA ARG G 208 3.10 -64.13 -49.23
C ARG G 208 4.24 -64.85 -49.91
N LEU G 209 4.53 -66.09 -49.49
CA LEU G 209 5.53 -66.89 -50.18
C LEU G 209 5.19 -67.07 -51.65
N ILE G 210 3.96 -67.52 -51.93
CA ILE G 210 3.56 -67.75 -53.31
C ILE G 210 3.62 -66.46 -54.11
N MET G 211 3.10 -65.36 -53.55
CA MET G 211 3.08 -64.11 -54.28
C MET G 211 4.49 -63.63 -54.59
N ASN G 212 5.40 -63.73 -53.63
CA ASN G 212 6.78 -63.34 -53.88
C ASN G 212 7.37 -64.13 -55.03
N VAL G 213 7.28 -65.46 -54.97
CA VAL G 213 7.89 -66.27 -56.01
C VAL G 213 7.31 -65.91 -57.38
N ARG G 214 5.98 -65.85 -57.48
CA ARG G 214 5.36 -65.63 -58.79
C ARG G 214 5.68 -64.24 -59.34
N ARG G 215 5.54 -63.20 -58.52
CA ARG G 215 5.77 -61.84 -59.02
C ARG G 215 7.23 -61.64 -59.39
N SER G 216 8.15 -62.12 -58.56
CA SER G 216 9.56 -61.97 -58.86
C SER G 216 9.92 -62.67 -60.16
N TRP G 217 9.44 -63.90 -60.34
CA TRP G 217 9.75 -64.60 -61.59
C TRP G 217 9.22 -63.82 -62.79
N GLU G 218 7.96 -63.37 -62.71
CA GLU G 218 7.37 -62.69 -63.86
C GLU G 218 8.15 -61.43 -64.20
N GLU G 219 8.61 -60.70 -63.19
CA GLU G 219 9.41 -59.51 -63.44
C GLU G 219 10.72 -59.85 -64.14
N LEU G 220 11.39 -60.92 -63.68
CA LEU G 220 12.63 -61.31 -64.35
C LEU G 220 12.37 -61.69 -65.81
N GLU G 221 11.29 -62.42 -66.07
CA GLU G 221 10.99 -62.78 -67.45
C GLU G 221 10.75 -61.56 -68.32
N ARG G 222 10.00 -60.58 -67.80
CA ARG G 222 9.76 -59.37 -68.57
C ARG G 222 11.06 -58.64 -68.87
N LYS G 223 11.96 -58.57 -67.88
CA LYS G 223 13.25 -57.92 -68.08
C LYS G 223 14.05 -58.63 -69.17
N CYS G 224 14.08 -59.96 -69.13
CA CYS G 224 14.85 -60.70 -70.13
C CYS G 224 14.31 -60.46 -71.53
N LEU G 225 12.98 -60.48 -71.68
CA LEU G 225 12.40 -60.25 -73.00
C LEU G 225 12.69 -58.85 -73.52
N ALA G 226 12.61 -57.85 -72.63
CA ALA G 226 12.92 -56.49 -73.06
C ALA G 226 14.37 -56.38 -73.51
N ARG G 227 15.30 -56.93 -72.72
CA ARG G 227 16.71 -56.91 -73.10
C ARG G 227 16.92 -57.56 -74.46
N ILE G 228 16.33 -58.74 -74.67
CA ILE G 228 16.54 -59.46 -75.92
C ILE G 228 16.05 -58.64 -77.09
N GLN G 229 14.86 -58.07 -76.98
CA GLN G 229 14.31 -57.28 -78.08
C GLN G 229 15.15 -56.06 -78.37
N GLU G 230 15.62 -55.36 -77.32
CA GLU G 230 16.45 -54.18 -77.55
C GLU G 230 17.75 -54.55 -78.25
N ARG G 231 18.42 -55.60 -77.78
CA ARG G 231 19.67 -56.00 -78.41
C ARG G 231 19.45 -56.39 -79.86
N CYS G 232 18.33 -57.05 -80.15
CA CYS G 232 18.06 -57.41 -81.54
C CYS G 232 17.89 -56.17 -82.41
N LYS G 233 17.14 -55.19 -81.93
CA LYS G 233 16.93 -53.98 -82.73
C LYS G 233 18.25 -53.26 -82.97
N LEU G 234 19.07 -53.12 -81.93
CA LEU G 234 20.33 -52.41 -82.09
C LEU G 234 21.28 -53.16 -83.02
N LEU G 235 21.38 -54.47 -82.86
CA LEU G 235 22.25 -55.26 -83.71
C LEU G 235 21.81 -55.19 -85.16
N VAL G 236 20.49 -55.19 -85.41
CA VAL G 236 20.02 -55.08 -86.79
C VAL G 236 20.40 -53.72 -87.36
N LYS G 237 20.23 -52.66 -86.57
CA LYS G 237 20.67 -51.34 -87.03
C LYS G 237 22.14 -51.36 -87.43
N GLU G 238 22.97 -52.00 -86.61
CA GLU G 238 24.39 -52.04 -86.89
C GLU G 238 24.69 -52.84 -88.16
N LEU G 239 24.07 -54.01 -88.30
CA LEU G 239 24.37 -54.86 -89.46
C LEU G 239 23.89 -54.22 -90.76
N ARG G 240 22.83 -53.43 -90.69
CA ARG G 240 22.27 -52.87 -91.91
C ARG G 240 23.29 -52.05 -92.68
N MET G 241 24.19 -51.37 -91.97
CA MET G 241 25.20 -50.50 -92.56
C MET G 241 26.03 -51.17 -93.66
N CYS G 242 26.19 -52.48 -93.63
CA CYS G 242 26.99 -53.20 -94.59
C CYS G 242 26.14 -54.25 -95.29
N LEU G 243 26.46 -54.52 -96.55
CA LEU G 243 25.66 -55.42 -97.38
C LEU G 243 26.38 -56.73 -97.71
N SER G 244 27.36 -57.11 -96.90
CA SER G 244 28.04 -58.39 -97.13
C SER G 244 27.05 -59.54 -97.03
N PHE G 245 27.36 -60.63 -97.72
CA PHE G 245 26.56 -61.85 -97.56
C PHE G 245 26.45 -62.25 -96.10
N ASP G 246 27.54 -62.12 -95.34
CA ASP G 246 27.50 -62.43 -93.92
C ASP G 246 26.59 -61.48 -93.16
N SER G 247 26.65 -60.19 -93.49
CA SER G 247 25.80 -59.22 -92.82
C SER G 247 24.33 -59.47 -93.12
N ASN G 248 24.01 -59.74 -94.39
CA ASN G 248 22.63 -60.06 -94.74
C ASN G 248 22.17 -61.32 -94.03
N TYR G 249 23.03 -62.33 -93.93
CA TYR G 249 22.64 -63.56 -93.26
C TYR G 249 22.31 -63.31 -91.80
N CYS G 250 23.20 -62.62 -91.08
CA CYS G 250 22.93 -62.37 -89.67
C CYS G 250 21.69 -61.50 -89.50
N ARG G 251 21.49 -60.51 -90.37
CA ARG G 251 20.30 -59.67 -90.30
C ARG G 251 19.05 -60.49 -90.52
N ASN G 252 19.11 -61.47 -91.42
CA ASN G 252 17.95 -62.31 -91.69
C ASN G 252 17.65 -63.23 -90.51
N ILE G 253 18.68 -63.71 -89.83
CA ILE G 253 18.45 -64.52 -88.65
C ILE G 253 17.64 -63.73 -87.63
N LEU G 254 17.86 -62.42 -87.55
CA LEU G 254 17.18 -61.59 -86.57
C LEU G 254 15.83 -61.08 -87.06
N LYS G 255 15.39 -61.47 -88.25
CA LYS G 255 14.13 -60.96 -88.76
C LYS G 255 12.96 -61.35 -87.87
N HIS G 256 12.98 -62.57 -87.34
CA HIS G 256 11.90 -63.01 -86.45
C HIS G 256 11.92 -62.23 -85.15
N ALA G 257 10.77 -61.68 -84.78
CA ALA G 257 10.67 -61.00 -83.49
C ALA G 257 10.56 -62.03 -82.37
N VAL G 258 11.43 -61.88 -81.37
CA VAL G 258 11.55 -62.88 -80.31
C VAL G 258 10.58 -62.52 -79.21
N GLU G 259 9.63 -63.40 -78.93
CA GLU G 259 8.63 -63.13 -77.90
C GLU G 259 8.29 -64.35 -77.06
N ASN G 260 7.52 -64.12 -75.99
CA ASN G 260 7.10 -65.16 -75.05
C ASN G 260 8.33 -65.94 -74.61
N GLY G 261 8.40 -67.20 -75.03
CA GLY G 261 9.57 -68.00 -74.72
C GLY G 261 9.91 -69.06 -75.74
N ASP G 262 9.04 -69.24 -76.73
CA ASP G 262 9.33 -70.17 -77.81
C ASP G 262 10.19 -69.51 -78.86
N SER G 263 9.91 -68.24 -79.16
CA SER G 263 10.73 -67.50 -80.10
C SER G 263 12.16 -67.40 -79.61
N ALA G 264 12.36 -67.26 -78.30
CA ALA G 264 13.70 -67.17 -77.77
C ALA G 264 14.47 -68.46 -77.98
N ASP G 265 13.84 -69.61 -77.71
CA ASP G 265 14.51 -70.88 -77.94
C ASP G 265 14.81 -71.09 -79.42
N THR G 266 13.84 -70.80 -80.28
CA THR G 266 14.06 -70.93 -81.71
C THR G 266 15.23 -70.06 -82.16
N LEU G 267 15.22 -68.80 -81.75
CA LEU G 267 16.27 -67.87 -82.18
C LEU G 267 17.62 -68.30 -81.64
N LEU G 268 17.68 -68.76 -80.39
CA LEU G 268 18.97 -69.17 -79.83
C LEU G 268 19.53 -70.35 -80.57
N GLU G 269 18.72 -71.38 -80.81
CA GLU G 269 19.21 -72.54 -81.52
C GLU G 269 19.62 -72.19 -82.94
N LEU G 270 18.84 -71.35 -83.62
CA LEU G 270 19.18 -70.95 -84.98
C LEU G 270 20.48 -70.17 -85.00
N LEU G 271 20.63 -69.24 -84.08
CA LEU G 271 21.84 -68.43 -84.03
C LEU G 271 23.08 -69.28 -83.76
N ILE G 272 22.95 -70.26 -82.85
CA ILE G 272 24.10 -71.12 -82.56
C ILE G 272 24.43 -72.02 -83.75
N GLU G 273 23.41 -72.57 -84.41
CA GLU G 273 23.65 -73.62 -85.39
C GLU G 273 24.42 -73.11 -86.60
N ASP G 274 24.05 -71.93 -87.11
CA ASP G 274 24.69 -71.36 -88.30
C ASP G 274 25.71 -70.29 -87.94
N PHE G 275 26.32 -70.41 -86.77
CA PHE G 275 27.19 -69.35 -86.28
C PHE G 275 28.36 -69.10 -87.23
N ASP G 276 29.09 -70.15 -87.58
CA ASP G 276 30.27 -69.96 -88.41
C ASP G 276 29.93 -69.23 -89.71
N ILE G 277 28.80 -69.58 -90.31
CA ILE G 277 28.38 -69.03 -91.60
C ILE G 277 28.38 -67.51 -91.59
N TYR G 278 28.24 -66.89 -90.43
CA TYR G 278 28.23 -65.43 -90.36
C TYR G 278 29.27 -64.88 -89.41
N VAL G 279 30.09 -65.74 -88.80
CA VAL G 279 30.97 -65.27 -87.75
C VAL G 279 31.96 -64.25 -88.29
N ASP G 280 32.36 -64.40 -89.55
CA ASP G 280 33.34 -63.51 -90.14
C ASP G 280 32.80 -62.11 -90.40
N SER G 281 31.53 -61.86 -90.08
CA SER G 281 30.99 -60.52 -90.17
C SER G 281 31.32 -59.65 -88.96
N PHE G 282 32.01 -60.17 -87.96
CA PHE G 282 32.24 -59.42 -86.74
C PHE G 282 33.74 -59.22 -86.49
N PRO G 283 34.19 -58.00 -86.22
CA PRO G 283 35.60 -57.78 -85.89
C PRO G 283 35.86 -58.02 -84.41
N GLN G 284 36.98 -58.66 -84.11
CA GLN G 284 37.44 -58.86 -82.75
C GLN G 284 38.80 -58.21 -82.57
N SER G 285 38.90 -57.31 -81.60
CA SER G 285 40.14 -56.60 -81.33
C SER G 285 41.20 -57.56 -80.81
N MET H 1 35.88 -112.49 -47.24
CA MET H 1 34.61 -112.30 -47.93
C MET H 1 34.85 -111.91 -49.38
N SER H 2 36.11 -111.69 -49.72
CA SER H 2 36.46 -111.30 -51.08
C SER H 2 36.30 -112.47 -52.05
N LEU H 3 35.93 -112.15 -53.28
CA LEU H 3 35.82 -113.18 -54.31
C LEU H 3 37.19 -113.75 -54.61
N GLN H 4 37.23 -115.06 -54.86
CA GLN H 4 38.48 -115.76 -55.12
C GLN H 4 38.37 -116.53 -56.43
N PHE H 5 39.30 -116.27 -57.34
CA PHE H 5 39.40 -116.99 -58.61
C PHE H 5 40.64 -117.87 -58.59
N ILE H 6 40.72 -118.79 -59.54
CA ILE H 6 41.75 -119.82 -59.50
C ILE H 6 42.92 -119.51 -60.44
N GLY H 7 42.66 -119.51 -61.75
CA GLY H 7 43.71 -119.40 -62.74
C GLY H 7 44.05 -118.00 -63.19
N LEU H 8 43.39 -116.99 -62.62
CA LEU H 8 43.63 -115.62 -63.02
C LEU H 8 44.90 -115.08 -62.38
N GLN H 9 45.59 -114.21 -63.12
CA GLN H 9 46.71 -113.45 -62.58
C GLN H 9 46.19 -112.27 -61.78
N ARG H 10 47.09 -111.63 -61.04
CA ARG H 10 46.68 -110.49 -60.22
C ARG H 10 46.03 -109.41 -61.07
N ARG H 11 46.46 -109.30 -62.32
CA ARG H 11 45.92 -108.30 -63.23
C ARG H 11 44.43 -108.52 -63.50
N ASP H 12 44.06 -109.76 -63.81
CA ASP H 12 42.67 -110.09 -64.09
C ASP H 12 41.80 -109.93 -62.86
N VAL H 13 42.30 -110.37 -61.71
CA VAL H 13 41.54 -110.19 -60.47
C VAL H 13 41.34 -108.71 -60.17
N VAL H 14 42.37 -107.90 -60.44
CA VAL H 14 42.24 -106.46 -60.25
C VAL H 14 41.15 -105.90 -61.16
N ALA H 15 41.15 -106.33 -62.42
CA ALA H 15 40.13 -105.88 -63.36
C ALA H 15 38.74 -106.24 -62.89
N LEU H 16 38.54 -107.50 -62.47
CA LEU H 16 37.21 -107.92 -62.06
C LEU H 16 36.76 -107.21 -60.78
N VAL H 17 37.66 -107.04 -59.82
CA VAL H 17 37.31 -106.34 -58.59
C VAL H 17 36.93 -104.90 -58.89
N ASN H 18 37.70 -104.22 -59.75
CA ASN H 18 37.36 -102.87 -60.13
C ASN H 18 36.02 -102.82 -60.85
N PHE H 19 35.76 -103.79 -61.72
CA PHE H 19 34.50 -103.82 -62.44
C PHE H 19 33.33 -103.87 -61.46
N LEU H 20 33.37 -104.81 -60.52
CA LEU H 20 32.33 -104.87 -59.50
C LEU H 20 32.29 -103.58 -58.67
N ARG H 21 33.45 -102.97 -58.44
CA ARG H 21 33.50 -101.80 -57.57
C ARG H 21 32.83 -100.59 -58.22
N HIS H 22 33.00 -100.44 -59.53
CA HIS H 22 32.51 -99.27 -60.26
C HIS H 22 31.29 -99.57 -61.11
N LEU H 23 30.54 -100.63 -60.79
CA LEU H 23 29.49 -101.09 -61.68
C LEU H 23 28.42 -100.02 -61.91
N THR H 24 27.99 -99.34 -60.85
CA THR H 24 26.87 -98.42 -60.98
C THR H 24 27.15 -97.29 -61.97
N GLN H 25 28.36 -96.75 -61.94
CA GLN H 25 28.69 -95.61 -62.79
C GLN H 25 29.10 -96.03 -64.20
N LYS H 26 29.03 -97.31 -64.52
CA LYS H 26 29.19 -97.73 -65.89
C LYS H 26 27.89 -97.56 -66.65
N PRO H 27 27.94 -97.11 -67.90
CA PRO H 27 26.76 -97.20 -68.74
C PRO H 27 26.52 -98.65 -69.16
N ASP H 28 25.26 -98.98 -69.37
CA ASP H 28 24.88 -100.32 -69.82
C ASP H 28 25.37 -101.37 -68.83
N VAL H 29 24.69 -101.45 -67.70
CA VAL H 29 25.11 -102.34 -66.62
C VAL H 29 24.52 -103.72 -66.83
N ASP H 30 25.20 -104.52 -67.64
CA ASP H 30 24.84 -105.91 -67.89
C ASP H 30 26.13 -106.68 -68.10
N LEU H 31 26.26 -107.83 -67.44
CA LEU H 31 27.47 -108.61 -67.58
C LEU H 31 27.64 -109.09 -69.01
N GLU H 32 26.55 -109.50 -69.66
CA GLU H 32 26.64 -109.97 -71.03
C GLU H 32 26.95 -108.84 -72.01
N ALA H 33 26.84 -107.59 -71.57
CA ALA H 33 27.23 -106.46 -72.40
C ALA H 33 28.72 -106.15 -72.35
N HIS H 34 29.49 -106.90 -71.57
CA HIS H 34 30.94 -106.72 -71.46
C HIS H 34 31.62 -108.05 -71.77
N PRO H 35 31.75 -108.42 -73.04
CA PRO H 35 32.42 -109.68 -73.37
C PRO H 35 33.87 -109.71 -72.92
N LYS H 36 34.50 -108.55 -72.75
CA LYS H 36 35.88 -108.53 -72.31
C LYS H 36 36.03 -109.17 -70.94
N ILE H 37 35.11 -108.88 -70.01
CA ILE H 37 35.18 -109.47 -68.69
C ILE H 37 34.98 -110.98 -68.76
N LEU H 38 34.06 -111.44 -69.60
CA LEU H 38 33.93 -112.87 -69.81
C LEU H 38 35.24 -113.48 -70.30
N LYS H 39 35.95 -112.77 -71.18
CA LYS H 39 37.27 -113.24 -71.58
C LYS H 39 38.23 -113.26 -70.39
N LYS H 40 38.08 -112.31 -69.48
CA LYS H 40 38.92 -112.28 -68.29
C LYS H 40 38.77 -113.56 -67.48
N CYS H 41 37.67 -114.27 -67.65
CA CYS H 41 37.50 -115.59 -67.08
C CYS H 41 38.35 -116.66 -67.77
N GLY H 42 39.10 -116.27 -68.81
CA GLY H 42 40.02 -117.20 -69.44
C GLY H 42 39.37 -118.32 -70.21
N GLU H 43 38.38 -118.01 -71.05
CA GLU H 43 37.72 -119.03 -71.82
C GLU H 43 38.64 -119.58 -72.89
N LYS H 44 38.63 -120.90 -73.06
CA LYS H 44 39.45 -121.63 -74.02
C LYS H 44 40.93 -121.66 -73.64
N ARG H 45 41.32 -121.02 -72.54
CA ARG H 45 42.69 -120.98 -72.10
C ARG H 45 42.92 -121.75 -70.80
N LEU H 46 41.85 -122.25 -70.18
CA LEU H 46 41.95 -123.03 -68.96
C LEU H 46 41.02 -124.23 -69.06
N HIS H 47 41.21 -125.19 -68.16
CA HIS H 47 40.36 -126.36 -68.17
C HIS H 47 38.93 -125.99 -67.80
N ARG H 48 37.98 -126.69 -68.42
CA ARG H 48 36.58 -126.33 -68.28
C ARG H 48 36.15 -126.23 -66.82
N ARG H 49 36.76 -127.02 -65.93
CA ARG H 49 36.46 -126.88 -64.52
C ARG H 49 36.77 -125.48 -64.01
N THR H 50 37.97 -124.98 -64.31
CA THR H 50 38.37 -123.68 -63.82
C THR H 50 37.58 -122.56 -64.49
N VAL H 51 37.30 -122.71 -65.80
CA VAL H 51 36.49 -121.73 -66.50
C VAL H 51 35.11 -121.63 -65.88
N LEU H 52 34.47 -122.78 -65.63
CA LEU H 52 33.16 -122.79 -65.01
C LEU H 52 33.19 -122.20 -63.61
N PHE H 53 34.23 -122.54 -62.83
CA PHE H 53 34.31 -122.01 -61.47
C PHE H 53 34.45 -120.50 -61.48
N ASN H 54 35.26 -119.97 -62.39
CA ASN H 54 35.43 -118.52 -62.45
C ASN H 54 34.15 -117.83 -62.89
N GLU H 55 33.46 -118.39 -63.89
CA GLU H 55 32.18 -117.82 -64.29
C GLU H 55 31.18 -117.85 -63.14
N LEU H 56 31.18 -118.92 -62.34
CA LEU H 56 30.24 -119.02 -61.24
C LEU H 56 30.55 -118.00 -60.16
N MET H 57 31.82 -117.84 -59.80
CA MET H 57 32.18 -116.80 -58.82
C MET H 57 31.81 -115.42 -59.33
N LEU H 58 32.05 -115.17 -60.62
CA LEU H 58 31.72 -113.87 -61.20
C LEU H 58 30.22 -113.61 -61.11
N TRP H 59 29.41 -114.58 -61.52
CA TRP H 59 27.98 -114.38 -61.53
C TRP H 59 27.43 -114.23 -60.12
N LEU H 60 27.95 -114.99 -59.16
CA LEU H 60 27.49 -114.82 -57.78
C LEU H 60 27.80 -113.43 -57.26
N GLY H 61 29.03 -112.96 -57.48
CA GLY H 61 29.39 -111.62 -57.01
C GLY H 61 28.61 -110.52 -57.72
N TYR H 62 28.35 -110.72 -59.02
CA TYR H 62 27.56 -109.76 -59.78
C TYR H 62 26.12 -109.70 -59.26
N TYR H 63 25.50 -110.85 -59.03
CA TYR H 63 24.19 -110.88 -58.42
C TYR H 63 24.21 -110.18 -57.07
N ARG H 64 25.29 -110.38 -56.32
CA ARG H 64 25.48 -109.71 -55.03
C ARG H 64 25.39 -108.20 -55.19
N GLU H 65 26.17 -107.63 -56.12
CA GLU H 65 26.17 -106.18 -56.30
C GLU H 65 24.80 -105.67 -56.75
N LEU H 66 24.18 -106.38 -57.71
CA LEU H 66 22.87 -105.98 -58.17
C LEU H 66 21.89 -105.91 -57.01
N ARG H 67 21.80 -107.00 -56.24
CA ARG H 67 20.86 -107.03 -55.12
C ARG H 67 21.19 -105.94 -54.12
N PHE H 68 22.47 -105.61 -53.97
CA PHE H 68 22.85 -104.57 -53.02
C PHE H 68 22.31 -103.21 -53.43
N HIS H 69 22.50 -102.83 -54.71
CA HIS H 69 22.21 -101.46 -55.09
C HIS H 69 20.71 -101.19 -55.22
N ASN H 70 19.99 -102.00 -56.02
CA ASN H 70 18.54 -102.09 -55.88
C ASN H 70 17.87 -100.74 -55.67
N PRO H 71 17.71 -99.92 -56.71
CA PRO H 71 17.28 -98.53 -56.50
C PRO H 71 16.08 -98.39 -55.57
N ASP H 72 16.15 -97.38 -54.70
CA ASP H 72 15.04 -97.01 -53.83
C ASP H 72 14.28 -95.87 -54.51
N LEU H 73 13.06 -96.18 -54.98
CA LEU H 73 12.25 -95.26 -55.76
C LEU H 73 11.31 -94.41 -54.92
N SER H 74 11.47 -94.40 -53.60
CA SER H 74 10.50 -93.72 -52.74
C SER H 74 10.34 -92.25 -53.11
N SER H 75 11.45 -91.55 -53.33
CA SER H 75 11.38 -90.13 -53.66
C SER H 75 10.68 -89.90 -54.99
N VAL H 76 11.06 -90.66 -56.01
CA VAL H 76 10.43 -90.52 -57.32
C VAL H 76 8.96 -90.84 -57.22
N LEU H 77 8.61 -91.84 -56.41
CA LEU H 77 7.21 -92.24 -56.26
C LEU H 77 6.38 -91.15 -55.61
N GLU H 78 6.92 -90.51 -54.57
CA GLU H 78 6.23 -89.37 -53.98
C GLU H 78 6.11 -88.22 -54.96
N GLU H 79 7.16 -87.98 -55.76
CA GLU H 79 7.08 -86.93 -56.78
C GLU H 79 5.97 -87.25 -57.77
N PHE H 80 5.84 -88.52 -58.17
CA PHE H 80 4.78 -88.88 -59.11
C PHE H 80 3.41 -88.63 -58.50
N GLU H 81 3.24 -88.94 -57.22
CA GLU H 81 1.96 -88.66 -56.59
C GLU H 81 1.66 -87.16 -56.59
N VAL H 82 2.66 -86.34 -56.24
CA VAL H 82 2.44 -84.90 -56.18
C VAL H 82 2.14 -84.34 -57.57
N ARG H 83 2.80 -84.86 -58.60
CA ARG H 83 2.51 -84.39 -59.95
C ARG H 83 1.12 -84.81 -60.39
N CYS H 84 0.65 -85.97 -59.92
CA CYS H 84 -0.74 -86.35 -60.17
C CYS H 84 -1.70 -85.33 -59.57
N VAL H 85 -1.50 -84.99 -58.29
CA VAL H 85 -2.40 -84.02 -57.66
C VAL H 85 -2.31 -82.67 -58.37
N ALA H 86 -1.13 -82.34 -58.89
CA ALA H 86 -0.97 -81.08 -59.63
C ALA H 86 -1.75 -81.09 -60.94
N VAL H 87 -1.70 -82.19 -61.68
CA VAL H 87 -2.50 -82.32 -62.89
C VAL H 87 -3.98 -82.16 -62.55
N ALA H 88 -4.41 -82.79 -61.46
CA ALA H 88 -5.79 -82.64 -61.04
C ALA H 88 -6.12 -81.18 -60.77
N ARG H 89 -5.26 -80.48 -60.03
CA ARG H 89 -5.53 -79.10 -59.68
C ARG H 89 -5.65 -78.22 -60.91
N ARG H 90 -4.88 -78.50 -61.95
CA ARG H 90 -5.02 -77.71 -63.18
C ARG H 90 -6.31 -78.07 -63.91
N GLY H 91 -6.71 -79.35 -63.87
CA GLY H 91 -7.85 -79.77 -64.68
C GLY H 91 -9.19 -79.25 -64.20
N TYR H 92 -9.33 -79.01 -62.90
CA TYR H 92 -10.65 -78.85 -62.31
C TYR H 92 -11.45 -77.74 -62.97
N THR H 93 -10.92 -76.53 -62.99
CA THR H 93 -11.71 -75.36 -63.38
C THR H 93 -12.02 -75.36 -64.87
N TYR H 94 -11.24 -76.07 -65.67
CA TYR H 94 -11.41 -76.01 -67.11
C TYR H 94 -12.81 -76.45 -67.53
N PRO H 95 -13.41 -75.78 -68.51
CA PRO H 95 -14.73 -76.20 -68.98
C PRO H 95 -14.67 -77.28 -70.04
N PHE H 96 -15.32 -78.41 -69.79
CA PHE H 96 -15.17 -79.61 -70.59
C PHE H 96 -16.45 -79.90 -71.37
N GLY H 97 -16.32 -80.69 -72.43
CA GLY H 97 -17.50 -81.07 -73.18
C GLY H 97 -18.45 -81.95 -72.38
N ASP H 98 -17.93 -83.03 -71.81
CA ASP H 98 -18.69 -83.92 -70.94
C ASP H 98 -18.08 -83.85 -69.55
N ARG H 99 -18.70 -83.06 -68.67
CA ARG H 99 -18.16 -82.83 -67.34
C ARG H 99 -18.07 -84.11 -66.53
N GLY H 100 -18.99 -85.04 -66.74
CA GLY H 100 -18.98 -86.27 -65.96
C GLY H 100 -17.75 -87.11 -66.21
N LYS H 101 -17.39 -87.29 -67.48
CA LYS H 101 -16.19 -88.06 -67.82
C LYS H 101 -14.93 -87.40 -67.26
N ALA H 102 -14.80 -86.09 -67.46
CA ALA H 102 -13.67 -85.37 -66.91
C ALA H 102 -13.58 -85.54 -65.41
N ARG H 103 -14.71 -85.44 -64.72
CA ARG H 103 -14.70 -85.55 -63.27
C ARG H 103 -14.33 -86.95 -62.82
N ASP H 104 -14.77 -87.97 -63.57
CA ASP H 104 -14.36 -89.33 -63.25
C ASP H 104 -12.85 -89.48 -63.36
N HIS H 105 -12.26 -88.95 -64.43
CA HIS H 105 -10.81 -89.08 -64.59
C HIS H 105 -10.06 -88.29 -63.53
N LEU H 106 -10.57 -87.10 -63.17
CA LEU H 106 -9.93 -86.32 -62.12
C LEU H 106 -9.99 -87.06 -60.78
N ALA H 107 -11.10 -87.73 -60.49
CA ALA H 107 -11.17 -88.51 -59.26
C ALA H 107 -10.19 -89.68 -59.30
N VAL H 108 -10.08 -90.37 -60.44
CA VAL H 108 -9.10 -91.44 -60.56
C VAL H 108 -7.70 -90.91 -60.29
N LEU H 109 -7.42 -89.71 -60.77
CA LEU H 109 -6.09 -89.13 -60.65
C LEU H 109 -5.81 -88.63 -59.24
N ASP H 110 -6.86 -88.24 -58.51
CA ASP H 110 -6.69 -87.86 -57.11
C ASP H 110 -6.50 -89.08 -56.21
N ARG H 111 -7.21 -90.18 -56.48
CA ARG H 111 -7.15 -91.33 -55.59
C ARG H 111 -5.82 -92.06 -55.64
N THR H 112 -4.92 -91.68 -56.55
CA THR H 112 -3.69 -92.43 -56.78
C THR H 112 -2.86 -92.58 -55.50
N GLU H 113 -2.47 -93.82 -55.20
CA GLU H 113 -1.54 -94.14 -54.13
C GLU H 113 -0.63 -95.28 -54.59
N PHE H 114 0.46 -95.51 -53.84
CA PHE H 114 1.39 -96.59 -54.13
C PHE H 114 1.41 -97.61 -52.99
N ASP H 115 1.11 -98.86 -53.33
CA ASP H 115 1.11 -99.96 -52.37
C ASP H 115 2.53 -100.38 -52.01
N THR H 116 2.65 -101.11 -50.91
CA THR H 116 3.96 -101.62 -50.46
C THR H 116 4.58 -102.56 -51.48
N ASP H 117 3.75 -103.42 -52.10
CA ASP H 117 4.25 -104.32 -53.13
C ASP H 117 4.64 -103.54 -54.38
N VAL H 118 5.77 -103.89 -54.97
CA VAL H 118 6.34 -103.07 -56.04
C VAL H 118 5.58 -103.22 -57.35
N ARG H 119 4.99 -104.39 -57.61
CA ARG H 119 4.24 -104.57 -58.86
C ARG H 119 3.02 -103.66 -58.91
N HIS H 120 2.34 -103.50 -57.78
CA HIS H 120 1.23 -102.58 -57.72
C HIS H 120 1.64 -101.17 -58.13
N ASP H 121 2.91 -100.81 -57.91
CA ASP H 121 3.39 -99.50 -58.31
C ASP H 121 3.30 -99.32 -59.82
N ALA H 122 3.81 -100.30 -60.58
CA ALA H 122 3.67 -100.24 -62.03
C ALA H 122 2.21 -100.25 -62.45
N GLU H 123 1.38 -100.97 -61.69
CA GLU H 123 -0.05 -100.97 -62.02
C GLU H 123 -0.68 -99.59 -61.85
N ILE H 124 -0.28 -98.87 -60.80
CA ILE H 124 -0.81 -97.53 -60.56
C ILE H 124 -0.34 -96.56 -61.63
N VAL H 125 0.94 -96.67 -62.01
CA VAL H 125 1.50 -95.70 -62.96
C VAL H 125 0.68 -95.69 -64.25
N GLU H 126 0.34 -96.87 -64.76
CA GLU H 126 -0.30 -96.94 -66.07
C GLU H 126 -1.71 -96.39 -66.03
N ARG H 127 -2.46 -96.69 -64.97
CA ARG H 127 -3.81 -96.15 -64.85
C ARG H 127 -3.78 -94.63 -64.77
N ALA H 128 -2.89 -94.09 -63.93
CA ALA H 128 -2.81 -92.63 -63.81
C ALA H 128 -2.42 -91.98 -65.13
N LEU H 129 -1.50 -92.60 -65.87
CA LEU H 129 -1.09 -92.02 -67.14
C LEU H 129 -2.22 -92.05 -68.16
N VAL H 130 -2.96 -93.16 -68.23
CA VAL H 130 -4.10 -93.22 -69.14
C VAL H 130 -5.10 -92.14 -68.81
N SER H 131 -5.42 -91.98 -67.53
CA SER H 131 -6.39 -90.96 -67.13
C SER H 131 -5.91 -89.56 -67.51
N ALA H 132 -4.64 -89.26 -67.23
CA ALA H 132 -4.13 -87.92 -67.52
C ALA H 132 -4.10 -87.64 -69.02
N VAL H 133 -3.71 -88.62 -69.82
CA VAL H 133 -3.65 -88.43 -71.27
C VAL H 133 -5.05 -88.20 -71.83
N ILE H 134 -6.04 -88.94 -71.32
CA ILE H 134 -7.41 -88.71 -71.77
C ILE H 134 -7.88 -87.32 -71.39
N LEU H 135 -7.56 -86.89 -70.16
CA LEU H 135 -7.92 -85.54 -69.72
C LEU H 135 -7.34 -84.48 -70.65
N ALA H 136 -6.05 -84.61 -70.99
CA ALA H 136 -5.42 -83.61 -71.86
C ALA H 136 -5.97 -83.66 -73.28
N LYS H 137 -6.21 -84.87 -73.80
CA LYS H 137 -6.80 -84.98 -75.12
C LYS H 137 -8.16 -84.30 -75.18
N MET H 138 -8.98 -84.48 -74.15
CA MET H 138 -10.25 -83.78 -74.11
C MET H 138 -10.05 -82.28 -74.03
N SER H 139 -9.13 -81.83 -73.16
CA SER H 139 -8.87 -80.41 -73.01
C SER H 139 -8.51 -79.77 -74.35
N VAL H 140 -7.78 -80.51 -75.20
CA VAL H 140 -7.40 -80.01 -76.51
C VAL H 140 -8.46 -80.27 -77.58
N ARG H 141 -9.50 -81.04 -77.25
CA ARG H 141 -10.54 -81.40 -78.22
C ARG H 141 -9.99 -82.27 -79.34
N GLU H 142 -9.39 -83.40 -78.97
CA GLU H 142 -8.93 -84.38 -79.95
C GLU H 142 -9.65 -85.71 -79.74
N THR H 143 -9.59 -86.55 -80.77
CA THR H 143 -10.23 -87.85 -80.72
C THR H 143 -9.61 -88.74 -79.64
N LEU H 144 -10.47 -89.42 -78.88
CA LEU H 144 -10.04 -90.41 -77.91
C LEU H 144 -10.71 -91.74 -78.25
N VAL H 145 -9.92 -92.81 -78.24
CA VAL H 145 -10.37 -94.07 -78.81
C VAL H 145 -11.62 -94.55 -78.07
N THR H 146 -12.61 -95.00 -78.84
CA THR H 146 -13.83 -95.57 -78.28
C THR H 146 -14.00 -97.05 -78.61
N ALA H 147 -13.11 -97.62 -79.39
CA ALA H 147 -13.28 -99.01 -79.83
C ALA H 147 -13.29 -99.96 -78.63
N ILE H 148 -14.11 -101.00 -78.73
CA ILE H 148 -14.18 -102.01 -77.69
C ILE H 148 -12.86 -102.77 -77.64
N GLY H 149 -12.44 -103.14 -76.43
CA GLY H 149 -11.21 -103.88 -76.27
C GLY H 149 -9.96 -103.07 -76.47
N GLN H 150 -10.07 -101.75 -76.50
CA GLN H 150 -8.95 -100.86 -76.78
C GLN H 150 -8.85 -99.80 -75.70
N THR H 151 -7.61 -99.45 -75.36
CA THR H 151 -7.35 -98.42 -74.36
C THR H 151 -6.47 -97.35 -74.98
N GLU H 152 -6.57 -96.14 -74.48
CA GLU H 152 -5.81 -95.04 -75.05
C GLU H 152 -4.32 -95.25 -74.85
N PRO H 153 -3.51 -95.15 -75.89
CA PRO H 153 -2.07 -95.33 -75.73
C PRO H 153 -1.42 -94.15 -75.02
N ILE H 154 -0.38 -94.44 -74.26
CA ILE H 154 0.31 -93.42 -73.48
C ILE H 154 1.36 -92.77 -74.37
N ALA H 155 1.18 -91.48 -74.64
CA ALA H 155 2.11 -90.73 -75.46
C ALA H 155 2.11 -89.29 -75.00
N PHE H 156 3.16 -88.57 -75.39
CA PHE H 156 3.19 -87.14 -75.14
C PHE H 156 2.25 -86.42 -76.09
N VAL H 157 1.67 -85.33 -75.61
CA VAL H 157 0.70 -84.57 -76.39
C VAL H 157 1.31 -83.21 -76.75
N HIS H 158 1.21 -82.84 -78.02
CA HIS H 158 1.63 -81.53 -78.50
C HIS H 158 3.12 -81.27 -78.29
N LEU H 159 3.95 -82.27 -78.54
CA LEU H 159 5.39 -82.14 -78.46
C LEU H 159 6.02 -82.47 -79.81
N LYS H 160 7.10 -81.77 -80.14
CA LYS H 160 7.74 -81.95 -81.45
C LYS H 160 8.41 -83.32 -81.53
N ASP H 161 8.51 -83.83 -82.75
CA ASP H 161 9.13 -85.15 -82.95
C ASP H 161 10.57 -85.15 -82.43
N THR H 162 11.28 -84.04 -82.59
CA THR H 162 12.66 -83.97 -82.10
C THR H 162 12.71 -84.04 -80.58
N GLU H 163 11.84 -83.30 -79.90
CA GLU H 163 11.78 -83.37 -78.45
C GLU H 163 11.39 -84.77 -77.99
N VAL H 164 10.43 -85.39 -78.67
CA VAL H 164 10.01 -86.74 -78.31
C VAL H 164 11.15 -87.72 -78.51
N GLN H 165 11.94 -87.52 -79.56
CA GLN H 165 13.10 -88.38 -79.80
C GLN H 165 14.14 -88.22 -78.70
N ARG H 166 14.38 -86.99 -78.25
CA ARG H 166 15.30 -86.79 -77.14
C ARG H 166 14.80 -87.46 -75.86
N ILE H 167 13.52 -87.32 -75.57
CA ILE H 167 12.98 -87.95 -74.37
C ILE H 167 13.10 -89.46 -74.47
N GLU H 168 12.86 -90.01 -75.65
CA GLU H 168 12.96 -91.45 -75.82
C GLU H 168 14.41 -91.90 -75.66
N GLU H 169 15.35 -91.10 -76.15
CA GLU H 169 16.76 -91.41 -75.94
C GLU H 169 17.10 -91.44 -74.46
N ASN H 170 16.64 -90.44 -73.71
CA ASN H 170 16.93 -90.41 -72.28
C ASN H 170 16.28 -91.58 -71.55
N LEU H 171 15.06 -91.94 -71.92
CA LEU H 171 14.38 -93.04 -71.27
C LEU H 171 15.07 -94.37 -71.58
N GLU H 172 15.53 -94.55 -72.81
CA GLU H 172 16.31 -95.75 -73.12
C GLU H 172 17.59 -95.78 -72.32
N GLY H 173 18.27 -94.64 -72.20
CA GLY H 173 19.45 -94.58 -71.37
C GLY H 173 19.17 -95.00 -69.94
N VAL H 174 17.99 -94.63 -69.43
CA VAL H 174 17.58 -95.10 -68.11
C VAL H 174 17.35 -96.61 -68.12
N ARG H 175 16.88 -97.14 -69.26
CA ARG H 175 16.59 -98.57 -69.31
C ARG H 175 17.86 -99.40 -69.13
N ARG H 176 18.97 -98.98 -69.74
CA ARG H 176 20.21 -99.75 -69.69
C ARG H 176 21.03 -99.52 -68.41
N ASN H 177 20.61 -98.59 -67.56
CA ASN H 177 21.28 -98.39 -66.27
C ASN H 177 20.20 -97.95 -65.29
N MET H 178 19.67 -98.91 -64.54
CA MET H 178 18.55 -98.65 -63.63
C MET H 178 18.96 -97.74 -62.49
N PHE H 179 20.25 -97.68 -62.17
CA PHE H 179 20.79 -96.89 -61.07
C PHE H 179 20.93 -95.43 -61.49
N CYS H 180 21.76 -94.67 -60.78
CA CYS H 180 21.79 -93.21 -60.91
C CYS H 180 21.47 -92.73 -62.32
N VAL H 181 20.64 -91.68 -62.40
CA VAL H 181 20.01 -91.22 -63.63
C VAL H 181 20.59 -89.87 -64.02
N LYS H 182 20.53 -89.56 -65.33
CA LYS H 182 21.01 -88.29 -65.83
C LYS H 182 19.85 -87.43 -66.31
N PRO H 183 19.69 -86.21 -65.81
CA PRO H 183 18.53 -85.39 -66.19
C PRO H 183 18.65 -84.85 -67.60
N LEU H 184 17.49 -84.63 -68.23
CA LEU H 184 17.43 -83.96 -69.53
C LEU H 184 17.46 -82.45 -69.35
N ASP H 185 18.27 -81.77 -70.16
CA ASP H 185 18.37 -80.31 -70.02
C ASP H 185 17.16 -79.61 -70.61
N LEU H 186 16.55 -80.20 -71.64
CA LEU H 186 15.32 -79.65 -72.17
C LEU H 186 14.20 -79.74 -71.13
N ASN H 187 13.29 -78.78 -71.18
CA ASN H 187 12.13 -78.76 -70.30
C ASN H 187 10.88 -79.01 -71.14
N LEU H 188 9.96 -79.78 -70.58
CA LEU H 188 8.74 -80.13 -71.31
C LEU H 188 7.82 -78.92 -71.46
N ASP H 189 7.83 -78.01 -70.50
CA ASP H 189 6.92 -76.87 -70.54
C ASP H 189 7.10 -76.09 -71.83
N ARG H 190 5.97 -75.73 -72.45
CA ARG H 190 5.92 -75.05 -73.72
C ARG H 190 4.94 -73.89 -73.60
N HIS H 191 5.28 -72.75 -74.20
CA HIS H 191 4.37 -71.60 -74.12
C HIS H 191 3.05 -71.89 -74.81
N ALA H 192 3.10 -72.53 -75.98
CA ALA H 192 1.89 -72.81 -76.73
C ALA H 192 0.97 -73.76 -75.99
N ASN H 193 1.53 -74.70 -75.24
CA ASN H 193 0.72 -75.65 -74.49
C ASN H 193 0.17 -75.02 -73.21
N THR H 194 -0.97 -75.53 -72.77
CA THR H 194 -1.60 -75.08 -71.55
C THR H 194 -0.89 -75.64 -70.33
N ALA H 195 -1.19 -75.06 -69.16
CA ALA H 195 -0.65 -75.61 -67.93
C ALA H 195 -1.04 -77.07 -67.77
N LEU H 196 -2.27 -77.42 -68.14
CA LEU H 196 -2.71 -78.80 -68.06
C LEU H 196 -1.87 -79.71 -68.93
N VAL H 197 -1.59 -79.29 -70.17
CA VAL H 197 -0.80 -80.13 -71.07
C VAL H 197 0.60 -80.32 -70.54
N ASN H 198 1.18 -79.26 -69.96
CA ASN H 198 2.54 -79.36 -69.42
C ASN H 198 2.60 -80.29 -68.22
N ALA H 199 1.63 -80.18 -67.31
CA ALA H 199 1.57 -81.10 -66.18
C ALA H 199 1.41 -82.53 -66.65
N VAL H 200 0.57 -82.75 -67.66
CA VAL H 200 0.36 -84.09 -68.17
C VAL H 200 1.66 -84.65 -68.73
N ASN H 201 2.43 -83.82 -69.45
CA ASN H 201 3.67 -84.29 -70.04
C ASN H 201 4.70 -84.64 -68.97
N LYS H 202 4.84 -83.80 -67.96
CA LYS H 202 5.77 -84.15 -66.88
C LYS H 202 5.35 -85.44 -66.19
N LEU H 203 4.04 -85.63 -66.01
CA LEU H 203 3.58 -86.86 -65.38
C LEU H 203 3.90 -88.07 -66.24
N VAL H 204 3.74 -87.93 -67.55
CA VAL H 204 4.04 -89.05 -68.45
C VAL H 204 5.51 -89.41 -68.37
N TYR H 205 6.39 -88.40 -68.33
CA TYR H 205 7.81 -88.67 -68.17
C TYR H 205 8.09 -89.43 -66.89
N THR H 206 7.53 -88.95 -65.77
CA THR H 206 7.80 -89.59 -64.49
C THR H 206 7.35 -91.05 -64.49
N GLY H 207 6.14 -91.31 -64.99
CA GLY H 207 5.63 -92.67 -65.01
C GLY H 207 6.42 -93.60 -65.90
N ARG H 208 6.79 -93.11 -67.10
CA ARG H 208 7.63 -93.92 -67.97
C ARG H 208 8.94 -94.28 -67.28
N LEU H 209 9.53 -93.31 -66.57
CA LEU H 209 10.77 -93.58 -65.86
C LEU H 209 10.59 -94.67 -64.82
N ILE H 210 9.53 -94.57 -64.01
CA ILE H 210 9.28 -95.56 -62.97
C ILE H 210 9.19 -96.94 -63.58
N MET H 211 8.36 -97.08 -64.62
CA MET H 211 8.16 -98.39 -65.22
C MET H 211 9.46 -98.95 -65.78
N ASN H 212 10.27 -98.10 -66.42
CA ASN H 212 11.53 -98.58 -66.98
C ASN H 212 12.48 -99.07 -65.91
N VAL H 213 12.62 -98.31 -64.82
CA VAL H 213 13.48 -98.75 -63.73
C VAL H 213 13.06 -100.13 -63.24
N ARG H 214 11.76 -100.28 -62.94
CA ARG H 214 11.29 -101.52 -62.35
C ARG H 214 11.53 -102.70 -63.29
N ARG H 215 11.12 -102.55 -64.55
CA ARG H 215 11.24 -103.65 -65.49
C ARG H 215 12.69 -104.05 -65.71
N SER H 216 13.59 -103.08 -65.84
CA SER H 216 14.98 -103.41 -66.06
C SER H 216 15.57 -104.17 -64.89
N TRP H 217 15.28 -103.73 -63.67
CA TRP H 217 15.82 -104.46 -62.53
C TRP H 217 15.33 -105.90 -62.52
N GLU H 218 14.02 -106.09 -62.75
CA GLU H 218 13.48 -107.43 -62.72
C GLU H 218 14.14 -108.33 -63.77
N GLU H 219 14.33 -107.81 -64.98
CA GLU H 219 14.93 -108.63 -66.03
C GLU H 219 16.38 -109.01 -65.68
N LEU H 220 17.14 -108.05 -65.14
CA LEU H 220 18.52 -108.37 -64.75
C LEU H 220 18.54 -109.47 -63.70
N GLU H 221 17.64 -109.40 -62.71
CA GLU H 221 17.62 -110.43 -61.68
C GLU H 221 17.31 -111.80 -62.27
N ARG H 222 16.33 -111.87 -63.17
CA ARG H 222 16.02 -113.14 -63.81
C ARG H 222 17.24 -113.71 -64.53
N LYS H 223 17.95 -112.86 -65.26
CA LYS H 223 19.14 -113.34 -65.98
C LYS H 223 20.20 -113.86 -65.02
N CYS H 224 20.46 -113.13 -63.94
CA CYS H 224 21.51 -113.56 -63.02
C CYS H 224 21.19 -114.92 -62.43
N LEU H 225 19.94 -115.12 -62.00
CA LEU H 225 19.58 -116.42 -61.45
C LEU H 225 19.74 -117.53 -62.48
N ALA H 226 19.33 -117.28 -63.73
CA ALA H 226 19.46 -118.31 -64.74
C ALA H 226 20.93 -118.69 -64.95
N ARG H 227 21.82 -117.70 -65.04
CA ARG H 227 23.23 -118.01 -65.27
C ARG H 227 23.81 -118.78 -64.10
N ILE H 228 23.47 -118.37 -62.88
CA ILE H 228 24.01 -119.06 -61.71
C ILE H 228 23.61 -120.53 -61.74
N GLN H 229 22.33 -120.82 -62.01
CA GLN H 229 21.89 -122.21 -61.99
C GLN H 229 22.52 -123.03 -63.12
N GLU H 230 22.59 -122.46 -64.33
CA GLU H 230 23.27 -123.16 -65.42
C GLU H 230 24.69 -123.51 -65.03
N ARG H 231 25.41 -122.54 -64.45
CA ARG H 231 26.79 -122.78 -64.07
C ARG H 231 26.90 -123.90 -63.06
N CYS H 232 26.07 -123.88 -62.03
CA CYS H 232 26.15 -124.94 -61.02
C CYS H 232 25.90 -126.30 -61.63
N LYS H 233 24.89 -126.41 -62.49
CA LYS H 233 24.59 -127.71 -63.10
C LYS H 233 25.79 -128.23 -63.90
N LEU H 234 26.32 -127.39 -64.80
CA LEU H 234 27.44 -127.83 -65.62
C LEU H 234 28.65 -128.18 -64.77
N LEU H 235 28.90 -127.39 -63.73
CA LEU H 235 30.09 -127.60 -62.91
C LEU H 235 30.00 -128.90 -62.13
N VAL H 236 28.81 -129.23 -61.62
CA VAL H 236 28.66 -130.50 -60.93
C VAL H 236 28.86 -131.65 -61.91
N LYS H 237 28.30 -131.53 -63.11
CA LYS H 237 28.56 -132.55 -64.12
C LYS H 237 30.07 -132.77 -64.29
N GLU H 238 30.82 -131.67 -64.39
CA GLU H 238 32.26 -131.79 -64.62
C GLU H 238 33.00 -132.38 -63.43
N LEU H 239 32.71 -131.89 -62.22
CA LEU H 239 33.36 -132.42 -61.02
C LEU H 239 33.06 -133.90 -60.83
N ARG H 240 31.92 -134.37 -61.32
CA ARG H 240 31.60 -135.78 -61.17
C ARG H 240 32.67 -136.66 -61.78
N MET H 241 33.35 -136.19 -62.83
CA MET H 241 34.30 -137.03 -63.55
C MET H 241 35.49 -137.43 -62.69
N CYS H 242 35.89 -136.57 -61.76
CA CYS H 242 37.03 -136.83 -60.90
C CYS H 242 36.56 -137.15 -59.48
N LEU H 243 37.09 -138.22 -58.91
CA LEU H 243 36.74 -138.66 -57.55
C LEU H 243 37.94 -138.47 -56.63
N SER H 244 37.85 -137.48 -55.76
CA SER H 244 38.93 -137.16 -54.84
C SER H 244 38.34 -136.38 -53.67
N PHE H 245 39.12 -136.28 -52.59
CA PHE H 245 38.61 -135.56 -51.43
C PHE H 245 38.23 -134.13 -51.80
N ASP H 246 39.11 -133.41 -52.49
CA ASP H 246 38.82 -132.02 -52.84
C ASP H 246 37.66 -131.93 -53.81
N SER H 247 37.67 -132.77 -54.85
CA SER H 247 36.58 -132.77 -55.82
C SER H 247 35.25 -133.13 -55.16
N ASN H 248 35.25 -134.12 -54.27
CA ASN H 248 34.01 -134.50 -53.59
C ASN H 248 33.54 -133.39 -52.66
N TYR H 249 34.47 -132.70 -52.00
CA TYR H 249 34.08 -131.55 -51.20
C TYR H 249 33.41 -130.49 -52.06
N CYS H 250 33.96 -130.25 -53.26
CA CYS H 250 33.31 -129.31 -54.16
C CYS H 250 31.91 -129.76 -54.50
N ARG H 251 31.75 -131.02 -54.90
CA ARG H 251 30.44 -131.51 -55.29
C ARG H 251 29.45 -131.40 -54.13
N ASN H 252 29.89 -131.71 -52.92
CA ASN H 252 29.01 -131.58 -51.77
C ASN H 252 28.61 -130.14 -51.55
N ILE H 253 29.54 -129.20 -51.72
CA ILE H 253 29.20 -127.79 -51.56
C ILE H 253 28.08 -127.41 -52.52
N LEU H 254 28.17 -127.86 -53.76
CA LEU H 254 27.26 -127.48 -54.82
C LEU H 254 25.94 -128.21 -54.77
N LYS H 255 25.65 -128.91 -53.67
CA LYS H 255 24.45 -129.75 -53.61
C LYS H 255 23.17 -128.93 -53.62
N HIS H 256 23.09 -127.89 -52.80
CA HIS H 256 21.83 -127.18 -52.66
C HIS H 256 21.54 -126.29 -53.87
N ALA H 257 20.27 -126.27 -54.26
CA ALA H 257 19.81 -125.42 -55.34
C ALA H 257 19.79 -123.96 -54.90
N VAL H 258 19.95 -123.06 -55.87
CA VAL H 258 20.23 -121.66 -55.60
C VAL H 258 19.01 -120.78 -55.82
N GLU H 259 17.82 -121.35 -55.86
CA GLU H 259 16.66 -120.59 -56.34
C GLU H 259 16.30 -119.47 -55.37
N ASN H 260 17.04 -118.37 -55.43
CA ASN H 260 16.76 -117.21 -54.59
C ASN H 260 17.84 -116.14 -54.73
N GLY H 261 17.65 -115.01 -54.06
CA GLY H 261 18.77 -114.14 -53.74
C GLY H 261 19.50 -114.58 -52.49
N ASP H 262 18.75 -114.93 -51.43
CA ASP H 262 19.36 -115.37 -50.19
C ASP H 262 20.10 -116.69 -50.36
N SER H 263 19.52 -117.63 -51.13
CA SER H 263 20.21 -118.89 -51.39
C SER H 263 21.51 -118.65 -52.14
N ALA H 264 21.49 -117.72 -53.10
CA ALA H 264 22.70 -117.39 -53.83
C ALA H 264 23.76 -116.82 -52.89
N ASP H 265 23.37 -115.91 -52.02
CA ASP H 265 24.33 -115.35 -51.07
C ASP H 265 24.89 -116.42 -50.15
N THR H 266 24.03 -117.31 -49.67
CA THR H 266 24.49 -118.40 -48.81
C THR H 266 25.50 -119.28 -49.53
N LEU H 267 25.21 -119.63 -50.77
CA LEU H 267 26.13 -120.46 -51.54
C LEU H 267 27.46 -119.74 -51.74
N LEU H 268 27.43 -118.47 -52.10
CA LEU H 268 28.68 -117.73 -52.32
C LEU H 268 29.51 -117.67 -51.04
N GLU H 269 28.87 -117.38 -49.91
CA GLU H 269 29.60 -117.32 -48.65
C GLU H 269 30.22 -118.66 -48.29
N LEU H 270 29.43 -119.73 -48.32
CA LEU H 270 29.97 -121.03 -47.97
C LEU H 270 31.10 -121.42 -48.90
N LEU H 271 30.94 -121.13 -50.19
CA LEU H 271 31.95 -121.51 -51.17
C LEU H 271 33.25 -120.74 -50.97
N ILE H 272 33.16 -119.49 -50.53
CA ILE H 272 34.37 -118.73 -50.23
C ILE H 272 35.04 -119.27 -48.98
N GLU H 273 34.27 -119.50 -47.91
CA GLU H 273 34.87 -119.81 -46.63
C GLU H 273 35.67 -121.12 -46.64
N ASP H 274 35.23 -122.08 -47.44
CA ASP H 274 35.92 -123.37 -47.55
C ASP H 274 36.82 -123.47 -48.77
N PHE H 275 37.26 -122.34 -49.32
CA PHE H 275 38.03 -122.35 -50.56
C PHE H 275 39.32 -123.15 -50.43
N ASP H 276 40.00 -123.03 -49.28
CA ASP H 276 41.33 -123.62 -49.13
C ASP H 276 41.30 -125.13 -49.29
N ILE H 277 40.18 -125.78 -48.99
CA ILE H 277 40.16 -127.24 -48.92
C ILE H 277 39.90 -127.85 -50.29
N TYR H 278 39.12 -127.20 -51.15
CA TYR H 278 38.82 -127.75 -52.47
C TYR H 278 39.51 -127.01 -53.61
N VAL H 279 40.35 -126.01 -53.31
CA VAL H 279 40.95 -125.24 -54.41
C VAL H 279 41.76 -126.11 -55.35
N ASP H 280 42.48 -127.09 -54.81
CA ASP H 280 43.44 -127.85 -55.62
C ASP H 280 42.78 -128.79 -56.61
N SER H 281 41.45 -128.86 -56.66
CA SER H 281 40.78 -129.78 -57.57
C SER H 281 40.78 -129.28 -59.01
N PHE H 282 40.99 -127.98 -59.22
CA PHE H 282 40.90 -127.41 -60.54
C PHE H 282 42.29 -127.16 -61.10
N PRO H 283 42.65 -127.71 -62.24
CA PRO H 283 43.97 -127.44 -62.82
C PRO H 283 44.10 -125.98 -63.20
N GLN H 284 45.27 -125.41 -62.94
CA GLN H 284 45.56 -124.04 -63.30
C GLN H 284 46.86 -123.97 -64.10
N SER H 285 47.01 -122.88 -64.85
CA SER H 285 48.10 -122.74 -65.79
C SER H 285 48.16 -123.94 -66.73
N MET I 1 29.40 -58.22 -11.15
CA MET I 1 30.14 -59.46 -11.39
C MET I 1 31.53 -59.42 -10.78
N SER I 2 31.81 -58.33 -10.09
CA SER I 2 33.15 -58.02 -9.58
C SER I 2 33.31 -58.54 -8.15
N LEU I 3 33.46 -59.86 -8.03
CA LEU I 3 33.71 -60.45 -6.73
C LEU I 3 35.12 -60.09 -6.24
N GLN I 4 35.24 -59.90 -4.93
CA GLN I 4 36.50 -59.49 -4.30
C GLN I 4 36.83 -60.47 -3.19
N PHE I 5 38.06 -60.98 -3.19
CA PHE I 5 38.55 -61.86 -2.13
C PHE I 5 39.86 -61.29 -1.59
N ILE I 6 40.04 -61.39 -0.28
CA ILE I 6 41.10 -60.63 0.39
C ILE I 6 42.47 -61.24 0.08
N GLY I 7 42.69 -62.48 0.50
CA GLY I 7 44.04 -62.98 0.57
C GLY I 7 44.35 -64.18 -0.30
N LEU I 8 43.40 -64.57 -1.14
CA LEU I 8 43.56 -65.75 -1.97
C LEU I 8 44.60 -65.52 -3.06
N GLN I 9 45.30 -66.59 -3.42
CA GLN I 9 46.12 -66.58 -4.61
C GLN I 9 45.25 -66.51 -5.86
N ARG I 10 45.84 -66.01 -6.94
CA ARG I 10 45.08 -65.82 -8.18
C ARG I 10 44.33 -67.08 -8.60
N ARG I 11 44.97 -68.24 -8.49
CA ARG I 11 44.38 -69.46 -9.02
C ARG I 11 43.08 -69.83 -8.31
N ASP I 12 43.03 -69.66 -6.99
CA ASP I 12 41.78 -69.90 -6.28
C ASP I 12 40.69 -68.95 -6.74
N VAL I 13 41.04 -67.69 -6.98
CA VAL I 13 40.06 -66.73 -7.47
C VAL I 13 39.53 -67.18 -8.82
N VAL I 14 40.42 -67.61 -9.72
CA VAL I 14 39.99 -68.03 -11.05
C VAL I 14 39.11 -69.27 -10.95
N ALA I 15 39.46 -70.21 -10.07
CA ALA I 15 38.67 -71.42 -9.92
C ALA I 15 37.27 -71.09 -9.38
N LEU I 16 37.18 -70.22 -8.37
CA LEU I 16 35.87 -69.85 -7.86
C LEU I 16 35.04 -69.14 -8.92
N VAL I 17 35.64 -68.25 -9.69
CA VAL I 17 34.88 -67.52 -10.71
C VAL I 17 34.44 -68.46 -11.81
N ASN I 18 35.25 -69.46 -12.14
CA ASN I 18 34.84 -70.44 -13.13
C ASN I 18 33.70 -71.31 -12.59
N PHE I 19 33.78 -71.70 -11.32
CA PHE I 19 32.69 -72.45 -10.71
C PHE I 19 31.38 -71.67 -10.78
N LEU I 20 31.44 -70.36 -10.54
CA LEU I 20 30.24 -69.55 -10.67
C LEU I 20 29.80 -69.46 -12.14
N ARG I 21 30.75 -69.39 -13.06
CA ARG I 21 30.40 -69.25 -14.47
C ARG I 21 29.67 -70.46 -15.02
N HIS I 22 29.99 -71.65 -14.49
CA HIS I 22 29.50 -72.91 -15.04
C HIS I 22 28.55 -73.63 -14.10
N LEU I 23 27.80 -72.89 -13.28
CA LEU I 23 26.96 -73.53 -12.28
C LEU I 23 25.89 -74.41 -12.92
N THR I 24 25.27 -73.92 -14.00
CA THR I 24 24.14 -74.65 -14.59
C THR I 24 24.57 -76.02 -15.09
N GLN I 25 25.76 -76.11 -15.68
CA GLN I 25 26.18 -77.37 -16.30
C GLN I 25 26.39 -78.46 -15.26
N LYS I 26 27.01 -78.12 -14.14
CA LYS I 26 27.42 -79.14 -13.19
C LYS I 26 26.21 -79.91 -12.67
N PRO I 27 26.31 -81.21 -12.47
CA PRO I 27 25.23 -81.96 -11.82
C PRO I 27 25.30 -81.80 -10.31
N ASP I 28 24.17 -82.00 -9.65
CA ASP I 28 24.08 -81.75 -8.22
C ASP I 28 24.60 -80.36 -7.90
N VAL I 29 23.90 -79.35 -8.43
CA VAL I 29 24.34 -77.98 -8.31
C VAL I 29 23.89 -77.41 -6.98
N ASP I 30 24.66 -77.68 -5.94
CA ASP I 30 24.47 -77.14 -4.61
C ASP I 30 25.83 -76.81 -4.04
N LEU I 31 25.97 -75.62 -3.45
CA LEU I 31 27.27 -75.20 -2.94
C LEU I 31 27.82 -76.19 -1.93
N GLU I 32 26.94 -76.84 -1.15
CA GLU I 32 27.41 -77.85 -0.21
C GLU I 32 27.97 -79.06 -0.94
N ALA I 33 27.36 -79.44 -2.06
CA ALA I 33 27.82 -80.59 -2.82
C ALA I 33 29.32 -80.55 -3.09
N HIS I 34 29.93 -79.36 -3.06
CA HIS I 34 31.34 -79.21 -3.39
C HIS I 34 32.13 -78.66 -2.21
N PRO I 35 32.69 -79.52 -1.37
CA PRO I 35 33.48 -79.01 -0.24
C PRO I 35 34.81 -78.41 -0.66
N LYS I 36 35.34 -78.82 -1.81
CA LYS I 36 36.62 -78.29 -2.25
C LYS I 36 36.55 -76.78 -2.49
N ILE I 37 35.44 -76.29 -3.04
CA ILE I 37 35.29 -74.86 -3.25
C ILE I 37 35.26 -74.13 -1.91
N LEU I 38 34.46 -74.62 -0.97
CA LEU I 38 34.40 -73.99 0.35
C LEU I 38 35.78 -73.96 0.99
N LYS I 39 36.54 -75.03 0.83
CA LYS I 39 37.90 -75.06 1.36
C LYS I 39 38.79 -74.05 0.65
N LYS I 40 38.63 -73.92 -0.66
CA LYS I 40 39.39 -72.92 -1.39
C LYS I 40 39.07 -71.52 -0.91
N CYS I 41 37.92 -71.32 -0.26
CA CYS I 41 37.72 -70.09 0.50
C CYS I 41 38.73 -69.94 1.63
N GLY I 42 39.29 -71.05 2.12
CA GLY I 42 40.44 -71.00 3.01
C GLY I 42 40.07 -71.17 4.46
N GLU I 43 40.27 -72.35 5.05
CA GLU I 43 39.95 -72.56 6.46
C GLU I 43 41.21 -72.88 7.26
N LYS I 44 41.42 -72.10 8.32
CA LYS I 44 42.50 -72.28 9.27
C LYS I 44 43.85 -71.88 8.69
N ARG I 45 43.90 -71.56 7.40
CA ARG I 45 45.13 -71.02 6.84
C ARG I 45 45.19 -69.50 7.01
N LEU I 46 44.11 -68.82 6.64
CA LEU I 46 43.99 -67.37 6.80
C LEU I 46 43.31 -67.04 8.11
N HIS I 47 43.38 -65.76 8.48
CA HIS I 47 42.76 -65.30 9.71
C HIS I 47 41.27 -65.59 9.69
N ARG I 48 40.68 -65.68 10.89
CA ARG I 48 39.27 -66.00 10.98
C ARG I 48 38.41 -64.97 10.24
N ARG I 49 38.72 -63.68 10.44
CA ARG I 49 37.95 -62.63 9.77
C ARG I 49 38.04 -62.77 8.26
N THR I 50 39.23 -63.01 7.73
CA THR I 50 39.40 -63.12 6.29
C THR I 50 38.61 -64.30 5.74
N VAL I 51 38.64 -65.43 6.44
CA VAL I 51 37.86 -66.59 6.00
C VAL I 51 36.38 -66.24 5.97
N LEU I 52 35.90 -65.56 7.02
CA LEU I 52 34.50 -65.19 7.06
C LEU I 52 34.13 -64.26 5.91
N PHE I 53 34.99 -63.28 5.61
CA PHE I 53 34.73 -62.35 4.52
C PHE I 53 34.68 -63.08 3.17
N ASN I 54 35.61 -64.00 2.95
CA ASN I 54 35.64 -64.74 1.69
C ASN I 54 34.42 -65.64 1.57
N GLU I 55 34.01 -66.28 2.67
CA GLU I 55 32.80 -67.09 2.64
C GLU I 55 31.58 -66.25 2.33
N LEU I 56 31.51 -65.04 2.91
CA LEU I 56 30.40 -64.15 2.61
C LEU I 56 30.38 -63.79 1.13
N MET I 57 31.55 -63.44 0.57
CA MET I 57 31.59 -63.14 -0.86
C MET I 57 31.12 -64.31 -1.70
N LEU I 58 31.59 -65.51 -1.35
CA LEU I 58 31.22 -66.69 -2.12
C LEU I 58 29.73 -66.93 -2.07
N TRP I 59 29.13 -66.85 -0.89
CA TRP I 59 27.70 -67.13 -0.78
C TRP I 59 26.89 -66.06 -1.48
N LEU I 60 27.31 -64.79 -1.40
CA LEU I 60 26.58 -63.75 -2.12
C LEU I 60 26.66 -63.97 -3.63
N GLY I 61 27.86 -64.29 -4.14
CA GLY I 61 27.98 -64.52 -5.57
C GLY I 61 27.20 -65.72 -6.05
N TYR I 62 27.19 -66.78 -5.25
CA TYR I 62 26.40 -67.97 -5.59
C TYR I 62 24.91 -67.67 -5.57
N TYR I 63 24.45 -66.96 -4.55
CA TYR I 63 23.05 -66.54 -4.50
C TYR I 63 22.69 -65.71 -5.73
N ARG I 64 23.60 -64.85 -6.17
CA ARG I 64 23.33 -64.04 -7.36
C ARG I 64 23.22 -64.90 -8.61
N GLU I 65 24.11 -65.89 -8.74
CA GLU I 65 24.01 -66.79 -9.89
C GLU I 65 22.70 -67.57 -9.88
N LEU I 66 22.31 -68.08 -8.72
CA LEU I 66 21.04 -68.77 -8.61
C LEU I 66 19.89 -67.88 -9.03
N ARG I 67 19.80 -66.67 -8.46
CA ARG I 67 18.69 -65.79 -8.78
C ARG I 67 18.66 -65.41 -10.24
N PHE I 68 19.84 -65.22 -10.85
CA PHE I 68 19.84 -64.85 -12.26
C PHE I 68 19.38 -66.01 -13.13
N HIS I 69 19.78 -67.24 -12.79
CA HIS I 69 19.42 -68.40 -13.59
C HIS I 69 18.15 -69.07 -13.13
N ASN I 70 17.39 -68.44 -12.24
CA ASN I 70 16.10 -68.95 -11.78
C ASN I 70 15.35 -69.50 -12.97
N PRO I 71 14.81 -70.72 -12.90
CA PRO I 71 14.26 -71.35 -14.11
C PRO I 71 12.99 -70.65 -14.58
N ASP I 72 12.80 -70.66 -15.90
CA ASP I 72 11.62 -70.13 -16.54
C ASP I 72 10.86 -71.29 -17.16
N LEU I 73 9.60 -71.47 -16.76
CA LEU I 73 8.83 -72.65 -17.12
C LEU I 73 7.68 -72.35 -18.07
N SER I 74 7.82 -71.33 -18.92
CA SER I 74 6.75 -71.00 -19.86
C SER I 74 6.27 -72.21 -20.64
N SER I 75 7.21 -72.99 -21.19
CA SER I 75 6.84 -74.11 -22.04
C SER I 75 6.10 -75.18 -21.25
N VAL I 76 6.70 -75.66 -20.18
CA VAL I 76 6.08 -76.70 -19.38
C VAL I 76 4.76 -76.20 -18.80
N LEU I 77 4.70 -74.91 -18.48
CA LEU I 77 3.48 -74.32 -17.93
C LEU I 77 2.35 -74.34 -18.96
N GLU I 78 2.64 -73.92 -20.19
CA GLU I 78 1.63 -74.01 -21.25
C GLU I 78 1.20 -75.44 -21.46
N GLU I 79 2.14 -76.38 -21.41
CA GLU I 79 1.80 -77.79 -21.55
C GLU I 79 0.85 -78.22 -20.44
N PHE I 80 1.09 -77.75 -19.22
CA PHE I 80 0.21 -78.11 -18.12
C PHE I 80 -1.19 -77.60 -18.35
N GLU I 81 -1.32 -76.36 -18.82
CA GLU I 81 -2.65 -75.83 -19.14
C GLU I 81 -3.33 -76.66 -20.23
N VAL I 82 -2.59 -77.02 -21.28
CA VAL I 82 -3.18 -77.77 -22.38
C VAL I 82 -3.64 -79.15 -21.92
N ARG I 83 -2.81 -79.83 -21.14
CA ARG I 83 -3.17 -81.15 -20.63
C ARG I 83 -4.34 -81.06 -19.65
N CYS I 84 -4.42 -79.97 -18.89
CA CYS I 84 -5.56 -79.78 -18.00
C CYS I 84 -6.83 -79.59 -18.80
N VAL I 85 -6.76 -78.87 -19.91
CA VAL I 85 -7.92 -78.72 -20.78
C VAL I 85 -8.35 -80.07 -21.34
N ALA I 86 -7.37 -80.90 -21.71
CA ALA I 86 -7.69 -82.25 -22.21
C ALA I 86 -8.38 -83.09 -21.14
N VAL I 87 -7.86 -83.06 -19.91
CA VAL I 87 -8.46 -83.83 -18.83
C VAL I 87 -9.88 -83.34 -18.54
N ALA I 88 -10.08 -82.02 -18.55
CA ALA I 88 -11.43 -81.50 -18.34
C ALA I 88 -12.37 -81.96 -19.44
N ARG I 89 -11.87 -82.01 -20.68
CA ARG I 89 -12.70 -82.47 -21.78
C ARG I 89 -13.13 -83.91 -21.56
N ARG I 90 -12.18 -84.79 -21.28
CA ARG I 90 -12.50 -86.21 -21.20
C ARG I 90 -13.34 -86.52 -19.96
N GLY I 91 -13.15 -85.77 -18.88
CA GLY I 91 -13.95 -85.99 -17.69
C GLY I 91 -15.43 -85.72 -17.93
N TYR I 92 -15.73 -84.79 -18.84
CA TYR I 92 -17.13 -84.46 -19.10
C TYR I 92 -17.87 -85.60 -19.77
N THR I 93 -17.26 -86.22 -20.79
CA THR I 93 -17.96 -87.26 -21.53
C THR I 93 -18.09 -88.56 -20.72
N TYR I 94 -17.15 -88.81 -19.81
CA TYR I 94 -17.12 -90.10 -19.14
C TYR I 94 -18.39 -90.32 -18.32
N PRO I 95 -19.04 -91.48 -18.44
CA PRO I 95 -20.21 -91.76 -17.61
C PRO I 95 -19.83 -92.04 -16.17
N PHE I 96 -20.43 -91.29 -15.25
CA PHE I 96 -20.06 -91.37 -13.85
C PHE I 96 -21.22 -91.87 -13.02
N GLY I 97 -20.91 -92.50 -11.88
CA GLY I 97 -21.95 -92.95 -10.99
C GLY I 97 -22.76 -91.79 -10.44
N ASP I 98 -22.10 -90.71 -10.03
CA ASP I 98 -22.76 -89.48 -9.66
C ASP I 98 -22.14 -88.34 -10.45
N ARG I 99 -22.89 -87.79 -11.39
CA ARG I 99 -22.37 -86.70 -12.21
C ARG I 99 -22.10 -85.45 -11.38
N GLY I 100 -22.76 -85.31 -10.22
CA GLY I 100 -22.59 -84.11 -9.44
C GLY I 100 -21.16 -83.90 -8.96
N LYS I 101 -20.53 -84.95 -8.41
CA LYS I 101 -19.19 -84.80 -7.88
C LYS I 101 -18.18 -84.53 -9.00
N ALA I 102 -18.30 -85.25 -10.11
CA ALA I 102 -17.44 -84.98 -11.25
C ALA I 102 -17.61 -83.55 -11.71
N ARG I 103 -18.84 -83.07 -11.76
CA ARG I 103 -19.10 -81.70 -12.20
C ARG I 103 -18.48 -80.70 -11.25
N ASP I 104 -18.48 -81.01 -9.95
CA ASP I 104 -17.84 -80.12 -8.98
C ASP I 104 -16.34 -80.04 -9.19
N HIS I 105 -15.70 -81.16 -9.52
CA HIS I 105 -14.25 -81.13 -9.71
C HIS I 105 -13.84 -80.52 -11.06
N LEU I 106 -14.62 -80.80 -12.11
CA LEU I 106 -14.26 -80.29 -13.43
C LEU I 106 -14.27 -78.76 -13.46
N ALA I 107 -15.09 -78.14 -12.62
CA ALA I 107 -15.06 -76.67 -12.54
C ALA I 107 -13.72 -76.18 -12.03
N VAL I 108 -13.17 -76.86 -11.03
CA VAL I 108 -11.82 -76.55 -10.56
C VAL I 108 -10.83 -76.76 -11.69
N LEU I 109 -11.02 -77.80 -12.48
CA LEU I 109 -10.12 -78.04 -13.59
C LEU I 109 -10.16 -76.88 -14.60
N ASP I 110 -11.36 -76.33 -14.83
CA ASP I 110 -11.49 -75.24 -15.78
C ASP I 110 -10.91 -73.93 -15.25
N ARG I 111 -11.05 -73.69 -13.95
CA ARG I 111 -10.61 -72.43 -13.37
C ARG I 111 -9.11 -72.20 -13.56
N THR I 112 -8.35 -73.28 -13.68
CA THR I 112 -6.89 -73.19 -13.60
C THR I 112 -6.31 -72.14 -14.53
N GLU I 113 -5.57 -71.19 -13.95
CA GLU I 113 -4.84 -70.17 -14.69
C GLU I 113 -3.55 -69.88 -13.92
N PHE I 114 -2.53 -69.42 -14.65
CA PHE I 114 -1.22 -69.15 -14.06
C PHE I 114 -0.94 -67.65 -14.09
N ASP I 115 -0.75 -67.07 -12.91
CA ASP I 115 -0.53 -65.63 -12.75
C ASP I 115 0.95 -65.28 -12.93
N THR I 116 1.23 -63.99 -12.76
CA THR I 116 2.58 -63.47 -12.99
C THR I 116 3.60 -64.11 -12.04
N ASP I 117 3.26 -64.19 -10.76
CA ASP I 117 4.21 -64.72 -9.78
C ASP I 117 4.57 -66.17 -10.09
N VAL I 118 5.87 -66.47 -10.07
CA VAL I 118 6.31 -67.85 -10.14
C VAL I 118 6.23 -68.53 -8.79
N ARG I 119 5.91 -67.78 -7.74
CA ARG I 119 5.68 -68.38 -6.44
C ARG I 119 4.36 -69.15 -6.41
N HIS I 120 3.34 -68.65 -7.11
CA HIS I 120 2.03 -69.27 -7.07
C HIS I 120 1.98 -70.58 -7.85
N ASP I 121 2.85 -70.73 -8.86
CA ASP I 121 2.73 -71.86 -9.78
C ASP I 121 2.48 -73.18 -9.06
N ALA I 122 3.17 -73.42 -7.95
CA ALA I 122 3.06 -74.71 -7.29
C ALA I 122 1.68 -74.87 -6.64
N GLU I 123 1.25 -73.87 -5.87
CA GLU I 123 -0.06 -73.95 -5.24
C GLU I 123 -1.16 -74.13 -6.27
N ILE I 124 -1.15 -73.30 -7.31
CA ILE I 124 -2.13 -73.45 -8.39
C ILE I 124 -2.07 -74.85 -8.96
N VAL I 125 -0.88 -75.43 -9.04
CA VAL I 125 -0.75 -76.76 -9.62
C VAL I 125 -1.26 -77.83 -8.66
N GLU I 126 -1.09 -77.61 -7.35
CA GLU I 126 -1.45 -78.66 -6.41
C GLU I 126 -2.96 -78.87 -6.36
N ARG I 127 -3.73 -77.78 -6.34
CA ARG I 127 -5.19 -77.91 -6.30
C ARG I 127 -5.69 -78.70 -7.49
N ALA I 128 -5.38 -78.23 -8.70
CA ALA I 128 -5.89 -78.89 -9.90
C ALA I 128 -5.58 -80.38 -9.88
N LEU I 129 -4.34 -80.74 -9.55
CA LEU I 129 -3.97 -82.14 -9.53
C LEU I 129 -4.91 -82.94 -8.65
N VAL I 130 -5.17 -82.46 -7.44
CA VAL I 130 -6.07 -83.20 -6.56
C VAL I 130 -7.37 -83.49 -7.30
N SER I 131 -7.98 -82.45 -7.86
CA SER I 131 -9.23 -82.66 -8.58
C SER I 131 -9.08 -83.75 -9.61
N ALA I 132 -8.07 -83.64 -10.48
CA ALA I 132 -7.90 -84.61 -11.54
C ALA I 132 -7.81 -86.02 -10.96
N VAL I 133 -7.01 -86.21 -9.91
CA VAL I 133 -6.79 -87.55 -9.40
C VAL I 133 -8.12 -88.13 -8.92
N ILE I 134 -8.91 -87.32 -8.21
CA ILE I 134 -10.19 -87.81 -7.74
C ILE I 134 -11.01 -88.31 -8.92
N LEU I 135 -11.09 -87.51 -9.98
CA LEU I 135 -11.82 -87.94 -11.16
C LEU I 135 -11.35 -89.29 -11.63
N ALA I 136 -10.03 -89.46 -11.75
CA ALA I 136 -9.52 -90.73 -12.26
C ALA I 136 -9.99 -91.89 -11.40
N LYS I 137 -9.94 -91.72 -10.08
CA LYS I 137 -10.31 -92.82 -9.20
C LYS I 137 -11.80 -93.11 -9.26
N MET I 138 -12.61 -92.10 -9.54
CA MET I 138 -14.03 -92.36 -9.77
C MET I 138 -14.22 -93.24 -11.00
N SER I 139 -13.41 -93.00 -12.04
CA SER I 139 -13.52 -93.79 -13.25
C SER I 139 -13.21 -95.26 -12.99
N VAL I 140 -12.22 -95.52 -12.14
CA VAL I 140 -11.77 -96.88 -11.86
C VAL I 140 -12.50 -97.52 -10.68
N ARG I 141 -13.44 -96.80 -10.05
CA ARG I 141 -14.24 -97.35 -8.95
C ARG I 141 -13.37 -97.77 -7.76
N GLU I 142 -12.43 -96.90 -7.39
CA GLU I 142 -11.56 -97.13 -6.24
C GLU I 142 -11.92 -96.17 -5.11
N THR I 143 -11.87 -96.65 -3.87
CA THR I 143 -12.32 -95.87 -2.73
C THR I 143 -11.47 -94.61 -2.56
N LEU I 144 -12.13 -93.51 -2.23
CA LEU I 144 -11.46 -92.24 -2.04
C LEU I 144 -11.45 -91.82 -0.56
N VAL I 145 -10.49 -90.96 -0.23
CA VAL I 145 -10.32 -90.49 1.14
C VAL I 145 -11.59 -89.77 1.60
N THR I 146 -12.11 -90.17 2.76
CA THR I 146 -13.29 -89.53 3.33
C THR I 146 -13.07 -89.00 4.75
N ALA I 147 -11.87 -89.17 5.31
CA ALA I 147 -11.63 -88.76 6.68
C ALA I 147 -11.66 -87.25 6.82
N ILE I 148 -12.08 -86.78 7.99
CA ILE I 148 -12.07 -85.35 8.26
C ILE I 148 -10.64 -84.84 8.19
N GLY I 149 -10.47 -83.67 7.57
CA GLY I 149 -9.15 -83.07 7.48
C GLY I 149 -8.12 -83.92 6.79
N GLN I 150 -8.54 -84.72 5.81
CA GLN I 150 -7.64 -85.52 5.00
C GLN I 150 -7.91 -85.19 3.54
N THR I 151 -6.86 -85.34 2.72
CA THR I 151 -6.96 -85.00 1.31
C THR I 151 -6.38 -86.14 0.47
N GLU I 152 -6.88 -86.26 -0.74
CA GLU I 152 -6.42 -87.31 -1.64
C GLU I 152 -4.93 -87.13 -1.94
N PRO I 153 -4.10 -88.15 -1.77
CA PRO I 153 -2.71 -88.05 -2.19
C PRO I 153 -2.58 -88.13 -3.70
N ILE I 154 -1.78 -87.21 -4.25
CA ILE I 154 -1.51 -87.19 -5.69
C ILE I 154 -0.78 -88.46 -6.07
N ALA I 155 -1.26 -89.14 -7.10
CA ALA I 155 -0.68 -90.41 -7.48
C ALA I 155 -1.09 -90.75 -8.90
N PHE I 156 -0.32 -91.64 -9.52
CA PHE I 156 -0.70 -92.20 -10.80
C PHE I 156 -1.77 -93.27 -10.59
N VAL I 157 -2.48 -93.57 -11.67
CA VAL I 157 -3.52 -94.60 -11.67
C VAL I 157 -3.12 -95.66 -12.67
N HIS I 158 -3.05 -96.90 -12.21
CA HIS I 158 -2.88 -98.05 -13.09
C HIS I 158 -1.67 -97.87 -14.00
N LEU I 159 -0.55 -97.50 -13.39
CA LEU I 159 0.73 -97.42 -14.08
C LEU I 159 1.58 -98.64 -13.74
N LYS I 160 2.37 -99.09 -14.70
CA LYS I 160 3.28 -100.18 -14.44
C LYS I 160 4.39 -99.75 -13.49
N ASP I 161 4.90 -100.70 -12.71
CA ASP I 161 6.04 -100.42 -11.84
C ASP I 161 7.21 -99.87 -12.64
N THR I 162 7.40 -100.36 -13.86
CA THR I 162 8.50 -99.90 -14.70
C THR I 162 8.39 -98.40 -14.97
N GLU I 163 7.21 -97.95 -15.41
CA GLU I 163 7.06 -96.54 -15.74
C GLU I 163 7.18 -95.68 -14.49
N VAL I 164 6.66 -96.16 -13.36
CA VAL I 164 6.78 -95.41 -12.12
C VAL I 164 8.24 -95.24 -11.74
N GLN I 165 9.04 -96.31 -11.88
CA GLN I 165 10.47 -96.20 -11.58
C GLN I 165 11.17 -95.23 -12.52
N ARG I 166 10.86 -95.31 -13.82
CA ARG I 166 11.50 -94.41 -14.78
C ARG I 166 11.15 -92.96 -14.47
N ILE I 167 9.90 -92.70 -14.06
CA ILE I 167 9.48 -91.34 -13.77
C ILE I 167 10.11 -90.85 -12.48
N GLU I 168 10.16 -91.70 -11.46
CA GLU I 168 10.83 -91.32 -10.22
C GLU I 168 12.29 -90.99 -10.47
N GLU I 169 12.93 -91.72 -11.39
CA GLU I 169 14.31 -91.42 -11.75
C GLU I 169 14.44 -90.01 -12.31
N ASN I 170 13.63 -89.67 -13.29
CA ASN I 170 13.72 -88.35 -13.92
C ASN I 170 13.42 -87.25 -12.91
N LEU I 171 12.44 -87.49 -12.03
CA LEU I 171 12.11 -86.48 -11.02
C LEU I 171 13.26 -86.30 -10.03
N GLU I 172 13.85 -87.40 -9.58
CA GLU I 172 15.00 -87.31 -8.68
C GLU I 172 16.14 -86.55 -9.34
N GLY I 173 16.32 -86.73 -10.64
CA GLY I 173 17.34 -85.96 -11.33
C GLY I 173 17.00 -84.48 -11.36
N VAL I 174 15.77 -84.14 -11.77
CA VAL I 174 15.39 -82.74 -11.90
C VAL I 174 15.46 -82.02 -10.57
N ARG I 175 15.33 -82.77 -9.48
CA ARG I 175 15.50 -82.16 -8.15
C ARG I 175 16.92 -81.69 -7.93
N ARG I 176 17.91 -82.35 -8.55
CA ARG I 176 19.30 -81.96 -8.36
C ARG I 176 19.67 -80.74 -9.21
N ASN I 177 19.62 -80.89 -10.53
CA ASN I 177 19.66 -79.73 -11.41
C ASN I 177 18.25 -79.30 -11.79
N MET I 178 17.97 -78.01 -11.69
CA MET I 178 16.64 -77.48 -11.97
C MET I 178 16.56 -76.77 -13.32
N PHE I 179 17.50 -75.86 -13.58
CA PHE I 179 17.52 -75.06 -14.80
C PHE I 179 17.31 -75.87 -16.07
N CYS I 180 17.88 -77.07 -16.12
CA CYS I 180 17.64 -77.95 -17.26
C CYS I 180 16.26 -78.60 -17.11
N VAL I 181 15.41 -78.42 -18.13
CA VAL I 181 14.06 -78.96 -18.12
C VAL I 181 13.87 -79.77 -19.39
N LYS I 182 13.41 -81.01 -19.24
CA LYS I 182 13.16 -81.89 -20.38
C LYS I 182 12.06 -82.87 -20.00
N PRO I 183 10.80 -82.53 -20.27
CA PRO I 183 9.67 -83.36 -19.84
C PRO I 183 9.26 -84.38 -20.91
N LEU I 184 10.22 -85.22 -21.30
CA LEU I 184 10.05 -86.05 -22.49
C LEU I 184 9.17 -87.27 -22.22
N ASP I 185 9.29 -87.85 -21.03
CA ASP I 185 8.83 -89.22 -20.79
C ASP I 185 7.35 -89.41 -21.17
N LEU I 186 7.08 -90.48 -21.91
CA LEU I 186 5.72 -90.95 -22.13
C LEU I 186 5.75 -92.41 -22.57
N ASN I 187 4.96 -93.25 -21.89
CA ASN I 187 4.87 -94.66 -22.29
C ASN I 187 3.44 -95.21 -22.21
N LEU I 188 2.43 -94.34 -22.22
CA LEU I 188 1.06 -94.78 -21.97
C LEU I 188 0.61 -95.80 -23.01
N ASP I 189 -0.09 -96.83 -22.55
CA ASP I 189 -0.74 -97.81 -23.42
C ASP I 189 -2.21 -97.39 -23.55
N ARG I 190 -2.60 -96.94 -24.73
CA ARG I 190 -3.98 -96.54 -24.94
C ARG I 190 -4.93 -97.68 -24.65
N HIS I 191 -4.55 -98.90 -25.01
CA HIS I 191 -5.44 -100.05 -24.81
C HIS I 191 -5.65 -100.34 -23.33
N ALA I 192 -4.59 -100.24 -22.53
CA ALA I 192 -4.70 -100.66 -21.13
C ALA I 192 -5.65 -99.77 -20.34
N ASN I 193 -5.69 -98.47 -20.63
CA ASN I 193 -6.46 -97.53 -19.81
C ASN I 193 -7.36 -96.66 -20.67
N THR I 194 -8.43 -96.19 -20.04
CA THR I 194 -9.30 -95.22 -20.69
C THR I 194 -8.55 -93.92 -20.93
N ALA I 195 -8.97 -93.17 -21.95
CA ALA I 195 -8.32 -91.90 -22.24
C ALA I 195 -8.38 -90.94 -21.06
N LEU I 196 -9.39 -91.08 -20.19
CA LEU I 196 -9.45 -90.25 -18.99
C LEU I 196 -8.24 -90.50 -18.10
N VAL I 197 -7.94 -91.78 -17.85
CA VAL I 197 -6.80 -92.12 -17.01
C VAL I 197 -5.51 -91.69 -17.66
N ASN I 198 -5.37 -91.90 -18.97
CA ASN I 198 -4.15 -91.50 -19.66
C ASN I 198 -3.90 -90.00 -19.54
N ALA I 199 -4.94 -89.20 -19.78
CA ALA I 199 -4.80 -87.76 -19.68
C ALA I 199 -4.46 -87.33 -18.25
N VAL I 200 -5.09 -87.97 -17.26
CA VAL I 200 -4.79 -87.63 -15.87
C VAL I 200 -3.36 -87.98 -15.53
N ASN I 201 -2.85 -89.11 -16.02
CA ASN I 201 -1.46 -89.47 -15.75
C ASN I 201 -0.49 -88.47 -16.37
N LYS I 202 -0.74 -88.06 -17.60
CA LYS I 202 0.13 -87.06 -18.22
C LYS I 202 0.11 -85.75 -17.42
N LEU I 203 -1.08 -85.31 -17.00
CA LEU I 203 -1.15 -84.09 -16.22
C LEU I 203 -0.43 -84.24 -14.89
N VAL I 204 -0.54 -85.41 -14.27
CA VAL I 204 0.13 -85.62 -12.99
C VAL I 204 1.63 -85.56 -13.16
N TYR I 205 2.15 -86.12 -14.26
CA TYR I 205 3.60 -86.04 -14.48
C TYR I 205 4.05 -84.60 -14.63
N THR I 206 3.38 -83.82 -15.49
CA THR I 206 3.83 -82.45 -15.67
C THR I 206 3.71 -81.64 -14.38
N GLY I 207 2.65 -81.88 -13.60
CA GLY I 207 2.52 -81.19 -12.33
C GLY I 207 3.61 -81.55 -11.35
N ARG I 208 3.94 -82.84 -11.26
CA ARG I 208 5.04 -83.27 -10.41
C ARG I 208 6.33 -82.57 -10.83
N LEU I 209 6.54 -82.42 -12.13
CA LEU I 209 7.73 -81.74 -12.62
C LEU I 209 7.78 -80.29 -12.17
N ILE I 210 6.68 -79.56 -12.38
CA ILE I 210 6.60 -78.16 -11.95
C ILE I 210 6.87 -78.05 -10.46
N MET I 211 6.19 -78.87 -9.66
CA MET I 211 6.34 -78.77 -8.22
C MET I 211 7.76 -79.07 -7.78
N ASN I 212 8.37 -80.12 -8.35
CA ASN I 212 9.73 -80.47 -7.95
C ASN I 212 10.70 -79.35 -8.26
N VAL I 213 10.63 -78.79 -9.48
CA VAL I 213 11.55 -77.72 -9.84
C VAL I 213 11.38 -76.53 -8.90
N ARG I 214 10.14 -76.09 -8.71
CA ARG I 214 9.90 -74.90 -7.90
C ARG I 214 10.34 -75.10 -6.45
N ARG I 215 9.98 -76.25 -5.86
CA ARG I 215 10.33 -76.51 -4.48
C ARG I 215 11.84 -76.58 -4.29
N SER I 216 12.54 -77.27 -5.20
CA SER I 216 13.99 -77.38 -5.08
C SER I 216 14.66 -76.01 -5.16
N TRP I 217 14.21 -75.17 -6.10
CA TRP I 217 14.74 -73.82 -6.13
C TRP I 217 14.54 -73.11 -4.80
N GLU I 218 13.31 -73.14 -4.29
CA GLU I 218 13.02 -72.43 -3.05
C GLU I 218 13.93 -72.90 -1.93
N GLU I 219 14.18 -74.21 -1.87
CA GLU I 219 15.06 -74.75 -0.83
C GLU I 219 16.45 -74.16 -0.95
N LEU I 220 16.99 -74.12 -2.16
CA LEU I 220 18.34 -73.56 -2.33
C LEU I 220 18.39 -72.08 -1.92
N GLU I 221 17.38 -71.30 -2.31
CA GLU I 221 17.38 -69.88 -1.95
C GLU I 221 17.31 -69.69 -0.44
N ARG I 222 16.48 -70.49 0.23
CA ARG I 222 16.41 -70.40 1.69
C ARG I 222 17.75 -70.69 2.33
N LYS I 223 18.43 -71.74 1.85
CA LYS I 223 19.72 -72.11 2.39
C LYS I 223 20.76 -70.99 2.18
N CYS I 224 20.75 -70.38 0.99
CA CYS I 224 21.65 -69.26 0.72
C CYS I 224 21.41 -68.13 1.71
N LEU I 225 20.15 -67.74 1.90
CA LEU I 225 19.87 -66.62 2.80
C LEU I 225 20.29 -66.93 4.23
N ALA I 226 20.05 -68.15 4.70
CA ALA I 226 20.47 -68.49 6.04
C ALA I 226 21.99 -68.40 6.18
N ARG I 227 22.73 -68.91 5.18
CA ARG I 227 24.19 -68.88 5.28
C ARG I 227 24.71 -67.45 5.27
N ILE I 228 24.12 -66.59 4.44
CA ILE I 228 24.55 -65.20 4.40
C ILE I 228 24.35 -64.53 5.75
N GLN I 229 23.19 -64.74 6.37
CA GLN I 229 22.94 -64.11 7.66
C GLN I 229 23.91 -64.62 8.72
N GLU I 230 24.17 -65.94 8.71
CA GLU I 230 25.11 -66.48 9.69
C GLU I 230 26.49 -65.87 9.54
N ARG I 231 26.96 -65.70 8.30
CA ARG I 231 28.27 -65.08 8.13
C ARG I 231 28.26 -63.63 8.61
N CYS I 232 27.20 -62.88 8.28
CA CYS I 232 27.16 -61.47 8.66
C CYS I 232 27.26 -61.31 10.17
N LYS I 233 26.55 -62.16 10.93
CA LYS I 233 26.59 -62.04 12.39
C LYS I 233 28.01 -62.21 12.94
N LEU I 234 28.67 -63.31 12.58
CA LEU I 234 29.98 -63.60 13.14
C LEU I 234 31.00 -62.55 12.70
N LEU I 235 30.95 -62.14 11.44
CA LEU I 235 31.88 -61.12 10.98
C LEU I 235 31.67 -59.82 11.73
N VAL I 236 30.41 -59.48 12.02
CA VAL I 236 30.16 -58.25 12.75
C VAL I 236 30.76 -58.32 14.14
N LYS I 237 30.62 -59.47 14.83
CA LYS I 237 31.26 -59.57 16.13
C LYS I 237 32.78 -59.38 16.01
N GLU I 238 33.40 -60.10 15.08
CA GLU I 238 34.84 -60.01 14.93
C GLU I 238 35.31 -58.59 14.69
N LEU I 239 34.60 -57.86 13.82
CA LEU I 239 34.96 -56.47 13.56
C LEU I 239 34.67 -55.59 14.77
N ARG I 240 33.59 -55.88 15.49
CA ARG I 240 33.24 -55.08 16.66
C ARG I 240 34.34 -55.13 17.70
N MET I 241 35.18 -56.17 17.67
CA MET I 241 36.33 -56.18 18.58
C MET I 241 37.14 -54.89 18.50
N CYS I 242 37.32 -54.34 17.29
CA CYS I 242 38.17 -53.17 17.08
C CYS I 242 37.34 -51.95 16.66
N LEU I 243 37.68 -50.78 17.23
CA LEU I 243 36.91 -49.56 17.02
C LEU I 243 37.56 -48.57 16.05
N SER I 244 38.39 -49.02 15.12
CA SER I 244 38.95 -48.12 14.13
C SER I 244 37.87 -47.57 13.20
N PHE I 245 38.23 -46.56 12.41
CA PHE I 245 37.29 -45.99 11.45
C PHE I 245 36.95 -46.98 10.35
N ASP I 246 37.96 -47.65 9.79
CA ASP I 246 37.69 -48.61 8.72
C ASP I 246 36.97 -49.85 9.25
N SER I 247 37.31 -50.27 10.47
CA SER I 247 36.58 -51.36 11.09
C SER I 247 35.13 -50.98 11.38
N ASN I 248 34.92 -49.78 11.94
CA ASN I 248 33.56 -49.28 12.11
C ASN I 248 32.82 -49.26 10.77
N TYR I 249 33.47 -48.81 9.72
CA TYR I 249 32.84 -48.73 8.40
C TYR I 249 32.40 -50.10 7.90
N CYS I 250 33.30 -51.08 7.95
CA CYS I 250 32.92 -52.42 7.52
C CYS I 250 31.75 -52.93 8.34
N ARG I 251 31.83 -52.77 9.66
CA ARG I 251 30.75 -53.23 10.52
C ARG I 251 29.43 -52.59 10.13
N ASN I 252 29.45 -51.30 9.82
CA ASN I 252 28.22 -50.62 9.42
C ASN I 252 27.67 -51.19 8.12
N ILE I 253 28.56 -51.56 7.19
CA ILE I 253 28.09 -52.18 5.96
C ILE I 253 27.41 -53.51 6.26
N LEU I 254 28.02 -54.33 7.11
CA LEU I 254 27.44 -55.64 7.43
C LEU I 254 26.11 -55.52 8.13
N LYS I 255 25.83 -54.36 8.74
CA LYS I 255 24.63 -54.19 9.55
C LYS I 255 23.35 -54.36 8.75
N HIS I 256 23.39 -54.16 7.44
CA HIS I 256 22.20 -54.26 6.62
C HIS I 256 21.56 -55.64 6.72
N ALA I 257 20.25 -55.66 6.96
CA ALA I 257 19.49 -56.90 6.98
C ALA I 257 19.36 -57.47 5.56
N VAL I 258 19.83 -58.72 5.37
CA VAL I 258 19.92 -59.28 4.03
C VAL I 258 18.71 -60.08 3.59
N GLU I 259 17.86 -60.52 4.52
CA GLU I 259 16.82 -61.47 4.14
C GLU I 259 15.92 -60.87 3.08
N ASN I 260 16.27 -61.13 1.83
CA ASN I 260 15.54 -60.70 0.64
C ASN I 260 16.37 -61.07 -0.57
N GLY I 261 15.78 -60.97 -1.77
CA GLY I 261 16.57 -61.07 -2.98
C GLY I 261 17.30 -59.79 -3.32
N ASP I 262 16.60 -58.65 -3.25
CA ASP I 262 17.24 -57.37 -3.58
C ASP I 262 18.24 -56.97 -2.50
N SER I 263 17.92 -57.26 -1.24
CA SER I 263 18.77 -56.83 -0.14
C SER I 263 20.17 -57.40 -0.26
N ALA I 264 20.27 -58.65 -0.68
CA ALA I 264 21.58 -59.26 -0.85
C ALA I 264 22.36 -58.61 -1.98
N ASP I 265 21.68 -58.31 -3.09
CA ASP I 265 22.32 -57.57 -4.16
C ASP I 265 22.86 -56.24 -3.66
N THR I 266 22.06 -55.53 -2.86
CA THR I 266 22.49 -54.24 -2.34
C THR I 266 23.71 -54.39 -1.44
N LEU I 267 23.71 -55.40 -0.56
CA LEU I 267 24.86 -55.63 0.29
C LEU I 267 26.10 -55.93 -0.53
N LEU I 268 26.00 -56.82 -1.52
CA LEU I 268 27.15 -57.17 -2.32
C LEU I 268 27.70 -55.96 -3.06
N GLU I 269 26.81 -55.13 -3.62
CA GLU I 269 27.26 -53.99 -4.39
C GLU I 269 27.91 -52.93 -3.50
N LEU I 270 27.31 -52.65 -2.34
CA LEU I 270 27.90 -51.72 -1.39
C LEU I 270 29.24 -52.23 -0.88
N LEU I 271 29.36 -53.54 -0.71
CA LEU I 271 30.61 -54.13 -0.26
C LEU I 271 31.69 -53.99 -1.32
N ILE I 272 31.35 -54.29 -2.57
CA ILE I 272 32.32 -54.21 -3.65
C ILE I 272 32.76 -52.77 -3.88
N GLU I 273 31.83 -51.83 -3.81
CA GLU I 273 32.15 -50.45 -4.17
C GLU I 273 33.08 -49.81 -3.15
N ASP I 274 32.78 -49.96 -1.87
CA ASP I 274 33.55 -49.33 -0.80
C ASP I 274 34.70 -50.20 -0.31
N PHE I 275 35.16 -51.14 -1.13
CA PHE I 275 36.19 -52.08 -0.67
C PHE I 275 37.46 -51.36 -0.23
N ASP I 276 37.97 -50.46 -1.07
CA ASP I 276 39.26 -49.83 -0.81
C ASP I 276 39.28 -49.07 0.52
N ILE I 277 38.12 -48.76 1.08
CA ILE I 277 38.09 -47.94 2.29
C ILE I 277 38.23 -48.79 3.56
N TYR I 278 37.64 -49.97 3.59
CA TYR I 278 37.71 -50.84 4.77
C TYR I 278 38.65 -52.02 4.58
N VAL I 279 39.31 -52.15 3.44
CA VAL I 279 40.10 -53.35 3.19
C VAL I 279 41.23 -53.49 4.19
N ASP I 280 41.80 -52.38 4.66
CA ASP I 280 43.01 -52.43 5.48
C ASP I 280 42.77 -53.07 6.84
N SER I 281 41.50 -53.18 7.28
CA SER I 281 41.22 -53.81 8.55
C SER I 281 41.51 -55.31 8.54
N PHE I 282 41.52 -55.94 7.36
CA PHE I 282 41.70 -57.38 7.27
C PHE I 282 43.16 -57.72 7.07
N PRO I 283 43.80 -58.45 7.98
CA PRO I 283 45.20 -58.84 7.76
C PRO I 283 45.29 -59.97 6.76
N GLN I 284 46.28 -59.88 5.87
CA GLN I 284 46.48 -60.88 4.85
C GLN I 284 47.94 -61.32 4.83
N SER I 285 48.18 -62.52 4.33
CA SER I 285 49.52 -63.07 4.26
C SER I 285 50.11 -63.26 5.65
#